data_2L7T
# 
_entry.id   2L7T 
# 
_audit_conform.dict_name       mmcif_pdbx.dic 
_audit_conform.dict_version    5.392 
_audit_conform.dict_location   http://mmcif.pdb.org/dictionaries/ascii/mmcif_pdbx.dic 
# 
loop_
_database_2.database_id 
_database_2.database_code 
_database_2.pdbx_database_accession 
_database_2.pdbx_DOI 
PDB   2L7T         pdb_00002l7t 10.2210/pdb2l7t/pdb 
RCSB  RCSB102064   ?            ?                   
BMRB  17377        ?            10.13018/BMR17377   
WWPDB D_1000102064 ?            ?                   
# 
loop_
_pdbx_audit_revision_history.ordinal 
_pdbx_audit_revision_history.data_content_type 
_pdbx_audit_revision_history.major_revision 
_pdbx_audit_revision_history.minor_revision 
_pdbx_audit_revision_history.revision_date 
1 'Structure model' 1 0 2011-03-02 
2 'Structure model' 1 1 2011-07-13 
3 'Structure model' 1 2 2023-06-14 
4 'Structure model' 1 3 2024-05-15 
# 
_pdbx_audit_revision_details.ordinal             1 
_pdbx_audit_revision_details.revision_ordinal    1 
_pdbx_audit_revision_details.data_content_type   'Structure model' 
_pdbx_audit_revision_details.provider            repository 
_pdbx_audit_revision_details.type                'Initial release' 
_pdbx_audit_revision_details.description         ? 
_pdbx_audit_revision_details.details             ? 
# 
loop_
_pdbx_audit_revision_group.ordinal 
_pdbx_audit_revision_group.revision_ordinal 
_pdbx_audit_revision_group.data_content_type 
_pdbx_audit_revision_group.group 
1 2 'Structure model' 'Version format compliance' 
2 3 'Structure model' 'Database references'       
3 3 'Structure model' Other                       
4 4 'Structure model' 'Data collection'           
5 4 'Structure model' 'Database references'       
# 
loop_
_pdbx_audit_revision_category.ordinal 
_pdbx_audit_revision_category.revision_ordinal 
_pdbx_audit_revision_category.data_content_type 
_pdbx_audit_revision_category.category 
1 3 'Structure model' database_2           
2 3 'Structure model' pdbx_database_status 
3 4 'Structure model' chem_comp_atom       
4 4 'Structure model' chem_comp_bond       
5 4 'Structure model' database_2           
# 
loop_
_pdbx_audit_revision_item.ordinal 
_pdbx_audit_revision_item.revision_ordinal 
_pdbx_audit_revision_item.data_content_type 
_pdbx_audit_revision_item.item 
1 3 'Structure model' '_database_2.pdbx_DOI'                       
2 3 'Structure model' '_database_2.pdbx_database_accession'        
3 3 'Structure model' '_pdbx_database_status.status_code_nmr_data' 
4 4 'Structure model' '_database_2.pdbx_DOI'                       
# 
_pdbx_database_status.deposit_site                    BMRB 
_pdbx_database_status.entry_id                        2L7T 
_pdbx_database_status.process_site                    PDBJ 
_pdbx_database_status.recvd_initial_deposition_date   2010-12-22 
_pdbx_database_status.SG_entry                        ? 
_pdbx_database_status.status_code                     REL 
_pdbx_database_status.status_code_mr                  REL 
_pdbx_database_status.status_code_sf                  ? 
_pdbx_database_status.status_code_cs                  REL 
_pdbx_database_status.pdb_format_compatible           Y 
_pdbx_database_status.status_code_nmr_data            REL 
_pdbx_database_status.methods_development_category    ? 
# 
loop_
_pdbx_database_related.content_type 
_pdbx_database_related.db_id 
_pdbx_database_related.db_name 
_pdbx_database_related.details 
unspecified 3PVL  PDB  'MyTH4-FERM-SH3/CEN1 complex' 
unspecified 17377 BMRB .                             
# 
loop_
_audit_author.name 
_audit_author.pdbx_ordinal 
'Pan, L.'   1 
'Wu, L.'    2 
'Wei, Z.'   3 
'Zhang, M.' 4 
# 
_citation.id                        primary 
_citation.title                     'Structure of MyTH4-FERM domains in myosin VIIa tail bound to cargo.' 
_citation.journal_abbrev            Science 
_citation.journal_volume            331 
_citation.page_first                757 
_citation.page_last                 760 
_citation.year                      2011 
_citation.journal_id_ASTM           SCIEAS 
_citation.country                   US 
_citation.journal_id_ISSN           0036-8075 
_citation.journal_id_CSD            0038 
_citation.book_publisher            ? 
_citation.pdbx_database_id_PubMed   21311020 
_citation.pdbx_database_id_DOI      10.1126/science.1198848 
# 
loop_
_citation_author.citation_id 
_citation_author.name 
_citation_author.ordinal 
_citation_author.identifier_ORCID 
primary 'Wu, L.'    1 ? 
primary 'Pan, L.'   2 ? 
primary 'Wei, Z.'   3 ? 
primary 'Zhang, M.' 4 ? 
# 
_entity.id                         1 
_entity.type                       polymer 
_entity.src_method                 syn 
_entity.pdbx_description           'MFS-bound Sans CEN2 peptide' 
_entity.formula_weight             1315.382 
_entity.pdbx_number_of_molecules   1 
_entity.pdbx_ec                    ? 
_entity.pdbx_mutation              ? 
_entity.pdbx_fragment              ? 
_entity.details                    ? 
# 
_entity_name_com.entity_id   1 
_entity_name_com.name        '11-mer peptide from Usher syndrome type-1G protein, Sans' 
# 
_entity_poly.entity_id                      1 
_entity_poly.type                           'polypeptide(L)' 
_entity_poly.nstd_linkage                   no 
_entity_poly.nstd_monomer                   no 
_entity_poly.pdbx_seq_one_letter_code       EELPWDELDLG 
_entity_poly.pdbx_seq_one_letter_code_can   EELPWDELDLG 
_entity_poly.pdbx_strand_id                 A 
_entity_poly.pdbx_target_identifier         ? 
# 
loop_
_entity_poly_seq.entity_id 
_entity_poly_seq.num 
_entity_poly_seq.mon_id 
_entity_poly_seq.hetero 
1 1  GLU n 
1 2  GLU n 
1 3  LEU n 
1 4  PRO n 
1 5  TRP n 
1 6  ASP n 
1 7  GLU n 
1 8  LEU n 
1 9  ASP n 
1 10 LEU n 
1 11 GLY n 
# 
_pdbx_entity_src_syn.entity_id              1 
_pdbx_entity_src_syn.pdbx_src_id            1 
_pdbx_entity_src_syn.pdbx_alt_source_flag   sample 
_pdbx_entity_src_syn.pdbx_beg_seq_num       ? 
_pdbx_entity_src_syn.pdbx_end_seq_num       ? 
_pdbx_entity_src_syn.organism_scientific    'Homo sapiens' 
_pdbx_entity_src_syn.organism_common_name   human 
_pdbx_entity_src_syn.ncbi_taxonomy_id       9606 
_pdbx_entity_src_syn.details                'The peptide was chemically synthesized.' 
# 
loop_
_chem_comp.id 
_chem_comp.type 
_chem_comp.mon_nstd_flag 
_chem_comp.name 
_chem_comp.pdbx_synonyms 
_chem_comp.formula 
_chem_comp.formula_weight 
ASP 'L-peptide linking' y 'ASPARTIC ACID' ? 'C4 H7 N O4'    133.103 
GLU 'L-peptide linking' y 'GLUTAMIC ACID' ? 'C5 H9 N O4'    147.129 
GLY 'peptide linking'   y GLYCINE         ? 'C2 H5 N O2'    75.067  
LEU 'L-peptide linking' y LEUCINE         ? 'C6 H13 N O2'   131.173 
PRO 'L-peptide linking' y PROLINE         ? 'C5 H9 N O2'    115.130 
TRP 'L-peptide linking' y TRYPTOPHAN      ? 'C11 H12 N2 O2' 204.225 
# 
loop_
_pdbx_poly_seq_scheme.asym_id 
_pdbx_poly_seq_scheme.entity_id 
_pdbx_poly_seq_scheme.seq_id 
_pdbx_poly_seq_scheme.mon_id 
_pdbx_poly_seq_scheme.ndb_seq_num 
_pdbx_poly_seq_scheme.pdb_seq_num 
_pdbx_poly_seq_scheme.auth_seq_num 
_pdbx_poly_seq_scheme.pdb_mon_id 
_pdbx_poly_seq_scheme.auth_mon_id 
_pdbx_poly_seq_scheme.pdb_strand_id 
_pdbx_poly_seq_scheme.pdb_ins_code 
_pdbx_poly_seq_scheme.hetero 
A 1 1  GLU 1  1  1  GLU GLU A . n 
A 1 2  GLU 2  2  2  GLU GLU A . n 
A 1 3  LEU 3  3  3  LEU LEU A . n 
A 1 4  PRO 4  4  4  PRO PRO A . n 
A 1 5  TRP 5  5  5  TRP TRP A . n 
A 1 6  ASP 6  6  6  ASP ASP A . n 
A 1 7  GLU 7  7  7  GLU GLU A . n 
A 1 8  LEU 8  8  8  LEU LEU A . n 
A 1 9  ASP 9  9  9  ASP ASP A . n 
A 1 10 LEU 10 10 10 LEU LEU A . n 
A 1 11 GLY 11 11 11 GLY GLY A . n 
# 
_exptl.absorpt_coefficient_mu     ? 
_exptl.absorpt_correction_T_max   ? 
_exptl.absorpt_correction_T_min   ? 
_exptl.absorpt_correction_type    ? 
_exptl.absorpt_process_details    ? 
_exptl.crystals_number            ? 
_exptl.details                    ? 
_exptl.entry_id                   2L7T 
_exptl.method                     'SOLUTION NMR' 
_exptl.method_details             ? 
# 
_struct.entry_id                  2L7T 
_struct.title                     'Solution structure of the MFS-bound Sans CEN2 peptide' 
_struct.pdbx_model_details        ? 
_struct.pdbx_CASP_flag            ? 
_struct.pdbx_model_type_details   ? 
# 
_struct_keywords.entry_id        2L7T 
_struct_keywords.pdbx_keywords   'UNKNOWN FUNCTION' 
_struct_keywords.text            'PROTEIN Peptide, UNKNOWN FUNCTION' 
# 
_struct_asym.id                            A 
_struct_asym.pdbx_blank_PDB_chainid_flag   N 
_struct_asym.pdbx_modified                 N 
_struct_asym.entity_id                     1 
_struct_asym.details                       ? 
# 
_struct_ref.id                         1 
_struct_ref.db_name                    UNP 
_struct_ref.db_code                    USH1G_HUMAN 
_struct_ref.pdbx_db_accession          Q495M9 
_struct_ref.entity_id                  1 
_struct_ref.pdbx_seq_one_letter_code   EELPWDELDLG 
_struct_ref.pdbx_align_begin           370 
_struct_ref.pdbx_db_isoform            ? 
# 
_struct_ref_seq.align_id                      1 
_struct_ref_seq.ref_id                        1 
_struct_ref_seq.pdbx_PDB_id_code              2L7T 
_struct_ref_seq.pdbx_strand_id                A 
_struct_ref_seq.seq_align_beg                 1 
_struct_ref_seq.pdbx_seq_align_beg_ins_code   ? 
_struct_ref_seq.seq_align_end                 11 
_struct_ref_seq.pdbx_seq_align_end_ins_code   ? 
_struct_ref_seq.pdbx_db_accession             Q495M9 
_struct_ref_seq.db_align_beg                  370 
_struct_ref_seq.pdbx_db_align_beg_ins_code    ? 
_struct_ref_seq.db_align_end                  380 
_struct_ref_seq.pdbx_db_align_end_ins_code    ? 
_struct_ref_seq.pdbx_auth_seq_align_beg       1 
_struct_ref_seq.pdbx_auth_seq_align_end       11 
# 
_pdbx_struct_assembly.id                   1 
_pdbx_struct_assembly.details              author_defined_assembly 
_pdbx_struct_assembly.method_details       ? 
_pdbx_struct_assembly.oligomeric_details   monomeric 
_pdbx_struct_assembly.oligomeric_count     1 
# 
_pdbx_struct_assembly_gen.assembly_id       1 
_pdbx_struct_assembly_gen.oper_expression   1 
_pdbx_struct_assembly_gen.asym_id_list      A 
# 
_pdbx_struct_oper_list.id                   1 
_pdbx_struct_oper_list.type                 'identity operation' 
_pdbx_struct_oper_list.name                 1_555 
_pdbx_struct_oper_list.symmetry_operation   x,y,z 
_pdbx_struct_oper_list.matrix[1][1]         1.0000000000 
_pdbx_struct_oper_list.matrix[1][2]         0.0000000000 
_pdbx_struct_oper_list.matrix[1][3]         0.0000000000 
_pdbx_struct_oper_list.vector[1]            0.0000000000 
_pdbx_struct_oper_list.matrix[2][1]         0.0000000000 
_pdbx_struct_oper_list.matrix[2][2]         1.0000000000 
_pdbx_struct_oper_list.matrix[2][3]         0.0000000000 
_pdbx_struct_oper_list.vector[2]            0.0000000000 
_pdbx_struct_oper_list.matrix[3][1]         0.0000000000 
_pdbx_struct_oper_list.matrix[3][2]         0.0000000000 
_pdbx_struct_oper_list.matrix[3][3]         1.0000000000 
_pdbx_struct_oper_list.vector[3]            0.0000000000 
# 
_struct_biol.id        1 
_struct_biol.details   ? 
# 
loop_
_pdbx_validate_torsion.id 
_pdbx_validate_torsion.PDB_model_num 
_pdbx_validate_torsion.auth_comp_id 
_pdbx_validate_torsion.auth_asym_id 
_pdbx_validate_torsion.auth_seq_id 
_pdbx_validate_torsion.PDB_ins_code 
_pdbx_validate_torsion.label_alt_id 
_pdbx_validate_torsion.phi 
_pdbx_validate_torsion.psi 
1  1  ASP A 9  ? ? -155.37 89.02  
2  2  GLU A 7  ? ? -148.34 34.17  
3  2  ASP A 9  ? ? -151.75 37.91  
4  2  LEU A 10 ? ? -105.35 47.09  
5  3  GLU A 7  ? ? 53.81   85.82  
6  5  ASP A 9  ? ? -155.13 86.47  
7  5  LEU A 10 ? ? -99.43  38.12  
8  6  GLU A 2  ? ? -162.43 43.44  
9  6  GLU A 7  ? ? 60.28   75.68  
10 7  LEU A 10 ? ? -113.33 68.03  
11 9  GLU A 2  ? ? -178.13 84.77  
12 9  GLU A 7  ? ? 177.94  39.45  
13 9  ASP A 9  ? ? -96.81  32.09  
14 10 ASP A 6  ? ? -123.19 -51.20 
15 10 ASP A 9  ? ? -149.07 31.38  
# 
_pdbx_nmr_ensemble.average_constraint_violations_per_residue     ? 
_pdbx_nmr_ensemble.average_constraints_per_residue               ? 
_pdbx_nmr_ensemble.average_distance_constraint_violation         ? 
_pdbx_nmr_ensemble.average_torsion_angle_constraint_violation    ? 
_pdbx_nmr_ensemble.conformer_selection_criteria                  'structures with the lowest energy' 
_pdbx_nmr_ensemble.conformers_calculated_total_number            200 
_pdbx_nmr_ensemble.conformers_submitted_total_number             10 
_pdbx_nmr_ensemble.distance_constraint_violation_method          ? 
_pdbx_nmr_ensemble.entry_id                                      2L7T 
_pdbx_nmr_ensemble.maximum_distance_constraint_violation         ? 
_pdbx_nmr_ensemble.maximum_lower_distance_constraint_violation   ? 
_pdbx_nmr_ensemble.maximum_torsion_angle_constraint_violation    ? 
_pdbx_nmr_ensemble.maximum_upper_distance_constraint_violation   ? 
_pdbx_nmr_ensemble.representative_conformer                      10 
_pdbx_nmr_ensemble.torsion_angle_constraint_violation_method     ? 
# 
_pdbx_nmr_representative.conformer_id         1 
_pdbx_nmr_representative.entry_id             2L7T 
_pdbx_nmr_representative.selection_criteria   'lowest energy' 
# 
_pdbx_nmr_sample_details.contents         
'50 mM sodium chloride-1, 1 mM DTT-2, 1 mM EDTA-3, 50 mM potassium phosphate-4, 90% H2O/10% D2O' 
_pdbx_nmr_sample_details.solution_id      1 
_pdbx_nmr_sample_details.solvent_system   '90% H2O/10% D2O' 
# 
loop_
_pdbx_nmr_exptl_sample.component 
_pdbx_nmr_exptl_sample.concentration 
_pdbx_nmr_exptl_sample.concentration_range 
_pdbx_nmr_exptl_sample.concentration_units 
_pdbx_nmr_exptl_sample.isotopic_labeling 
_pdbx_nmr_exptl_sample.solution_id 
'sodium chloride-1'     50 ? mM ? 1 
DTT-2                   1  ? mM ? 1 
EDTA-3                  1  ? mM ? 1 
'potassium phosphate-4' 50 ? mM ? 1 
# 
_pdbx_nmr_exptl_sample_conditions.conditions_id       1 
_pdbx_nmr_exptl_sample_conditions.ionic_strength      0.1 
_pdbx_nmr_exptl_sample_conditions.pH                  6.5 
_pdbx_nmr_exptl_sample_conditions.pressure            ambient 
_pdbx_nmr_exptl_sample_conditions.pressure_units      ? 
_pdbx_nmr_exptl_sample_conditions.temperature         298 
_pdbx_nmr_exptl_sample_conditions.temperature_units   K 
# 
_pdbx_nmr_exptl.conditions_id   1 
_pdbx_nmr_exptl.experiment_id   1 
_pdbx_nmr_exptl.solution_id     1 
_pdbx_nmr_exptl.type            '2D 1H-1H NOESY' 
# 
_pdbx_nmr_refine.entry_id           2L7T 
_pdbx_nmr_refine.method             'simulated annealing' 
_pdbx_nmr_refine.details            ? 
_pdbx_nmr_refine.software_ordinal   1 
# 
loop_
_pdbx_nmr_software.authors 
_pdbx_nmr_software.classification 
_pdbx_nmr_software.name 
_pdbx_nmr_software.ordinal 
_pdbx_nmr_software.version 
Garrett 'chemical shift assignment' PIPP 1 ? 
Garrett 'peak picking'              PIPP 2 ? 
?       refinement                  CNS  3 ? 
# 
loop_
_chem_comp_atom.comp_id 
_chem_comp_atom.atom_id 
_chem_comp_atom.type_symbol 
_chem_comp_atom.pdbx_aromatic_flag 
_chem_comp_atom.pdbx_stereo_config 
_chem_comp_atom.pdbx_ordinal 
ASP N    N N N 1   
ASP CA   C N S 2   
ASP C    C N N 3   
ASP O    O N N 4   
ASP CB   C N N 5   
ASP CG   C N N 6   
ASP OD1  O N N 7   
ASP OD2  O N N 8   
ASP OXT  O N N 9   
ASP H    H N N 10  
ASP H2   H N N 11  
ASP HA   H N N 12  
ASP HB2  H N N 13  
ASP HB3  H N N 14  
ASP HD2  H N N 15  
ASP HXT  H N N 16  
GLU N    N N N 17  
GLU CA   C N S 18  
GLU C    C N N 19  
GLU O    O N N 20  
GLU CB   C N N 21  
GLU CG   C N N 22  
GLU CD   C N N 23  
GLU OE1  O N N 24  
GLU OE2  O N N 25  
GLU OXT  O N N 26  
GLU H    H N N 27  
GLU H2   H N N 28  
GLU HA   H N N 29  
GLU HB2  H N N 30  
GLU HB3  H N N 31  
GLU HG2  H N N 32  
GLU HG3  H N N 33  
GLU HE2  H N N 34  
GLU HXT  H N N 35  
GLY N    N N N 36  
GLY CA   C N N 37  
GLY C    C N N 38  
GLY O    O N N 39  
GLY OXT  O N N 40  
GLY H    H N N 41  
GLY H2   H N N 42  
GLY HA2  H N N 43  
GLY HA3  H N N 44  
GLY HXT  H N N 45  
LEU N    N N N 46  
LEU CA   C N S 47  
LEU C    C N N 48  
LEU O    O N N 49  
LEU CB   C N N 50  
LEU CG   C N N 51  
LEU CD1  C N N 52  
LEU CD2  C N N 53  
LEU OXT  O N N 54  
LEU H    H N N 55  
LEU H2   H N N 56  
LEU HA   H N N 57  
LEU HB2  H N N 58  
LEU HB3  H N N 59  
LEU HG   H N N 60  
LEU HD11 H N N 61  
LEU HD12 H N N 62  
LEU HD13 H N N 63  
LEU HD21 H N N 64  
LEU HD22 H N N 65  
LEU HD23 H N N 66  
LEU HXT  H N N 67  
PRO N    N N N 68  
PRO CA   C N S 69  
PRO C    C N N 70  
PRO O    O N N 71  
PRO CB   C N N 72  
PRO CG   C N N 73  
PRO CD   C N N 74  
PRO OXT  O N N 75  
PRO H    H N N 76  
PRO HA   H N N 77  
PRO HB2  H N N 78  
PRO HB3  H N N 79  
PRO HG2  H N N 80  
PRO HG3  H N N 81  
PRO HD2  H N N 82  
PRO HD3  H N N 83  
PRO HXT  H N N 84  
TRP N    N N N 85  
TRP CA   C N S 86  
TRP C    C N N 87  
TRP O    O N N 88  
TRP CB   C N N 89  
TRP CG   C Y N 90  
TRP CD1  C Y N 91  
TRP CD2  C Y N 92  
TRP NE1  N Y N 93  
TRP CE2  C Y N 94  
TRP CE3  C Y N 95  
TRP CZ2  C Y N 96  
TRP CZ3  C Y N 97  
TRP CH2  C Y N 98  
TRP OXT  O N N 99  
TRP H    H N N 100 
TRP H2   H N N 101 
TRP HA   H N N 102 
TRP HB2  H N N 103 
TRP HB3  H N N 104 
TRP HD1  H N N 105 
TRP HE1  H N N 106 
TRP HE3  H N N 107 
TRP HZ2  H N N 108 
TRP HZ3  H N N 109 
TRP HH2  H N N 110 
TRP HXT  H N N 111 
# 
loop_
_chem_comp_bond.comp_id 
_chem_comp_bond.atom_id_1 
_chem_comp_bond.atom_id_2 
_chem_comp_bond.value_order 
_chem_comp_bond.pdbx_aromatic_flag 
_chem_comp_bond.pdbx_stereo_config 
_chem_comp_bond.pdbx_ordinal 
ASP N   CA   sing N N 1   
ASP N   H    sing N N 2   
ASP N   H2   sing N N 3   
ASP CA  C    sing N N 4   
ASP CA  CB   sing N N 5   
ASP CA  HA   sing N N 6   
ASP C   O    doub N N 7   
ASP C   OXT  sing N N 8   
ASP CB  CG   sing N N 9   
ASP CB  HB2  sing N N 10  
ASP CB  HB3  sing N N 11  
ASP CG  OD1  doub N N 12  
ASP CG  OD2  sing N N 13  
ASP OD2 HD2  sing N N 14  
ASP OXT HXT  sing N N 15  
GLU N   CA   sing N N 16  
GLU N   H    sing N N 17  
GLU N   H2   sing N N 18  
GLU CA  C    sing N N 19  
GLU CA  CB   sing N N 20  
GLU CA  HA   sing N N 21  
GLU C   O    doub N N 22  
GLU C   OXT  sing N N 23  
GLU CB  CG   sing N N 24  
GLU CB  HB2  sing N N 25  
GLU CB  HB3  sing N N 26  
GLU CG  CD   sing N N 27  
GLU CG  HG2  sing N N 28  
GLU CG  HG3  sing N N 29  
GLU CD  OE1  doub N N 30  
GLU CD  OE2  sing N N 31  
GLU OE2 HE2  sing N N 32  
GLU OXT HXT  sing N N 33  
GLY N   CA   sing N N 34  
GLY N   H    sing N N 35  
GLY N   H2   sing N N 36  
GLY CA  C    sing N N 37  
GLY CA  HA2  sing N N 38  
GLY CA  HA3  sing N N 39  
GLY C   O    doub N N 40  
GLY C   OXT  sing N N 41  
GLY OXT HXT  sing N N 42  
LEU N   CA   sing N N 43  
LEU N   H    sing N N 44  
LEU N   H2   sing N N 45  
LEU CA  C    sing N N 46  
LEU CA  CB   sing N N 47  
LEU CA  HA   sing N N 48  
LEU C   O    doub N N 49  
LEU C   OXT  sing N N 50  
LEU CB  CG   sing N N 51  
LEU CB  HB2  sing N N 52  
LEU CB  HB3  sing N N 53  
LEU CG  CD1  sing N N 54  
LEU CG  CD2  sing N N 55  
LEU CG  HG   sing N N 56  
LEU CD1 HD11 sing N N 57  
LEU CD1 HD12 sing N N 58  
LEU CD1 HD13 sing N N 59  
LEU CD2 HD21 sing N N 60  
LEU CD2 HD22 sing N N 61  
LEU CD2 HD23 sing N N 62  
LEU OXT HXT  sing N N 63  
PRO N   CA   sing N N 64  
PRO N   CD   sing N N 65  
PRO N   H    sing N N 66  
PRO CA  C    sing N N 67  
PRO CA  CB   sing N N 68  
PRO CA  HA   sing N N 69  
PRO C   O    doub N N 70  
PRO C   OXT  sing N N 71  
PRO CB  CG   sing N N 72  
PRO CB  HB2  sing N N 73  
PRO CB  HB3  sing N N 74  
PRO CG  CD   sing N N 75  
PRO CG  HG2  sing N N 76  
PRO CG  HG3  sing N N 77  
PRO CD  HD2  sing N N 78  
PRO CD  HD3  sing N N 79  
PRO OXT HXT  sing N N 80  
TRP N   CA   sing N N 81  
TRP N   H    sing N N 82  
TRP N   H2   sing N N 83  
TRP CA  C    sing N N 84  
TRP CA  CB   sing N N 85  
TRP CA  HA   sing N N 86  
TRP C   O    doub N N 87  
TRP C   OXT  sing N N 88  
TRP CB  CG   sing N N 89  
TRP CB  HB2  sing N N 90  
TRP CB  HB3  sing N N 91  
TRP CG  CD1  doub Y N 92  
TRP CG  CD2  sing Y N 93  
TRP CD1 NE1  sing Y N 94  
TRP CD1 HD1  sing N N 95  
TRP CD2 CE2  doub Y N 96  
TRP CD2 CE3  sing Y N 97  
TRP NE1 CE2  sing Y N 98  
TRP NE1 HE1  sing N N 99  
TRP CE2 CZ2  sing Y N 100 
TRP CE3 CZ3  doub Y N 101 
TRP CE3 HE3  sing N N 102 
TRP CZ2 CH2  doub Y N 103 
TRP CZ2 HZ2  sing N N 104 
TRP CZ3 CH2  sing Y N 105 
TRP CZ3 HZ3  sing N N 106 
TRP CH2 HH2  sing N N 107 
TRP OXT HXT  sing N N 108 
# 
loop_
_pdbx_nmr_spectrometer.field_strength 
_pdbx_nmr_spectrometer.manufacturer 
_pdbx_nmr_spectrometer.model 
_pdbx_nmr_spectrometer.spectrometer_id 
_pdbx_nmr_spectrometer.type 
500 Varian INOVA 1 'Varian INOVA' 
750 Varian INOVA 2 'Varian INOVA' 
# 
_atom_sites.entry_id                    2L7T 
_atom_sites.fract_transf_matrix[1][1]   1.000000 
_atom_sites.fract_transf_matrix[1][2]   0.000000 
_atom_sites.fract_transf_matrix[1][3]   0.000000 
_atom_sites.fract_transf_matrix[2][1]   0.000000 
_atom_sites.fract_transf_matrix[2][2]   1.000000 
_atom_sites.fract_transf_matrix[2][3]   0.000000 
_atom_sites.fract_transf_matrix[3][1]   0.000000 
_atom_sites.fract_transf_matrix[3][2]   0.000000 
_atom_sites.fract_transf_matrix[3][3]   1.000000 
_atom_sites.fract_transf_vector[1]      0.00000 
_atom_sites.fract_transf_vector[2]      0.00000 
_atom_sites.fract_transf_vector[3]      0.00000 
# 
loop_
_atom_type.symbol 
C 
H 
N 
O 
# 
loop_
_atom_site.group_PDB 
_atom_site.id 
_atom_site.type_symbol 
_atom_site.label_atom_id 
_atom_site.label_alt_id 
_atom_site.label_comp_id 
_atom_site.label_asym_id 
_atom_site.label_entity_id 
_atom_site.label_seq_id 
_atom_site.pdbx_PDB_ins_code 
_atom_site.Cartn_x 
_atom_site.Cartn_y 
_atom_site.Cartn_z 
_atom_site.occupancy 
_atom_site.B_iso_or_equiv 
_atom_site.pdbx_formal_charge 
_atom_site.auth_seq_id 
_atom_site.auth_comp_id 
_atom_site.auth_asym_id 
_atom_site.auth_atom_id 
_atom_site.pdbx_PDB_model_num 
ATOM 1    N N    . GLU A 1 1  ? -7.637 7.063   -6.771  1.00 0.00 ? 1  GLU A N    1  
ATOM 2    C CA   . GLU A 1 1  ? -7.343 5.624   -6.538  1.00 0.00 ? 1  GLU A CA   1  
ATOM 3    C C    . GLU A 1 1  ? -6.093 5.450   -5.677  1.00 0.00 ? 1  GLU A C    1  
ATOM 4    O O    . GLU A 1 1  ? -5.142 4.777   -6.074  1.00 0.00 ? 1  GLU A O    1  
ATOM 5    C CB   . GLU A 1 1  ? -7.154 4.940   -7.893  1.00 0.00 ? 1  GLU A CB   1  
ATOM 6    C CG   . GLU A 1 1  ? -8.459 4.594   -8.588  1.00 0.00 ? 1  GLU A CG   1  
ATOM 7    C CD   . GLU A 1 1  ? -8.348 4.641   -10.098 1.00 0.00 ? 1  GLU A CD   1  
ATOM 8    O OE1  . GLU A 1 1  ? -7.383 4.061   -10.639 1.00 0.00 ? 1  GLU A OE1  1  
ATOM 9    O OE2  . GLU A 1 1  ? -9.224 5.258   -10.740 1.00 0.00 ? 1  GLU A OE2  1  
ATOM 10   H H1   . GLU A 1 1  ? -6.974 7.408   -7.495  1.00 0.00 ? 1  GLU A H1   1  
ATOM 11   H H2   . GLU A 1 1  ? -7.503 7.564   -5.869  1.00 0.00 ? 1  GLU A H2   1  
ATOM 12   H H3   . GLU A 1 1  ? -8.620 7.135   -7.099  1.00 0.00 ? 1  GLU A H3   1  
ATOM 13   H HA   . GLU A 1 1  ? -8.185 5.179   -6.028  1.00 0.00 ? 1  GLU A HA   1  
ATOM 14   H HB2  . GLU A 1 1  ? -6.590 5.596   -8.539  1.00 0.00 ? 1  GLU A HB2  1  
ATOM 15   H HB3  . GLU A 1 1  ? -6.595 4.027   -7.747  1.00 0.00 ? 1  GLU A HB3  1  
ATOM 16   H HG2  . GLU A 1 1  ? -8.756 3.599   -8.294  1.00 0.00 ? 1  GLU A HG2  1  
ATOM 17   H HG3  . GLU A 1 1  ? -9.216 5.301   -8.274  1.00 0.00 ? 1  GLU A HG3  1  
ATOM 18   N N    . GLU A 1 2  ? -6.104 6.062   -4.499  1.00 0.00 ? 2  GLU A N    1  
ATOM 19   C CA   . GLU A 1 2  ? -4.973 5.976   -3.582  1.00 0.00 ? 2  GLU A CA   1  
ATOM 20   C C    . GLU A 1 2  ? -5.086 4.741   -2.693  1.00 0.00 ? 2  GLU A C    1  
ATOM 21   O O    . GLU A 1 2  ? -6.145 4.119   -2.609  1.00 0.00 ? 2  GLU A O    1  
ATOM 22   C CB   . GLU A 1 2  ? -4.893 7.236   -2.716  1.00 0.00 ? 2  GLU A CB   1  
ATOM 23   C CG   . GLU A 1 2  ? -3.470 7.669   -2.405  1.00 0.00 ? 2  GLU A CG   1  
ATOM 24   C CD   . GLU A 1 2  ? -3.257 7.957   -0.932  1.00 0.00 ? 2  GLU A CD   1  
ATOM 25   O OE1  . GLU A 1 2  ? -4.073 8.698   -0.347  1.00 0.00 ? 2  GLU A OE1  1  
ATOM 26   O OE2  . GLU A 1 2  ? -2.272 7.440   -0.363  1.00 0.00 ? 2  GLU A OE2  1  
ATOM 27   H H    . GLU A 1 2  ? -6.892 6.584   -4.237  1.00 0.00 ? 2  GLU A H    1  
ATOM 28   H HA   . GLU A 1 2  ? -4.074 5.898   -4.172  1.00 0.00 ? 2  GLU A HA   1  
ATOM 29   H HB2  . GLU A 1 2  ? -5.388 8.044   -3.234  1.00 0.00 ? 2  GLU A HB2  1  
ATOM 30   H HB3  . GLU A 1 2  ? -5.404 7.050   -1.784  1.00 0.00 ? 2  GLU A HB3  1  
ATOM 31   H HG2  . GLU A 1 2  ? -2.795 6.883   -2.705  1.00 0.00 ? 2  GLU A HG2  1  
ATOM 32   H HG3  . GLU A 1 2  ? -3.249 8.566   -2.967  1.00 0.00 ? 2  GLU A HG3  1  
ATOM 33   N N    . LEU A 1 3  ? -3.987 4.392   -2.032  1.00 0.00 ? 3  LEU A N    1  
ATOM 34   C CA   . LEU A 1 3  ? -3.965 3.232   -1.148  1.00 0.00 ? 3  LEU A CA   1  
ATOM 35   C C    . LEU A 1 3  ? -3.576 3.634   0.273   1.00 0.00 ? 3  LEU A C    1  
ATOM 36   O O    . LEU A 1 3  ? -2.674 4.448   0.470   1.00 0.00 ? 3  LEU A O    1  
ATOM 37   C CB   . LEU A 1 3  ? -2.986 2.181   -1.680  1.00 0.00 ? 3  LEU A CB   1  
ATOM 38   C CG   . LEU A 1 3  ? -3.048 0.825   -0.977  1.00 0.00 ? 3  LEU A CG   1  
ATOM 39   C CD1  . LEU A 1 3  ? -4.207 -0.002  -1.509  1.00 0.00 ? 3  LEU A CD1  1  
ATOM 40   C CD2  . LEU A 1 3  ? -1.734 0.076   -1.148  1.00 0.00 ? 3  LEU A CD2  1  
ATOM 41   H H    . LEU A 1 3  ? -3.175 4.927   -2.139  1.00 0.00 ? 3  LEU A H    1  
ATOM 42   H HA   . LEU A 1 3  ? -4.957 2.808   -1.134  1.00 0.00 ? 3  LEU A HA   1  
ATOM 43   H HB2  . LEU A 1 3  ? -3.190 2.029   -2.730  1.00 0.00 ? 3  LEU A HB2  1  
ATOM 44   H HB3  . LEU A 1 3  ? -1.984 2.570   -1.578  1.00 0.00 ? 3  LEU A HB3  1  
ATOM 45   H HG   . LEU A 1 3  ? -3.208 0.981   0.080   1.00 0.00 ? 3  LEU A HG   1  
ATOM 46   H HD11 . LEU A 1 3  ? -3.984 -0.328  -2.515  1.00 0.00 ? 3  LEU A HD11 1  
ATOM 47   H HD12 . LEU A 1 3  ? -5.104 0.601   -1.516  1.00 0.00 ? 3  LEU A HD12 1  
ATOM 48   H HD13 . LEU A 1 3  ? -4.356 -0.863  -0.877  1.00 0.00 ? 3  LEU A HD13 1  
ATOM 49   H HD21 . LEU A 1 3  ? -1.048 0.370   -0.367  1.00 0.00 ? 3  LEU A HD21 1  
ATOM 50   H HD22 . LEU A 1 3  ? -1.306 0.318   -2.110  1.00 0.00 ? 3  LEU A HD22 1  
ATOM 51   H HD23 . LEU A 1 3  ? -1.913 -0.986  -1.090  1.00 0.00 ? 3  LEU A HD23 1  
ATOM 52   N N    . PRO A 1 4  ? -4.253 3.066   1.287   1.00 0.00 ? 4  PRO A N    1  
ATOM 53   C CA   . PRO A 1 4  ? -3.975 3.369   2.694   1.00 0.00 ? 4  PRO A CA   1  
ATOM 54   C C    . PRO A 1 4  ? -2.498 3.213   3.043   1.00 0.00 ? 4  PRO A C    1  
ATOM 55   O O    . PRO A 1 4  ? -1.993 3.869   3.954   1.00 0.00 ? 4  PRO A O    1  
ATOM 56   C CB   . PRO A 1 4  ? -4.822 2.345   3.470   1.00 0.00 ? 4  PRO A CB   1  
ATOM 57   C CG   . PRO A 1 4  ? -5.293 1.356   2.455   1.00 0.00 ? 4  PRO A CG   1  
ATOM 58   C CD   . PRO A 1 4  ? -5.340 2.090   1.148   1.00 0.00 ? 4  PRO A CD   1  
ATOM 59   H HA   . PRO A 1 4  ? -4.296 4.368   2.949   1.00 0.00 ? 4  PRO A HA   1  
ATOM 60   H HB2  . PRO A 1 4  ? -4.211 1.872   4.225   1.00 0.00 ? 4  PRO A HB2  1  
ATOM 61   H HB3  . PRO A 1 4  ? -5.651 2.850   3.940   1.00 0.00 ? 4  PRO A HB3  1  
ATOM 62   H HG2  . PRO A 1 4  ? -4.599 0.531   2.395   1.00 0.00 ? 4  PRO A HG2  1  
ATOM 63   H HG3  . PRO A 1 4  ? -6.277 1.001   2.719   1.00 0.00 ? 4  PRO A HG3  1  
ATOM 64   H HD2  . PRO A 1 4  ? -5.152 1.413   0.327   1.00 0.00 ? 4  PRO A HD2  1  
ATOM 65   H HD3  . PRO A 1 4  ? -6.292 2.585   1.024   1.00 0.00 ? 4  PRO A HD3  1  
ATOM 66   N N    . TRP A 1 5  ? -1.808 2.344   2.312   1.00 0.00 ? 5  TRP A N    1  
ATOM 67   C CA   . TRP A 1 5  ? -0.387 2.104   2.548   1.00 0.00 ? 5  TRP A CA   1  
ATOM 68   C C    . TRP A 1 5  ? 0.391  2.101   1.236   1.00 0.00 ? 5  TRP A C    1  
ATOM 69   O O    . TRP A 1 5  ? -0.169 2.355   0.170   1.00 0.00 ? 5  TRP A O    1  
ATOM 70   C CB   . TRP A 1 5  ? -0.186 0.773   3.275   1.00 0.00 ? 5  TRP A CB   1  
ATOM 71   C CG   . TRP A 1 5  ? -0.793 -0.391  2.554   1.00 0.00 ? 5  TRP A CG   1  
ATOM 72   C CD1  . TRP A 1 5  ? -0.257 -1.071  1.503   1.00 0.00 ? 5  TRP A CD1  1  
ATOM 73   C CD2  . TRP A 1 5  ? -2.050 -1.006  2.831   1.00 0.00 ? 5  TRP A CD2  1  
ATOM 74   N NE1  . TRP A 1 5  ? -1.107 -2.078  1.108   1.00 0.00 ? 5  TRP A NE1  1  
ATOM 75   C CE2  . TRP A 1 5  ? -2.217 -2.056  1.910   1.00 0.00 ? 5  TRP A CE2  1  
ATOM 76   C CE3  . TRP A 1 5  ? -3.048 -0.769  3.771   1.00 0.00 ? 5  TRP A CE3  1  
ATOM 77   C CZ2  . TRP A 1 5  ? -3.349 -2.869  1.905   1.00 0.00 ? 5  TRP A CZ2  1  
ATOM 78   C CZ3  . TRP A 1 5  ? -4.172 -1.573  3.768   1.00 0.00 ? 5  TRP A CZ3  1  
ATOM 79   C CH2  . TRP A 1 5  ? -4.315 -2.613  2.841   1.00 0.00 ? 5  TRP A CH2  1  
ATOM 80   H H    . TRP A 1 5  ? -2.263 1.850   1.600   1.00 0.00 ? 5  TRP A H    1  
ATOM 81   H HA   . TRP A 1 5  ? -0.016 2.904   3.171   1.00 0.00 ? 5  TRP A HA   1  
ATOM 82   H HB2  . TRP A 1 5  ? 0.872  0.584   3.384   1.00 0.00 ? 5  TRP A HB2  1  
ATOM 83   H HB3  . TRP A 1 5  ? -0.639 0.833   4.254   1.00 0.00 ? 5  TRP A HB3  1  
ATOM 84   H HD1  . TRP A 1 5  ? 0.693  -0.841  1.059   1.00 0.00 ? 5  TRP A HD1  1  
ATOM 85   H HE1  . TRP A 1 5  ? -0.945 -2.704  0.373   1.00 0.00 ? 5  TRP A HE1  1  
ATOM 86   H HE3  . TRP A 1 5  ? -2.950 0.027   4.488   1.00 0.00 ? 5  TRP A HE3  1  
ATOM 87   H HZ2  . TRP A 1 5  ? -3.472 -3.674  1.197   1.00 0.00 ? 5  TRP A HZ2  1  
ATOM 88   H HZ3  . TRP A 1 5  ? -4.957 -1.402  4.490   1.00 0.00 ? 5  TRP A HZ3  1  
ATOM 89   H HH2  . TRP A 1 5  ? -5.209 -3.216  2.873   1.00 0.00 ? 5  TRP A HH2  1  
ATOM 90   N N    . ASP A 1 6  ? 1.686  1.810   1.323   1.00 0.00 ? 6  ASP A N    1  
ATOM 91   C CA   . ASP A 1 6  ? 2.542  1.772   0.141   1.00 0.00 ? 6  ASP A CA   1  
ATOM 92   C C    . ASP A 1 6  ? 3.152  0.385   -0.041  1.00 0.00 ? 6  ASP A C    1  
ATOM 93   O O    . ASP A 1 6  ? 3.064  -0.204  -1.118  1.00 0.00 ? 6  ASP A O    1  
ATOM 94   C CB   . ASP A 1 6  ? 3.651  2.819   0.255   1.00 0.00 ? 6  ASP A CB   1  
ATOM 95   C CG   . ASP A 1 6  ? 3.180  4.205   -0.141  1.00 0.00 ? 6  ASP A CG   1  
ATOM 96   O OD1  . ASP A 1 6  ? 2.987  4.444   -1.352  1.00 0.00 ? 6  ASP A OD1  1  
ATOM 97   O OD2  . ASP A 1 6  ? 3.003  5.052   0.761   1.00 0.00 ? 6  ASP A OD2  1  
ATOM 98   H H    . ASP A 1 6  ? 2.075  1.616   2.201   1.00 0.00 ? 6  ASP A H    1  
ATOM 99   H HA   . ASP A 1 6  ? 1.931  1.999   -0.719  1.00 0.00 ? 6  ASP A HA   1  
ATOM 100  H HB2  . ASP A 1 6  ? 4.002  2.857   1.276   1.00 0.00 ? 6  ASP A HB2  1  
ATOM 101  H HB3  . ASP A 1 6  ? 4.470  2.539   -0.392  1.00 0.00 ? 6  ASP A HB3  1  
ATOM 102  N N    . GLU A 1 7  ? 3.772  -0.128  1.018   1.00 0.00 ? 7  GLU A N    1  
ATOM 103  C CA   . GLU A 1 7  ? 4.397  -1.446  0.972   1.00 0.00 ? 7  GLU A CA   1  
ATOM 104  C C    . GLU A 1 7  ? 4.030  -2.267  2.203   1.00 0.00 ? 7  GLU A C    1  
ATOM 105  O O    . GLU A 1 7  ? 4.856  -3.013  2.733   1.00 0.00 ? 7  GLU A O    1  
ATOM 106  C CB   . GLU A 1 7  ? 5.918  -1.309  0.871   1.00 0.00 ? 7  GLU A CB   1  
ATOM 107  C CG   . GLU A 1 7  ? 6.632  -2.627  0.619   1.00 0.00 ? 7  GLU A CG   1  
ATOM 108  C CD   . GLU A 1 7  ? 7.839  -2.816  1.516   1.00 0.00 ? 7  GLU A CD   1  
ATOM 109  O OE1  . GLU A 1 7  ? 8.898  -2.225  1.217   1.00 0.00 ? 7  GLU A OE1  1  
ATOM 110  O OE2  . GLU A 1 7  ? 7.728  -3.557  2.516   1.00 0.00 ? 7  GLU A OE2  1  
ATOM 111  H H    . GLU A 1 7  ? 3.809  0.390   1.848   1.00 0.00 ? 7  GLU A H    1  
ATOM 112  H HA   . GLU A 1 7  ? 4.031  -1.955  0.093   1.00 0.00 ? 7  GLU A HA   1  
ATOM 113  H HB2  . GLU A 1 7  ? 6.153  -0.635  0.058   1.00 0.00 ? 7  GLU A HB2  1  
ATOM 114  H HB3  . GLU A 1 7  ? 6.292  -0.890  1.792   1.00 0.00 ? 7  GLU A HB3  1  
ATOM 115  H HG2  . GLU A 1 7  ? 5.939  -3.436  0.799   1.00 0.00 ? 7  GLU A HG2  1  
ATOM 116  H HG3  . GLU A 1 7  ? 6.958  -2.655  -0.410  1.00 0.00 ? 7  GLU A HG3  1  
ATOM 117  N N    . LEU A 1 8  ? 2.788  -2.128  2.654   1.00 0.00 ? 8  LEU A N    1  
ATOM 118  C CA   . LEU A 1 8  ? 2.312  -2.858  3.823   1.00 0.00 ? 8  LEU A CA   1  
ATOM 119  C C    . LEU A 1 8  ? 1.587  -4.135  3.407   1.00 0.00 ? 8  LEU A C    1  
ATOM 120  O O    . LEU A 1 8  ? 1.608  -5.134  4.127   1.00 0.00 ? 8  LEU A O    1  
ATOM 121  C CB   . LEU A 1 8  ? 1.381  -1.978  4.656   1.00 0.00 ? 8  LEU A CB   1  
ATOM 122  C CG   . LEU A 1 8  ? 1.066  -2.508  6.057   1.00 0.00 ? 8  LEU A CG   1  
ATOM 123  C CD1  . LEU A 1 8  ? 0.937  -1.360  7.046   1.00 0.00 ? 8  LEU A CD1  1  
ATOM 124  C CD2  . LEU A 1 8  ? -0.207 -3.340  6.035   1.00 0.00 ? 8  LEU A CD2  1  
ATOM 125  H H    . LEU A 1 8  ? 2.177  -1.519  2.188   1.00 0.00 ? 8  LEU A H    1  
ATOM 126  H HA   . LEU A 1 8  ? 3.171  -3.125  4.420   1.00 0.00 ? 8  LEU A HA   1  
ATOM 127  H HB2  . LEU A 1 8  ? 1.835  -1.002  4.757   1.00 0.00 ? 8  LEU A HB2  1  
ATOM 128  H HB3  . LEU A 1 8  ? 0.449  -1.868  4.121   1.00 0.00 ? 8  LEU A HB3  1  
ATOM 129  H HG   . LEU A 1 8  ? 1.876  -3.141  6.384   1.00 0.00 ? 8  LEU A HG   1  
ATOM 130  H HD11 . LEU A 1 8  ? -0.103 -1.086  7.146   1.00 0.00 ? 8  LEU A HD11 1  
ATOM 131  H HD12 . LEU A 1 8  ? 1.500  -0.511  6.688   1.00 0.00 ? 8  LEU A HD12 1  
ATOM 132  H HD13 . LEU A 1 8  ? 1.322  -1.667  8.006   1.00 0.00 ? 8  LEU A HD13 1  
ATOM 133  H HD21 . LEU A 1 8  ? -0.104 -4.175  6.714   1.00 0.00 ? 8  LEU A HD21 1  
ATOM 134  H HD22 . LEU A 1 8  ? -0.380 -3.710  5.036   1.00 0.00 ? 8  LEU A HD22 1  
ATOM 135  H HD23 . LEU A 1 8  ? -1.043 -2.729  6.341   1.00 0.00 ? 8  LEU A HD23 1  
ATOM 136  N N    . ASP A 1 9  ? 0.950  -4.094  2.244   1.00 0.00 ? 9  ASP A N    1  
ATOM 137  C CA   . ASP A 1 9  ? 0.218  -5.247  1.731   1.00 0.00 ? 9  ASP A CA   1  
ATOM 138  C C    . ASP A 1 9  ? 0.106  -5.187  0.211   1.00 0.00 ? 9  ASP A C    1  
ATOM 139  O O    . ASP A 1 9  ? -0.856 -4.641  -0.330  1.00 0.00 ? 9  ASP A O    1  
ATOM 140  C CB   . ASP A 1 9  ? -1.177 -5.312  2.356   1.00 0.00 ? 9  ASP A CB   1  
ATOM 141  C CG   . ASP A 1 9  ? -1.227 -6.227  3.565   1.00 0.00 ? 9  ASP A CG   1  
ATOM 142  O OD1  . ASP A 1 9  ? -0.573 -7.290  3.531   1.00 0.00 ? 9  ASP A OD1  1  
ATOM 143  O OD2  . ASP A 1 9  ? -1.921 -5.880  4.543   1.00 0.00 ? 9  ASP A OD2  1  
ATOM 144  H H    . ASP A 1 9  ? 0.970  -3.269  1.715   1.00 0.00 ? 9  ASP A H    1  
ATOM 145  H HA   . ASP A 1 9  ? 0.767  -6.136  2.004   1.00 0.00 ? 9  ASP A HA   1  
ATOM 146  H HB2  . ASP A 1 9  ? -1.472 -4.319  2.667   1.00 0.00 ? 9  ASP A HB2  1  
ATOM 147  H HB3  . ASP A 1 9  ? -1.879 -5.678  1.620   1.00 0.00 ? 9  ASP A HB3  1  
ATOM 148  N N    . LEU A 1 10 ? 1.097  -5.751  -0.473  1.00 0.00 ? 10 LEU A N    1  
ATOM 149  C CA   . LEU A 1 10 ? 1.112  -5.761  -1.932  1.00 0.00 ? 10 LEU A CA   1  
ATOM 150  C C    . LEU A 1 10 ? 1.094  -7.190  -2.465  1.00 0.00 ? 10 LEU A C    1  
ATOM 151  O O    . LEU A 1 10 ? 1.746  -7.499  -3.463  1.00 0.00 ? 10 LEU A O    1  
ATOM 152  C CB   . LEU A 1 10 ? 2.346  -5.019  -2.455  1.00 0.00 ? 10 LEU A CB   1  
ATOM 153  C CG   . LEU A 1 10 ? 2.065  -3.990  -3.551  1.00 0.00 ? 10 LEU A CG   1  
ATOM 154  C CD1  . LEU A 1 10 ? 1.460  -4.661  -4.773  1.00 0.00 ? 10 LEU A CD1  1  
ATOM 155  C CD2  . LEU A 1 10 ? 1.144  -2.896  -3.031  1.00 0.00 ? 10 LEU A CD2  1  
ATOM 156  H H    . LEU A 1 10 ? 1.837  -6.169  0.016   1.00 0.00 ? 10 LEU A H    1  
ATOM 157  H HA   . LEU A 1 10 ? 0.223  -5.251  -2.276  1.00 0.00 ? 10 LEU A HA   1  
ATOM 158  H HB2  . LEU A 1 10 ? 2.812  -4.512  -1.622  1.00 0.00 ? 10 LEU A HB2  1  
ATOM 159  H HB3  . LEU A 1 10 ? 3.040  -5.748  -2.846  1.00 0.00 ? 10 LEU A HB3  1  
ATOM 160  H HG   . LEU A 1 10 ? 2.996  -3.529  -3.849  1.00 0.00 ? 10 LEU A HG   1  
ATOM 161  H HD11 . LEU A 1 10 ? 1.761  -5.698  -4.800  1.00 0.00 ? 10 LEU A HD11 1  
ATOM 162  H HD12 . LEU A 1 10 ? 1.809  -4.164  -5.666  1.00 0.00 ? 10 LEU A HD12 1  
ATOM 163  H HD13 . LEU A 1 10 ? 0.384  -4.598  -4.724  1.00 0.00 ? 10 LEU A HD13 1  
ATOM 164  H HD21 . LEU A 1 10 ? 0.125  -3.120  -3.313  1.00 0.00 ? 10 LEU A HD21 1  
ATOM 165  H HD22 . LEU A 1 10 ? 1.436  -1.946  -3.456  1.00 0.00 ? 10 LEU A HD22 1  
ATOM 166  H HD23 . LEU A 1 10 ? 1.216  -2.846  -1.954  1.00 0.00 ? 10 LEU A HD23 1  
ATOM 167  N N    . GLY A 1 11 ? 0.343  -8.059  -1.796  1.00 0.00 ? 11 GLY A N    1  
ATOM 168  C CA   . GLY A 1 11 ? 0.254  -9.443  -2.217  1.00 0.00 ? 11 GLY A CA   1  
ATOM 169  C C    . GLY A 1 11 ? 1.054  -10.373 -1.325  1.00 0.00 ? 11 GLY A C    1  
ATOM 170  O O    . GLY A 1 11 ? 0.585  -10.671 -0.206  1.00 0.00 ? 11 GLY A O    1  
ATOM 171  O OXT  . GLY A 1 11 ? 2.149  -10.804 -1.744  1.00 0.00 ? 11 GLY A OXT  1  
ATOM 172  H H    . GLY A 1 11 ? -0.155 -7.756  -1.007  1.00 0.00 ? 11 GLY A H    1  
ATOM 173  H HA2  . GLY A 1 11 ? -0.781 -9.750  -2.199  1.00 0.00 ? 11 GLY A HA2  1  
ATOM 174  H HA3  . GLY A 1 11 ? 0.627  -9.525  -3.227  1.00 0.00 ? 11 GLY A HA3  1  
ATOM 175  N N    . GLU A 1 1  ? -0.577 9.429   -3.553  1.00 0.00 ? 1  GLU A N    2  
ATOM 176  C CA   . GLU A 1 1  ? -1.194 8.078   -3.619  1.00 0.00 ? 1  GLU A CA   2  
ATOM 177  C C    . GLU A 1 1  ? -2.542 8.055   -2.904  1.00 0.00 ? 1  GLU A C    2  
ATOM 178  O O    . GLU A 1 1  ? -2.830 8.915   -2.075  1.00 0.00 ? 1  GLU A O    2  
ATOM 179  C CB   . GLU A 1 1  ? -0.236 7.073   -2.979  1.00 0.00 ? 1  GLU A CB   2  
ATOM 180  C CG   . GLU A 1 1  ? 0.938  6.701   -3.872  1.00 0.00 ? 1  GLU A CG   2  
ATOM 181  C CD   . GLU A 1 1  ? 1.861  5.684   -3.228  1.00 0.00 ? 1  GLU A CD   2  
ATOM 182  O OE1  . GLU A 1 1  ? 1.352  4.764   -2.555  1.00 0.00 ? 1  GLU A OE1  2  
ATOM 183  O OE2  . GLU A 1 1  ? 3.093  5.808   -3.399  1.00 0.00 ? 1  GLU A OE2  2  
ATOM 184  H H1   . GLU A 1 1  ? 0.394  9.352   -3.916  1.00 0.00 ? 1  GLU A H1   2  
ATOM 185  H H2   . GLU A 1 1  ? -0.583 9.730   -2.556  1.00 0.00 ? 1  GLU A H2   2  
ATOM 186  H H3   . GLU A 1 1  ? -1.148 10.068  -4.141  1.00 0.00 ? 1  GLU A H3   2  
ATOM 187  H HA   . GLU A 1 1  ? -1.342 7.820   -4.657  1.00 0.00 ? 1  GLU A HA   2  
ATOM 188  H HB2  . GLU A 1 1  ? 0.154  7.496   -2.066  1.00 0.00 ? 1  GLU A HB2  2  
ATOM 189  H HB3  . GLU A 1 1  ? -0.783 6.171   -2.746  1.00 0.00 ? 1  GLU A HB3  2  
ATOM 190  H HG2  . GLU A 1 1  ? 0.557  6.287   -4.793  1.00 0.00 ? 1  GLU A HG2  2  
ATOM 191  H HG3  . GLU A 1 1  ? 1.506  7.595   -4.088  1.00 0.00 ? 1  GLU A HG3  2  
ATOM 192  N N    . GLU A 1 2  ? -3.362 7.064   -3.234  1.00 0.00 ? 2  GLU A N    2  
ATOM 193  C CA   . GLU A 1 2  ? -4.681 6.929   -2.624  1.00 0.00 ? 2  GLU A CA   2  
ATOM 194  C C    . GLU A 1 2  ? -4.739 5.719   -1.698  1.00 0.00 ? 2  GLU A C    2  
ATOM 195  O O    . GLU A 1 2  ? -5.500 5.702   -0.732  1.00 0.00 ? 2  GLU A O    2  
ATOM 196  C CB   . GLU A 1 2  ? -5.754 6.805   -3.707  1.00 0.00 ? 2  GLU A CB   2  
ATOM 197  C CG   . GLU A 1 2  ? -5.921 8.061   -4.546  1.00 0.00 ? 2  GLU A CG   2  
ATOM 198  C CD   . GLU A 1 2  ? -6.019 7.761   -6.030  1.00 0.00 ? 2  GLU A CD   2  
ATOM 199  O OE1  . GLU A 1 2  ? -6.684 6.768   -6.392  1.00 0.00 ? 2  GLU A OE1  2  
ATOM 200  O OE2  . GLU A 1 2  ? -5.432 8.522   -6.829  1.00 0.00 ? 2  GLU A OE2  2  
ATOM 201  H H    . GLU A 1 2  ? -3.078 6.408   -3.904  1.00 0.00 ? 2  GLU A H    2  
ATOM 202  H HA   . GLU A 1 2  ? -4.870 7.820   -2.046  1.00 0.00 ? 2  GLU A HA   2  
ATOM 203  H HB2  . GLU A 1 2  ? -5.492 5.989   -4.364  1.00 0.00 ? 2  GLU A HB2  2  
ATOM 204  H HB3  . GLU A 1 2  ? -6.699 6.584   -3.234  1.00 0.00 ? 2  GLU A HB3  2  
ATOM 205  H HG2  . GLU A 1 2  ? -6.823 8.567   -4.237  1.00 0.00 ? 2  GLU A HG2  2  
ATOM 206  H HG3  . GLU A 1 2  ? -5.071 8.705   -4.379  1.00 0.00 ? 2  GLU A HG3  2  
ATOM 207  N N    . LEU A 1 3  ? -3.933 4.705   -2.002  1.00 0.00 ? 3  LEU A N    2  
ATOM 208  C CA   . LEU A 1 3  ? -3.900 3.491   -1.196  1.00 0.00 ? 3  LEU A CA   2  
ATOM 209  C C    . LEU A 1 3  ? -3.564 3.804   0.261   1.00 0.00 ? 3  LEU A C    2  
ATOM 210  O O    . LEU A 1 3  ? -2.687 4.620   0.543   1.00 0.00 ? 3  LEU A O    2  
ATOM 211  C CB   . LEU A 1 3  ? -2.881 2.503   -1.764  1.00 0.00 ? 3  LEU A CB   2  
ATOM 212  C CG   . LEU A 1 3  ? -2.934 1.101   -1.153  1.00 0.00 ? 3  LEU A CG   2  
ATOM 213  C CD1  . LEU A 1 3  ? -4.048 0.285   -1.788  1.00 0.00 ? 3  LEU A CD1  2  
ATOM 214  C CD2  . LEU A 1 3  ? -1.594 0.398   -1.317  1.00 0.00 ? 3  LEU A CD2  2  
ATOM 215  H H    . LEU A 1 3  ? -3.350 4.775   -2.787  1.00 0.00 ? 3  LEU A H    2  
ATOM 216  H HA   . LEU A 1 3  ? -4.881 3.043   -1.241  1.00 0.00 ? 3  LEU A HA   2  
ATOM 217  H HB2  . LEU A 1 3  ? -3.046 2.417   -2.828  1.00 0.00 ? 3  LEU A HB2  2  
ATOM 218  H HB3  . LEU A 1 3  ? -1.892 2.905   -1.600  1.00 0.00 ? 3  LEU A HB3  2  
ATOM 219  H HG   . LEU A 1 3  ? -3.142 1.183   -0.096  1.00 0.00 ? 3  LEU A HG   2  
ATOM 220  H HD11 . LEU A 1 3  ? -4.488 -0.364  -1.044  1.00 0.00 ? 3  LEU A HD11 2  
ATOM 221  H HD12 . LEU A 1 3  ? -3.644 -0.313  -2.593  1.00 0.00 ? 3  LEU A HD12 2  
ATOM 222  H HD13 . LEU A 1 3  ? -4.804 0.949   -2.178  1.00 0.00 ? 3  LEU A HD13 2  
ATOM 223  H HD21 . LEU A 1 3  ? -1.006 0.535   -0.421  1.00 0.00 ? 3  LEU A HD21 2  
ATOM 224  H HD22 . LEU A 1 3  ? -1.068 0.819   -2.161  1.00 0.00 ? 3  LEU A HD22 2  
ATOM 225  H HD23 . LEU A 1 3  ? -1.758 -0.656  -1.482  1.00 0.00 ? 3  LEU A HD23 2  
ATOM 226  N N    . PRO A 1 4  ? -4.262 3.156   1.210   1.00 0.00 ? 4  PRO A N    2  
ATOM 227  C CA   . PRO A 1 4  ? -4.036 3.364   2.643   1.00 0.00 ? 4  PRO A CA   2  
ATOM 228  C C    . PRO A 1 4  ? -2.569 3.194   3.033   1.00 0.00 ? 4  PRO A C    2  
ATOM 229  O O    . PRO A 1 4  ? -2.105 3.787   4.006   1.00 0.00 ? 4  PRO A O    2  
ATOM 230  C CB   . PRO A 1 4  ? -4.902 2.289   3.319   1.00 0.00 ? 4  PRO A CB   2  
ATOM 231  C CG   . PRO A 1 4  ? -5.318 1.358   2.227   1.00 0.00 ? 4  PRO A CG   2  
ATOM 232  C CD   . PRO A 1 4  ? -5.322 2.168   0.966   1.00 0.00 ? 4  PRO A CD   2  
ATOM 233  H HA   . PRO A 1 4  ? -4.372 4.343   2.951   1.00 0.00 ? 4  PRO A HA   2  
ATOM 234  H HB2  . PRO A 1 4  ? -4.318 1.776   4.069   1.00 0.00 ? 4  PRO A HB2  2  
ATOM 235  H HB3  . PRO A 1 4  ? -5.758 2.755   3.783   1.00 0.00 ? 4  PRO A HB3  2  
ATOM 236  H HG2  . PRO A 1 4  ? -4.612 0.546   2.146   1.00 0.00 ? 4  PRO A HG2  2  
ATOM 237  H HG3  . PRO A 1 4  ? -6.307 0.976   2.429   1.00 0.00 ? 4  PRO A HG3  2  
ATOM 238  H HD2  . PRO A 1 4  ? -5.086 1.547   0.114   1.00 0.00 ? 4  PRO A HD2  2  
ATOM 239  H HD3  . PRO A 1 4  ? -6.277 2.654   0.831   1.00 0.00 ? 4  PRO A HD3  2  
ATOM 240  N N    . TRP A 1 5  ? -1.845 2.385   2.269   1.00 0.00 ? 5  TRP A N    2  
ATOM 241  C CA   . TRP A 1 5  ? -0.432 2.141   2.539   1.00 0.00 ? 5  TRP A CA   2  
ATOM 242  C C    . TRP A 1 5  ? 0.389  2.201   1.255   1.00 0.00 ? 5  TRP A C    2  
ATOM 243  O O    . TRP A 1 5  ? -0.136 2.511   0.185   1.00 0.00 ? 5  TRP A O    2  
ATOM 244  C CB   . TRP A 1 5  ? -0.246 0.781   3.215   1.00 0.00 ? 5  TRP A CB   2  
ATOM 245  C CG   . TRP A 1 5  ? -0.792 -0.361  2.415   1.00 0.00 ? 5  TRP A CG   2  
ATOM 246  C CD1  . TRP A 1 5  ? -0.192 -0.987  1.367   1.00 0.00 ? 5  TRP A CD1  2  
ATOM 247  C CD2  . TRP A 1 5  ? -2.051 -1.008  2.600   1.00 0.00 ? 5  TRP A CD2  2  
ATOM 248  N NE1  . TRP A 1 5  ? -1.003 -1.989  0.887   1.00 0.00 ? 5  TRP A NE1  2  
ATOM 249  C CE2  . TRP A 1 5  ? -2.153 -2.021  1.629   1.00 0.00 ? 5  TRP A CE2  2  
ATOM 250  C CE3  . TRP A 1 5  ? -3.101 -0.826  3.496   1.00 0.00 ? 5  TRP A CE3  2  
ATOM 251  C CZ2  . TRP A 1 5  ? -3.268 -2.849  1.532   1.00 0.00 ? 5  TRP A CZ2  2  
ATOM 252  C CZ3  . TRP A 1 5  ? -4.209 -1.647  3.402   1.00 0.00 ? 5  TRP A CZ3  2  
ATOM 253  C CH2  . TRP A 1 5  ? -4.285 -2.648  2.426   1.00 0.00 ? 5  TRP A CH2  2  
ATOM 254  H H    . TRP A 1 5  ? -2.269 1.941   1.506   1.00 0.00 ? 5  TRP A H    2  
ATOM 255  H HA   . TRP A 1 5  ? -0.086 2.915   3.209   1.00 0.00 ? 5  TRP A HA   2  
ATOM 256  H HB2  . TRP A 1 5  ? 0.808  0.604   3.370   1.00 0.00 ? 5  TRP A HB2  2  
ATOM 257  H HB3  . TRP A 1 5  ? -0.749 0.791   4.171   1.00 0.00 ? 5  TRP A HB3  2  
ATOM 258  H HD1  . TRP A 1 5  ? 0.777  -0.725  0.983   1.00 0.00 ? 5  TRP A HD1  2  
ATOM 259  H HE1  . TRP A 1 5  ? -0.792 -2.582  0.135   1.00 0.00 ? 5  TRP A HE1  2  
ATOM 260  H HE3  . TRP A 1 5  ? -3.054 -0.059  4.250   1.00 0.00 ? 5  TRP A HE3  2  
ATOM 261  H HZ2  . TRP A 1 5  ? -3.340 -3.626  0.785   1.00 0.00 ? 5  TRP A HZ2  2  
ATOM 262  H HZ3  . TRP A 1 5  ? -5.034 -1.517  4.087   1.00 0.00 ? 5  TRP A HZ3  2  
ATOM 263  H HH2  . TRP A 1 5  ? -5.171 -3.266  2.386   1.00 0.00 ? 5  TRP A HH2  2  
ATOM 264  N N    . ASP A 1 6  ? 1.680  1.904   1.367   1.00 0.00 ? 6  ASP A N    2  
ATOM 265  C CA   . ASP A 1 6  ? 2.574  1.925   0.215   1.00 0.00 ? 6  ASP A CA   2  
ATOM 266  C C    . ASP A 1 6  ? 3.103  0.528   -0.092  1.00 0.00 ? 6  ASP A C    2  
ATOM 267  O O    . ASP A 1 6  ? 3.100  0.091   -1.243  1.00 0.00 ? 6  ASP A O    2  
ATOM 268  C CB   . ASP A 1 6  ? 3.743  2.881   0.465   1.00 0.00 ? 6  ASP A CB   2  
ATOM 269  C CG   . ASP A 1 6  ? 4.450  3.276   -0.817  1.00 0.00 ? 6  ASP A CG   2  
ATOM 270  O OD1  . ASP A 1 6  ? 3.781  3.328   -1.870  1.00 0.00 ? 6  ASP A OD1  2  
ATOM 271  O OD2  . ASP A 1 6  ? 5.670  3.531   -0.768  1.00 0.00 ? 6  ASP A OD2  2  
ATOM 272  H H    . ASP A 1 6  ? 2.041  1.667   2.247   1.00 0.00 ? 6  ASP A H    2  
ATOM 273  H HA   . ASP A 1 6  ? 2.009  2.278   -0.635  1.00 0.00 ? 6  ASP A HA   2  
ATOM 274  H HB2  . ASP A 1 6  ? 3.373  3.776   0.941   1.00 0.00 ? 6  ASP A HB2  2  
ATOM 275  H HB3  . ASP A 1 6  ? 4.459  2.400   1.116   1.00 0.00 ? 6  ASP A HB3  2  
ATOM 276  N N    . GLU A 1 7  ? 3.556  -0.171  0.945   1.00 0.00 ? 7  GLU A N    2  
ATOM 277  C CA   . GLU A 1 7  ? 4.088  -1.519  0.782   1.00 0.00 ? 7  GLU A CA   2  
ATOM 278  C C    . GLU A 1 7  ? 3.817  -2.366  2.022   1.00 0.00 ? 7  GLU A C    2  
ATOM 279  O O    . GLU A 1 7  ? 4.624  -3.220  2.391   1.00 0.00 ? 7  GLU A O    2  
ATOM 280  C CB   . GLU A 1 7  ? 5.592  -1.466  0.506   1.00 0.00 ? 7  GLU A CB   2  
ATOM 281  C CG   . GLU A 1 7  ? 5.936  -1.334  -0.968  1.00 0.00 ? 7  GLU A CG   2  
ATOM 282  C CD   . GLU A 1 7  ? 6.480  -2.620  -1.558  1.00 0.00 ? 7  GLU A CD   2  
ATOM 283  O OE1  . GLU A 1 7  ? 5.745  -3.631  -1.557  1.00 0.00 ? 7  GLU A OE1  2  
ATOM 284  O OE2  . GLU A 1 7  ? 7.638  -2.618  -2.020  1.00 0.00 ? 7  GLU A OE2  2  
ATOM 285  H H    . GLU A 1 7  ? 3.534  0.230   1.838   1.00 0.00 ? 7  GLU A H    2  
ATOM 286  H HA   . GLU A 1 7  ? 3.593  -1.971  -0.061  1.00 0.00 ? 7  GLU A HA   2  
ATOM 287  H HB2  . GLU A 1 7  ? 6.014  -0.620  1.029   1.00 0.00 ? 7  GLU A HB2  2  
ATOM 288  H HB3  . GLU A 1 7  ? 6.047  -2.373  0.880   1.00 0.00 ? 7  GLU A HB3  2  
ATOM 289  H HG2  . GLU A 1 7  ? 5.043  -1.057  -1.509  1.00 0.00 ? 7  GLU A HG2  2  
ATOM 290  H HG3  . GLU A 1 7  ? 6.680  -0.560  -1.083  1.00 0.00 ? 7  GLU A HG3  2  
ATOM 291  N N    . LEU A 1 8  ? 2.678  -2.124  2.662   1.00 0.00 ? 8  LEU A N    2  
ATOM 292  C CA   . LEU A 1 8  ? 2.300  -2.865  3.860   1.00 0.00 ? 8  LEU A CA   2  
ATOM 293  C C    . LEU A 1 8  ? 1.764  -4.246  3.500   1.00 0.00 ? 8  LEU A C    2  
ATOM 294  O O    . LEU A 1 8  ? 1.952  -5.211  4.244   1.00 0.00 ? 8  LEU A O    2  
ATOM 295  C CB   . LEU A 1 8  ? 1.249  -2.088  4.653   1.00 0.00 ? 8  LEU A CB   2  
ATOM 296  C CG   . LEU A 1 8  ? 0.737  -2.788  5.912   1.00 0.00 ? 8  LEU A CG   2  
ATOM 297  C CD1  . LEU A 1 8  ? 1.602  -2.430  7.110   1.00 0.00 ? 8  LEU A CD1  2  
ATOM 298  C CD2  . LEU A 1 8  ? -0.716 -2.421  6.173   1.00 0.00 ? 8  LEU A CD2  2  
ATOM 299  H H    . LEU A 1 8  ? 2.076  -1.431  2.318   1.00 0.00 ? 8  LEU A H    2  
ATOM 300  H HA   . LEU A 1 8  ? 3.183  -2.983  4.469   1.00 0.00 ? 8  LEU A HA   2  
ATOM 301  H HB2  . LEU A 1 8  ? 1.676  -1.138  4.943   1.00 0.00 ? 8  LEU A HB2  2  
ATOM 302  H HB3  . LEU A 1 8  ? 0.405  -1.900  4.005   1.00 0.00 ? 8  LEU A HB3  2  
ATOM 303  H HG   . LEU A 1 8  ? 0.792  -3.859  5.769   1.00 0.00 ? 8  LEU A HG   2  
ATOM 304  H HD11 . LEU A 1 8  ? 2.045  -1.457  6.956   1.00 0.00 ? 8  LEU A HD11 2  
ATOM 305  H HD12 . LEU A 1 8  ? 2.382  -3.169  7.223   1.00 0.00 ? 8  LEU A HD12 2  
ATOM 306  H HD13 . LEU A 1 8  ? 0.992  -2.412  8.001   1.00 0.00 ? 8  LEU A HD13 2  
ATOM 307  H HD21 . LEU A 1 8  ? -0.929 -2.515  7.227   1.00 0.00 ? 8  LEU A HD21 2  
ATOM 308  H HD22 . LEU A 1 8  ? -1.361 -3.083  5.615   1.00 0.00 ? 8  LEU A HD22 2  
ATOM 309  H HD23 . LEU A 1 8  ? -0.892 -1.402  5.860   1.00 0.00 ? 8  LEU A HD23 2  
ATOM 310  N N    . ASP A 1 9  ? 1.095  -4.336  2.355   1.00 0.00 ? 9  ASP A N    2  
ATOM 311  C CA   . ASP A 1 9  ? 0.530  -5.600  1.896   1.00 0.00 ? 9  ASP A CA   2  
ATOM 312  C C    . ASP A 1 9  ? 0.451  -5.639  0.373   1.00 0.00 ? 9  ASP A C    2  
ATOM 313  O O    . ASP A 1 9  ? -0.506 -6.162  -0.196  1.00 0.00 ? 9  ASP A O    2  
ATOM 314  C CB   . ASP A 1 9  ? -0.861 -5.809  2.498   1.00 0.00 ? 9  ASP A CB   2  
ATOM 315  C CG   . ASP A 1 9  ? -1.159 -7.271  2.774   1.00 0.00 ? 9  ASP A CG   2  
ATOM 316  O OD1  . ASP A 1 9  ? -0.377 -7.906  3.514   1.00 0.00 ? 9  ASP A OD1  2  
ATOM 317  O OD2  . ASP A 1 9  ? -2.173 -7.779  2.253   1.00 0.00 ? 9  ASP A OD2  2  
ATOM 318  H H    . ASP A 1 9  ? 0.977  -3.534  1.806   1.00 0.00 ? 9  ASP A H    2  
ATOM 319  H HA   . ASP A 1 9  ? 1.181  -6.394  2.231   1.00 0.00 ? 9  ASP A HA   2  
ATOM 320  H HB2  . ASP A 1 9  ? -0.929 -5.266  3.429   1.00 0.00 ? 9  ASP A HB2  2  
ATOM 321  H HB3  . ASP A 1 9  ? -1.604 -5.433  1.812   1.00 0.00 ? 9  ASP A HB3  2  
ATOM 322  N N    . LEU A 1 10 ? 1.465  -5.081  -0.281  1.00 0.00 ? 10 LEU A N    2  
ATOM 323  C CA   . LEU A 1 10 ? 1.509  -5.050  -1.738  1.00 0.00 ? 10 LEU A CA   2  
ATOM 324  C C    . LEU A 1 10 ? 2.518  -6.064  -2.274  1.00 0.00 ? 10 LEU A C    2  
ATOM 325  O O    . LEU A 1 10 ? 3.333  -5.748  -3.141  1.00 0.00 ? 10 LEU A O    2  
ATOM 326  C CB   . LEU A 1 10 ? 1.866  -3.643  -2.227  1.00 0.00 ? 10 LEU A CB   2  
ATOM 327  C CG   . LEU A 1 10 ? 1.072  -3.161  -3.445  1.00 0.00 ? 10 LEU A CG   2  
ATOM 328  C CD1  . LEU A 1 10 ? 0.737  -1.683  -3.314  1.00 0.00 ? 10 LEU A CD1  2  
ATOM 329  C CD2  . LEU A 1 10 ? 1.853  -3.421  -4.724  1.00 0.00 ? 10 LEU A CD2  2  
ATOM 330  H H    . LEU A 1 10 ? 2.198  -4.678  0.228   1.00 0.00 ? 10 LEU A H    2  
ATOM 331  H HA   . LEU A 1 10 ? 0.528  -5.311  -2.105  1.00 0.00 ? 10 LEU A HA   2  
ATOM 332  H HB2  . LEU A 1 10 ? 1.699  -2.951  -1.416  1.00 0.00 ? 10 LEU A HB2  2  
ATOM 333  H HB3  . LEU A 1 10 ? 2.916  -3.628  -2.481  1.00 0.00 ? 10 LEU A HB3  2  
ATOM 334  H HG   . LEU A 1 10 ? 0.144  -3.709  -3.501  1.00 0.00 ? 10 LEU A HG   2  
ATOM 335  H HD11 . LEU A 1 10 ? 1.613  -1.094  -3.543  1.00 0.00 ? 10 LEU A HD11 2  
ATOM 336  H HD12 . LEU A 1 10 ? 0.417  -1.473  -2.304  1.00 0.00 ? 10 LEU A HD12 2  
ATOM 337  H HD13 . LEU A 1 10 ? -0.055 -1.432  -4.002  1.00 0.00 ? 10 LEU A HD13 2  
ATOM 338  H HD21 . LEU A 1 10 ? 2.370  -2.521  -5.021  1.00 0.00 ? 10 LEU A HD21 2  
ATOM 339  H HD22 . LEU A 1 10 ? 1.170  -3.718  -5.508  1.00 0.00 ? 10 LEU A HD22 2  
ATOM 340  H HD23 . LEU A 1 10 ? 2.569  -4.210  -4.556  1.00 0.00 ? 10 LEU A HD23 2  
ATOM 341  N N    . GLY A 1 11 ? 2.455  -7.284  -1.750  1.00 0.00 ? 11 GLY A N    2  
ATOM 342  C CA   . GLY A 1 11 ? 3.366  -8.326  -2.187  1.00 0.00 ? 11 GLY A CA   2  
ATOM 343  C C    . GLY A 1 11 ? 3.054  -8.824  -3.584  1.00 0.00 ? 11 GLY A C    2  
ATOM 344  O O    . GLY A 1 11 ? 3.889  -8.617  -4.490  1.00 0.00 ? 11 GLY A O    2  
ATOM 345  O OXT  . GLY A 1 11 ? 1.971  -9.419  -3.774  1.00 0.00 ? 11 GLY A OXT  2  
ATOM 346  H H    . GLY A 1 11 ? 1.785  -7.478  -1.064  1.00 0.00 ? 11 GLY A H    2  
ATOM 347  H HA2  . GLY A 1 11 ? 4.373  -7.938  -2.172  1.00 0.00 ? 11 GLY A HA2  2  
ATOM 348  H HA3  . GLY A 1 11 ? 3.302  -9.156  -1.499  1.00 0.00 ? 11 GLY A HA3  2  
ATOM 349  N N    . GLU A 1 1  ? -2.934 4.761   -7.550  1.00 0.00 ? 1  GLU A N    3  
ATOM 350  C CA   . GLU A 1 1  ? -2.549 6.198   -7.543  1.00 0.00 ? 1  GLU A CA   3  
ATOM 351  C C    . GLU A 1 1  ? -2.641 6.787   -6.138  1.00 0.00 ? 1  GLU A C    3  
ATOM 352  O O    . GLU A 1 1  ? -1.895 7.701   -5.789  1.00 0.00 ? 1  GLU A O    3  
ATOM 353  C CB   . GLU A 1 1  ? -3.480 6.955   -8.494  1.00 0.00 ? 1  GLU A CB   3  
ATOM 354  C CG   . GLU A 1 1  ? -3.252 6.621   -9.960  1.00 0.00 ? 1  GLU A CG   3  
ATOM 355  C CD   . GLU A 1 1  ? -3.626 7.765   -10.883 1.00 0.00 ? 1  GLU A CD   3  
ATOM 356  O OE1  . GLU A 1 1  ? -4.837 7.989   -11.088 1.00 0.00 ? 1  GLU A OE1  3  
ATOM 357  O OE2  . GLU A 1 1  ? -2.708 8.436   -11.401 1.00 0.00 ? 1  GLU A OE2  3  
ATOM 358  H H1   . GLU A 1 1  ? -3.971 4.710   -7.508  1.00 0.00 ? 1  GLU A H1   3  
ATOM 359  H H2   . GLU A 1 1  ? -2.501 4.314   -6.715  1.00 0.00 ? 1  GLU A H2   3  
ATOM 360  H H3   . GLU A 1 1  ? -2.574 4.342   -8.430  1.00 0.00 ? 1  GLU A H3   3  
ATOM 361  H HA   . GLU A 1 1  ? -1.534 6.285   -7.896  1.00 0.00 ? 1  GLU A HA   3  
ATOM 362  H HB2  . GLU A 1 1  ? -4.503 6.712   -8.247  1.00 0.00 ? 1  GLU A HB2  3  
ATOM 363  H HB3  . GLU A 1 1  ? -3.328 8.015   -8.360  1.00 0.00 ? 1  GLU A HB3  3  
ATOM 364  H HG2  . GLU A 1 1  ? -2.207 6.390   -10.104 1.00 0.00 ? 1  GLU A HG2  3  
ATOM 365  H HG3  . GLU A 1 1  ? -3.849 5.760   -10.217 1.00 0.00 ? 1  GLU A HG3  3  
ATOM 366  N N    . GLU A 1 2  ? -3.559 6.254   -5.337  1.00 0.00 ? 2  GLU A N    3  
ATOM 367  C CA   . GLU A 1 2  ? -3.746 6.726   -3.970  1.00 0.00 ? 2  GLU A CA   3  
ATOM 368  C C    . GLU A 1 2  ? -4.207 5.591   -3.063  1.00 0.00 ? 2  GLU A C    3  
ATOM 369  O O    . GLU A 1 2  ? -5.366 5.180   -3.104  1.00 0.00 ? 2  GLU A O    3  
ATOM 370  C CB   . GLU A 1 2  ? -4.764 7.867   -3.936  1.00 0.00 ? 2  GLU A CB   3  
ATOM 371  C CG   . GLU A 1 2  ? -4.564 8.826   -2.775  1.00 0.00 ? 2  GLU A CG   3  
ATOM 372  C CD   . GLU A 1 2  ? -4.552 10.279  -3.213  1.00 0.00 ? 2  GLU A CD   3  
ATOM 373  O OE1  . GLU A 1 2  ? -3.477 10.771  -3.614  1.00 0.00 ? 2  GLU A OE1  3  
ATOM 374  O OE2  . GLU A 1 2  ? -5.621 10.923  -3.154  1.00 0.00 ? 2  GLU A OE2  3  
ATOM 375  H H    . GLU A 1 2  ? -4.121 5.526   -5.674  1.00 0.00 ? 2  GLU A H    3  
ATOM 376  H HA   . GLU A 1 2  ? -2.796 7.092   -3.613  1.00 0.00 ? 2  GLU A HA   3  
ATOM 377  H HB2  . GLU A 1 2  ? -4.690 8.426   -4.857  1.00 0.00 ? 2  GLU A HB2  3  
ATOM 378  H HB3  . GLU A 1 2  ? -5.756 7.446   -3.859  1.00 0.00 ? 2  GLU A HB3  3  
ATOM 379  H HG2  . GLU A 1 2  ? -5.364 8.686   -2.064  1.00 0.00 ? 2  GLU A HG2  3  
ATOM 380  H HG3  . GLU A 1 2  ? -3.618 8.602   -2.300  1.00 0.00 ? 2  GLU A HG3  3  
ATOM 381  N N    . LEU A 1 3  ? -3.290 5.085   -2.242  1.00 0.00 ? 3  LEU A N    3  
ATOM 382  C CA   . LEU A 1 3  ? -3.603 3.996   -1.325  1.00 0.00 ? 3  LEU A CA   3  
ATOM 383  C C    . LEU A 1 3  ? -3.279 4.386   0.117   1.00 0.00 ? 3  LEU A C    3  
ATOM 384  O O    . LEU A 1 3  ? -2.236 4.983   0.388   1.00 0.00 ? 3  LEU A O    3  
ATOM 385  C CB   . LEU A 1 3  ? -2.821 2.739   -1.712  1.00 0.00 ? 3  LEU A CB   3  
ATOM 386  C CG   . LEU A 1 3  ? -3.266 1.456   -1.009  1.00 0.00 ? 3  LEU A CG   3  
ATOM 387  C CD1  . LEU A 1 3  ? -4.572 0.948   -1.603  1.00 0.00 ? 3  LEU A CD1  3  
ATOM 388  C CD2  . LEU A 1 3  ? -2.183 0.391   -1.111  1.00 0.00 ? 3  LEU A CD2  3  
ATOM 389  H H    . LEU A 1 3  ? -2.382 5.454   -2.256  1.00 0.00 ? 3  LEU A H    3  
ATOM 390  H HA   . LEU A 1 3  ? -4.659 3.789   -1.404  1.00 0.00 ? 3  LEU A HA   3  
ATOM 391  H HB2  . LEU A 1 3  ? -2.919 2.594   -2.779  1.00 0.00 ? 3  LEU A HB2  3  
ATOM 392  H HB3  . LEU A 1 3  ? -1.778 2.904   -1.483  1.00 0.00 ? 3  LEU A HB3  3  
ATOM 393  H HG   . LEU A 1 3  ? -3.435 1.665   0.037   1.00 0.00 ? 3  LEU A HG   3  
ATOM 394  H HD11 . LEU A 1 3  ? -4.361 0.186   -2.339  1.00 0.00 ? 3  LEU A HD11 3  
ATOM 395  H HD12 . LEU A 1 3  ? -5.095 1.768   -2.074  1.00 0.00 ? 3  LEU A HD12 3  
ATOM 396  H HD13 . LEU A 1 3  ? -5.187 0.533   -0.818  1.00 0.00 ? 3  LEU A HD13 3  
ATOM 397  H HD21 . LEU A 1 3  ? -1.242 0.856   -1.362  1.00 0.00 ? 3  LEU A HD21 3  
ATOM 398  H HD22 . LEU A 1 3  ? -2.449 -0.321  -1.878  1.00 0.00 ? 3  LEU A HD22 3  
ATOM 399  H HD23 . LEU A 1 3  ? -2.091 -0.117  -0.163  1.00 0.00 ? 3  LEU A HD23 3  
ATOM 400  N N    . PRO A 1 4  ? -4.174 4.056   1.068   1.00 0.00 ? 4  PRO A N    3  
ATOM 401  C CA   . PRO A 1 4  ? -3.978 4.375   2.486   1.00 0.00 ? 4  PRO A CA   3  
ATOM 402  C C    . PRO A 1 4  ? -2.612 3.934   3.003   1.00 0.00 ? 4  PRO A C    3  
ATOM 403  O O    . PRO A 1 4  ? -2.075 4.520   3.940   1.00 0.00 ? 4  PRO A O    3  
ATOM 404  C CB   . PRO A 1 4  ? -5.102 3.605   3.200   1.00 0.00 ? 4  PRO A CB   3  
ATOM 405  C CG   . PRO A 1 4  ? -5.692 2.697   2.169   1.00 0.00 ? 4  PRO A CG   3  
ATOM 406  C CD   . PRO A 1 4  ? -5.441 3.350   0.843   1.00 0.00 ? 4  PRO A CD   3  
ATOM 407  H HA   . PRO A 1 4  ? -4.099 5.434   2.667   1.00 0.00 ? 4  PRO A HA   3  
ATOM 408  H HB2  . PRO A 1 4  ? -4.687 3.044   4.024   1.00 0.00 ? 4  PRO A HB2  3  
ATOM 409  H HB3  . PRO A 1 4  ? -5.837 4.302   3.571   1.00 0.00 ? 4  PRO A HB3  3  
ATOM 410  H HG2  . PRO A 1 4  ? -5.206 1.733   2.209   1.00 0.00 ? 4  PRO A HG2  3  
ATOM 411  H HG3  . PRO A 1 4  ? -6.752 2.589   2.339   1.00 0.00 ? 4  PRO A HG3  3  
ATOM 412  H HD2  . PRO A 1 4  ? -5.337 2.606   0.067   1.00 0.00 ? 4  PRO A HD2  3  
ATOM 413  H HD3  . PRO A 1 4  ? -6.233 4.044   0.606   1.00 0.00 ? 4  PRO A HD3  3  
ATOM 414  N N    . TRP A 1 5  ? -2.056 2.897   2.385   1.00 0.00 ? 5  TRP A N    3  
ATOM 415  C CA   . TRP A 1 5  ? -0.750 2.382   2.787   1.00 0.00 ? 5  TRP A CA   3  
ATOM 416  C C    . TRP A 1 5  ? 0.124  2.107   1.568   1.00 0.00 ? 5  TRP A C    3  
ATOM 417  O O    . TRP A 1 5  ? -0.377 1.784   0.491   1.00 0.00 ? 5  TRP A O    3  
ATOM 418  C CB   . TRP A 1 5  ? -0.912 1.107   3.616   1.00 0.00 ? 5  TRP A CB   3  
ATOM 419  C CG   . TRP A 1 5  ? -1.630 0.013   2.889   1.00 0.00 ? 5  TRP A CG   3  
ATOM 420  C CD1  . TRP A 1 5  ? -1.098 -0.859  1.989   1.00 0.00 ? 5  TRP A CD1  3  
ATOM 421  C CD2  . TRP A 1 5  ? -3.014 -0.325  3.004   1.00 0.00 ? 5  TRP A CD2  3  
ATOM 422  N NE1  . TRP A 1 5  ? -2.068 -1.718  1.532   1.00 0.00 ? 5  TRP A NE1  3  
ATOM 423  C CE2  . TRP A 1 5  ? -3.255 -1.411  2.143   1.00 0.00 ? 5  TRP A CE2  3  
ATOM 424  C CE3  . TRP A 1 5  ? -4.068 0.189   3.753   1.00 0.00 ? 5  TRP A CE3  3  
ATOM 425  C CZ2  . TRP A 1 5  ? -4.514 -1.991  2.012   1.00 0.00 ? 5  TRP A CZ2  3  
ATOM 426  C CZ3  . TRP A 1 5  ? -5.319 -0.386  3.625   1.00 0.00 ? 5  TRP A CZ3  3  
ATOM 427  C CH2  . TRP A 1 5  ? -5.534 -1.467  2.761   1.00 0.00 ? 5  TRP A CH2  3  
ATOM 428  H H    . TRP A 1 5  ? -2.530 2.470   1.643   1.00 0.00 ? 5  TRP A H    3  
ATOM 429  H HA   . TRP A 1 5  ? -0.271 3.136   3.394   1.00 0.00 ? 5  TRP A HA   3  
ATOM 430  H HB2  . TRP A 1 5  ? 0.066  0.737   3.890   1.00 0.00 ? 5  TRP A HB2  3  
ATOM 431  H HB3  . TRP A 1 5  ? -1.469 1.337   4.512   1.00 0.00 ? 5  TRP A HB3  3  
ATOM 432  H HD1  . TRP A 1 5  ? -0.068 -0.858  1.689   1.00 0.00 ? 5  TRP A HD1  3  
ATOM 433  H HE1  . TRP A 1 5  ? -1.931 -2.435  0.877   1.00 0.00 ? 5  TRP A HE1  3  
ATOM 434  H HE3  . TRP A 1 5  ? -3.915 1.019   4.419   1.00 0.00 ? 5  TRP A HE3  3  
ATOM 435  H HZ2  . TRP A 1 5  ? -4.694 -2.825  1.351   1.00 0.00 ? 5  TRP A HZ2  3  
ATOM 436  H HZ3  . TRP A 1 5  ? -6.149 0.001   4.198   1.00 0.00 ? 5  TRP A HZ3  3  
ATOM 437  H HH2  . TRP A 1 5  ? -6.526 -1.885  2.692   1.00 0.00 ? 5  TRP A HH2  3  
ATOM 438  N N    . ASP A 1 6  ? 1.436  2.240   1.744   1.00 0.00 ? 6  ASP A N    3  
ATOM 439  C CA   . ASP A 1 6  ? 2.381  2.008   0.658   1.00 0.00 ? 6  ASP A CA   3  
ATOM 440  C C    . ASP A 1 6  ? 2.723  0.525   0.536   1.00 0.00 ? 6  ASP A C    3  
ATOM 441  O O    . ASP A 1 6  ? 3.880  0.130   0.677   1.00 0.00 ? 6  ASP A O    3  
ATOM 442  C CB   . ASP A 1 6  ? 3.657  2.823   0.884   1.00 0.00 ? 6  ASP A CB   3  
ATOM 443  C CG   . ASP A 1 6  ? 4.289  2.546   2.233   1.00 0.00 ? 6  ASP A CG   3  
ATOM 444  O OD1  . ASP A 1 6  ? 3.990  1.489   2.824   1.00 0.00 ? 6  ASP A OD1  3  
ATOM 445  O OD2  . ASP A 1 6  ? 5.088  3.388   2.698   1.00 0.00 ? 6  ASP A OD2  3  
ATOM 446  H H    . ASP A 1 6  ? 1.775  2.502   2.626   1.00 0.00 ? 6  ASP A H    3  
ATOM 447  H HA   . ASP A 1 6  ? 1.916  2.334   -0.259  1.00 0.00 ? 6  ASP A HA   3  
ATOM 448  H HB2  . ASP A 1 6  ? 4.374  2.578   0.114   1.00 0.00 ? 6  ASP A HB2  3  
ATOM 449  H HB3  . ASP A 1 6  ? 3.420  3.875   0.826   1.00 0.00 ? 6  ASP A HB3  3  
ATOM 450  N N    . GLU A 1 7  ? 1.707  -0.291  0.272   1.00 0.00 ? 7  GLU A N    3  
ATOM 451  C CA   . GLU A 1 7  ? 1.897  -1.731  0.127   1.00 0.00 ? 7  GLU A CA   3  
ATOM 452  C C    . GLU A 1 7  ? 2.607  -2.318  1.343   1.00 0.00 ? 7  GLU A C    3  
ATOM 453  O O    . GLU A 1 7  ? 3.829  -2.461  1.351   1.00 0.00 ? 7  GLU A O    3  
ATOM 454  C CB   . GLU A 1 7  ? 2.700  -2.034  -1.140  1.00 0.00 ? 7  GLU A CB   3  
ATOM 455  C CG   . GLU A 1 7  ? 1.841  -2.143  -2.391  1.00 0.00 ? 7  GLU A CG   3  
ATOM 456  C CD   . GLU A 1 7  ? 0.906  -3.335  -2.354  1.00 0.00 ? 7  GLU A CD   3  
ATOM 457  O OE1  . GLU A 1 7  ? -0.108 -3.272  -1.629  1.00 0.00 ? 7  GLU A OE1  3  
ATOM 458  O OE2  . GLU A 1 7  ? 1.188  -4.334  -3.051  1.00 0.00 ? 7  GLU A OE2  3  
ATOM 459  H H    . GLU A 1 7  ? 0.808  0.085   0.169   1.00 0.00 ? 7  GLU A H    3  
ATOM 460  H HA   . GLU A 1 7  ? 0.921  -2.185  0.041   1.00 0.00 ? 7  GLU A HA   3  
ATOM 461  H HB2  . GLU A 1 7  ? 3.421  -1.244  -1.292  1.00 0.00 ? 7  GLU A HB2  3  
ATOM 462  H HB3  . GLU A 1 7  ? 3.224  -2.968  -1.007  1.00 0.00 ? 7  GLU A HB3  3  
ATOM 463  H HG2  . GLU A 1 7  ? 1.250  -1.243  -2.486  1.00 0.00 ? 7  GLU A HG2  3  
ATOM 464  H HG3  . GLU A 1 7  ? 2.490  -2.238  -3.250  1.00 0.00 ? 7  GLU A HG3  3  
ATOM 465  N N    . LEU A 1 8  ? 1.832  -2.656  2.370   1.00 0.00 ? 8  LEU A N    3  
ATOM 466  C CA   . LEU A 1 8  ? 2.390  -3.229  3.590   1.00 0.00 ? 8  LEU A CA   3  
ATOM 467  C C    . LEU A 1 8  ? 2.715  -4.706  3.398   1.00 0.00 ? 8  LEU A C    3  
ATOM 468  O O    . LEU A 1 8  ? 3.633  -5.236  4.025   1.00 0.00 ? 8  LEU A O    3  
ATOM 469  C CB   . LEU A 1 8  ? 1.410  -3.057  4.751   1.00 0.00 ? 8  LEU A CB   3  
ATOM 470  C CG   . LEU A 1 8  ? 0.047  -3.722  4.555   1.00 0.00 ? 8  LEU A CG   3  
ATOM 471  C CD1  . LEU A 1 8  ? 0.103  -5.186  4.964   1.00 0.00 ? 8  LEU A CD1  3  
ATOM 472  C CD2  . LEU A 1 8  ? -1.024 -2.985  5.345   1.00 0.00 ? 8  LEU A CD2  3  
ATOM 473  H H    . LEU A 1 8  ? 0.865  -2.518  2.304   1.00 0.00 ? 8  LEU A H    3  
ATOM 474  H HA   . LEU A 1 8  ? 3.302  -2.698  3.818   1.00 0.00 ? 8  LEU A HA   3  
ATOM 475  H HB2  . LEU A 1 8  ? 1.865  -3.470  5.641   1.00 0.00 ? 8  LEU A HB2  3  
ATOM 476  H HB3  . LEU A 1 8  ? 1.251  -2.000  4.907   1.00 0.00 ? 8  LEU A HB3  3  
ATOM 477  H HG   . LEU A 1 8  ? -0.220 -3.680  3.509   1.00 0.00 ? 8  LEU A HG   3  
ATOM 478  H HD11 . LEU A 1 8  ? 0.260  -5.798  4.089   1.00 0.00 ? 8  LEU A HD11 3  
ATOM 479  H HD12 . LEU A 1 8  ? -0.827 -5.463  5.437   1.00 0.00 ? 8  LEU A HD12 3  
ATOM 480  H HD13 . LEU A 1 8  ? 0.918  -5.334  5.658   1.00 0.00 ? 8  LEU A HD13 3  
ATOM 481  H HD21 . LEU A 1 8  ? -1.455 -2.210  4.731   1.00 0.00 ? 8  LEU A HD21 3  
ATOM 482  H HD22 . LEU A 1 8  ? -0.582 -2.544  6.226   1.00 0.00 ? 8  LEU A HD22 3  
ATOM 483  H HD23 . LEU A 1 8  ? -1.795 -3.682  5.639   1.00 0.00 ? 8  LEU A HD23 3  
ATOM 484  N N    . ASP A 1 9  ? 1.960  -5.368  2.527   1.00 0.00 ? 9  ASP A N    3  
ATOM 485  C CA   . ASP A 1 9  ? 2.169  -6.783  2.254   1.00 0.00 ? 9  ASP A CA   3  
ATOM 486  C C    . ASP A 1 9  ? 3.285  -6.982  1.234   1.00 0.00 ? 9  ASP A C    3  
ATOM 487  O O    . ASP A 1 9  ? 4.019  -7.971  1.286   1.00 0.00 ? 9  ASP A O    3  
ATOM 488  C CB   . ASP A 1 9  ? 0.875  -7.423  1.741   1.00 0.00 ? 9  ASP A CB   3  
ATOM 489  C CG   . ASP A 1 9  ? 0.967  -8.934  1.670   1.00 0.00 ? 9  ASP A CG   3  
ATOM 490  O OD1  . ASP A 1 9  ? 1.535  -9.448  0.682   1.00 0.00 ? 9  ASP A OD1  3  
ATOM 491  O OD2  . ASP A 1 9  ? 0.469  -9.604  2.598   1.00 0.00 ? 9  ASP A OD2  3  
ATOM 492  H H    . ASP A 1 9  ? 1.244  -4.891  2.056   1.00 0.00 ? 9  ASP A H    3  
ATOM 493  H HA   . ASP A 1 9  ? 2.453  -7.262  3.179   1.00 0.00 ? 9  ASP A HA   3  
ATOM 494  H HB2  . ASP A 1 9  ? 0.065  -7.162  2.404   1.00 0.00 ? 9  ASP A HB2  3  
ATOM 495  H HB3  . ASP A 1 9  ? 0.663  -7.044  0.753   1.00 0.00 ? 9  ASP A HB3  3  
ATOM 496  N N    . LEU A 1 10 ? 3.407  -6.039  0.307   1.00 0.00 ? 10 LEU A N    3  
ATOM 497  C CA   . LEU A 1 10 ? 4.434  -6.111  -0.727  1.00 0.00 ? 10 LEU A CA   3  
ATOM 498  C C    . LEU A 1 10 ? 5.771  -5.598  -0.201  1.00 0.00 ? 10 LEU A C    3  
ATOM 499  O O    . LEU A 1 10 ? 6.832  -6.099  -0.576  1.00 0.00 ? 10 LEU A O    3  
ATOM 500  C CB   . LEU A 1 10 ? 4.010  -5.302  -1.955  1.00 0.00 ? 10 LEU A CB   3  
ATOM 501  C CG   . LEU A 1 10 ? 4.387  -5.924  -3.300  1.00 0.00 ? 10 LEU A CG   3  
ATOM 502  C CD1  . LEU A 1 10 ? 3.493  -5.385  -4.405  1.00 0.00 ? 10 LEU A CD1  3  
ATOM 503  C CD2  . LEU A 1 10 ? 5.851  -5.656  -3.619  1.00 0.00 ? 10 LEU A CD2  3  
ATOM 504  H H    . LEU A 1 10 ? 2.792  -5.277  0.316   1.00 0.00 ? 10 LEU A H    3  
ATOM 505  H HA   . LEU A 1 10 ? 4.547  -7.146  -1.010  1.00 0.00 ? 10 LEU A HA   3  
ATOM 506  H HB2  . LEU A 1 10 ? 2.936  -5.181  -1.925  1.00 0.00 ? 10 LEU A HB2  3  
ATOM 507  H HB3  . LEU A 1 10 ? 4.467  -4.327  -1.893  1.00 0.00 ? 10 LEU A HB3  3  
ATOM 508  H HG   . LEU A 1 10 ? 4.244  -6.994  -3.248  1.00 0.00 ? 10 LEU A HG   3  
ATOM 509  H HD11 . LEU A 1 10 ? 3.165  -4.387  -4.151  1.00 0.00 ? 10 LEU A HD11 3  
ATOM 510  H HD12 . LEU A 1 10 ? 2.632  -6.028  -4.518  1.00 0.00 ? 10 LEU A HD12 3  
ATOM 511  H HD13 . LEU A 1 10 ? 4.043  -5.355  -5.333  1.00 0.00 ? 10 LEU A HD13 3  
ATOM 512  H HD21 . LEU A 1 10 ? 6.135  -6.215  -4.498  1.00 0.00 ? 10 LEU A HD21 3  
ATOM 513  H HD22 . LEU A 1 10 ? 6.462  -5.965  -2.783  1.00 0.00 ? 10 LEU A HD22 3  
ATOM 514  H HD23 . LEU A 1 10 ? 5.993  -4.601  -3.800  1.00 0.00 ? 10 LEU A HD23 3  
ATOM 515  N N    . GLY A 1 11 ? 5.714  -4.595  0.667   1.00 0.00 ? 11 GLY A N    3  
ATOM 516  C CA   . GLY A 1 11 ? 6.924  -4.029  1.230   1.00 0.00 ? 11 GLY A CA   3  
ATOM 517  C C    . GLY A 1 11 ? 6.703  -3.438  2.609   1.00 0.00 ? 11 GLY A C    3  
ATOM 518  O O    . GLY A 1 11 ? 7.301  -3.950  3.578   1.00 0.00 ? 11 GLY A O    3  
ATOM 519  O OXT  . GLY A 1 11 ? 5.933  -2.460  2.719   1.00 0.00 ? 11 GLY A OXT  3  
ATOM 520  H H    . GLY A 1 11 ? 4.839  -4.236  0.930   1.00 0.00 ? 11 GLY A H    3  
ATOM 521  H HA2  . GLY A 1 11 ? 7.673  -4.805  1.300   1.00 0.00 ? 11 GLY A HA2  3  
ATOM 522  H HA3  . GLY A 1 11 ? 7.286  -3.254  0.572   1.00 0.00 ? 11 GLY A HA3  3  
ATOM 523  N N    . GLU A 1 1  ? 0.633  4.128   -4.808  1.00 0.00 ? 1  GLU A N    4  
ATOM 524  C CA   . GLU A 1 1  ? -0.146 5.376   -4.596  1.00 0.00 ? 1  GLU A CA   4  
ATOM 525  C C    . GLU A 1 1  ? -1.644 5.093   -4.567  1.00 0.00 ? 1  GLU A C    4  
ATOM 526  O O    . GLU A 1 1  ? -2.081 3.980   -4.857  1.00 0.00 ? 1  GLU A O    4  
ATOM 527  C CB   . GLU A 1 1  ? 0.186  6.352   -5.728  1.00 0.00 ? 1  GLU A CB   4  
ATOM 528  C CG   . GLU A 1 1  ? 1.360  7.266   -5.418  1.00 0.00 ? 1  GLU A CG   4  
ATOM 529  C CD   . GLU A 1 1  ? 1.009  8.344   -4.412  1.00 0.00 ? 1  GLU A CD   4  
ATOM 530  O OE1  . GLU A 1 1  ? 0.218  9.247   -4.759  1.00 0.00 ? 1  GLU A OE1  4  
ATOM 531  O OE2  . GLU A 1 1  ? 1.527  8.287   -3.277  1.00 0.00 ? 1  GLU A OE2  4  
ATOM 532  H H1   . GLU A 1 1  ? 1.611  4.397   -5.037  1.00 0.00 ? 1  GLU A H1   4  
ATOM 533  H H2   . GLU A 1 1  ? 0.193  3.609   -5.595  1.00 0.00 ? 1  GLU A H2   4  
ATOM 534  H H3   . GLU A 1 1  ? 0.597  3.578   -3.925  1.00 0.00 ? 1  GLU A H3   4  
ATOM 535  H HA   . GLU A 1 1  ? 0.150  5.811   -3.653  1.00 0.00 ? 1  GLU A HA   4  
ATOM 536  H HB2  . GLU A 1 1  ? 0.421  5.788   -6.617  1.00 0.00 ? 1  GLU A HB2  4  
ATOM 537  H HB3  . GLU A 1 1  ? -0.680 6.968   -5.921  1.00 0.00 ? 1  GLU A HB3  4  
ATOM 538  H HG2  . GLU A 1 1  ? 2.167  6.673   -5.017  1.00 0.00 ? 1  GLU A HG2  4  
ATOM 539  H HG3  . GLU A 1 1  ? 1.682  7.740   -6.333  1.00 0.00 ? 1  GLU A HG3  4  
ATOM 540  N N    . GLU A 1 2  ? -2.425 6.109   -4.213  1.00 0.00 ? 2  GLU A N    4  
ATOM 541  C CA   . GLU A 1 2  ? -3.877 5.972   -4.146  1.00 0.00 ? 2  GLU A CA   4  
ATOM 542  C C    . GLU A 1 2  ? -4.280 4.875   -3.165  1.00 0.00 ? 2  GLU A C    4  
ATOM 543  O O    . GLU A 1 2  ? -5.340 4.266   -3.304  1.00 0.00 ? 2  GLU A O    4  
ATOM 544  C CB   . GLU A 1 2  ? -4.446 5.665   -5.531  1.00 0.00 ? 2  GLU A CB   4  
ATOM 545  C CG   . GLU A 1 2  ? -5.829 6.251   -5.764  1.00 0.00 ? 2  GLU A CG   4  
ATOM 546  C CD   . GLU A 1 2  ? -6.663 5.418   -6.720  1.00 0.00 ? 2  GLU A CD   4  
ATOM 547  O OE1  . GLU A 1 2  ? -6.075 4.618   -7.478  1.00 0.00 ? 2  GLU A OE1  4  
ATOM 548  O OE2  . GLU A 1 2  ? -7.903 5.565   -6.710  1.00 0.00 ? 2  GLU A OE2  4  
ATOM 549  H H    . GLU A 1 2  ? -2.016 6.972   -3.993  1.00 0.00 ? 2  GLU A H    4  
ATOM 550  H HA   . GLU A 1 2  ? -4.281 6.913   -3.801  1.00 0.00 ? 2  GLU A HA   4  
ATOM 551  H HB2  . GLU A 1 2  ? -3.779 6.065   -6.280  1.00 0.00 ? 2  GLU A HB2  4  
ATOM 552  H HB3  . GLU A 1 2  ? -4.507 4.593   -5.654  1.00 0.00 ? 2  GLU A HB3  4  
ATOM 553  H HG2  . GLU A 1 2  ? -6.345 6.307   -4.817  1.00 0.00 ? 2  GLU A HG2  4  
ATOM 554  H HG3  . GLU A 1 2  ? -5.722 7.244   -6.174  1.00 0.00 ? 2  GLU A HG3  4  
ATOM 555  N N    . LEU A 1 3  ? -3.431 4.629   -2.174  1.00 0.00 ? 3  LEU A N    4  
ATOM 556  C CA   . LEU A 1 3  ? -3.703 3.606   -1.171  1.00 0.00 ? 3  LEU A CA   4  
ATOM 557  C C    . LEU A 1 3  ? -3.357 4.108   0.229   1.00 0.00 ? 3  LEU A C    4  
ATOM 558  O O    . LEU A 1 3  ? -2.336 4.772   0.422   1.00 0.00 ? 3  LEU A O    4  
ATOM 559  C CB   . LEU A 1 3  ? -2.905 2.339   -1.479  1.00 0.00 ? 3  LEU A CB   4  
ATOM 560  C CG   . LEU A 1 3  ? -3.398 1.076   -0.774  1.00 0.00 ? 3  LEU A CG   4  
ATOM 561  C CD1  . LEU A 1 3  ? -4.698 0.591   -1.396  1.00 0.00 ? 3  LEU A CD1  4  
ATOM 562  C CD2  . LEU A 1 3  ? -2.338 -0.013  -0.832  1.00 0.00 ? 3  LEU A CD2  4  
ATOM 563  H H    . LEU A 1 3  ? -2.602 5.146   -2.113  1.00 0.00 ? 3  LEU A H    4  
ATOM 564  H HA   . LEU A 1 3  ? -4.755 3.377   -1.211  1.00 0.00 ? 3  LEU A HA   4  
ATOM 565  H HB2  . LEU A 1 3  ? -2.938 2.168   -2.545  1.00 0.00 ? 3  LEU A HB2  4  
ATOM 566  H HB3  . LEU A 1 3  ? -1.877 2.506   -1.191  1.00 0.00 ? 3  LEU A HB3  4  
ATOM 567  H HG   . LEU A 1 3  ? -3.590 1.302   0.266   1.00 0.00 ? 3  LEU A HG   4  
ATOM 568  H HD11 . LEU A 1 3  ? -5.355 1.434   -1.560  1.00 0.00 ? 3  LEU A HD11 4  
ATOM 569  H HD12 . LEU A 1 3  ? -5.175 -0.114  -0.732  1.00 0.00 ? 3  LEU A HD12 4  
ATOM 570  H HD13 . LEU A 1 3  ? -4.487 0.111   -2.341  1.00 0.00 ? 3  LEU A HD13 4  
ATOM 571  H HD21 . LEU A 1 3  ? -1.481 0.287   -0.247  1.00 0.00 ? 3  LEU A HD21 4  
ATOM 572  H HD22 . LEU A 1 3  ? -2.039 -0.172  -1.855  1.00 0.00 ? 3  LEU A HD22 4  
ATOM 573  H HD23 . LEU A 1 3  ? -2.742 -0.932  -0.430  1.00 0.00 ? 3  LEU A HD23 4  
ATOM 574  N N    . PRO A 1 4  ? -4.200 3.798   1.230   1.00 0.00 ? 4  PRO A N    4  
ATOM 575  C CA   . PRO A 1 4  ? -3.976 4.218   2.615   1.00 0.00 ? 4  PRO A CA   4  
ATOM 576  C C    . PRO A 1 4  ? -2.551 3.937   3.083   1.00 0.00 ? 4  PRO A C    4  
ATOM 577  O O    . PRO A 1 4  ? -2.035 4.613   3.974   1.00 0.00 ? 4  PRO A O    4  
ATOM 578  C CB   . PRO A 1 4  ? -4.987 3.384   3.424   1.00 0.00 ? 4  PRO A CB   4  
ATOM 579  C CG   . PRO A 1 4  ? -5.571 2.400   2.461   1.00 0.00 ? 4  PRO A CG   4  
ATOM 580  C CD   . PRO A 1 4  ? -5.432 3.014   1.100   1.00 0.00 ? 4  PRO A CD   4  
ATOM 581  H HA   . PRO A 1 4  ? -4.191 5.269   2.745   1.00 0.00 ? 4  PRO A HA   4  
ATOM 582  H HB2  . PRO A 1 4  ? -4.473 2.882   4.232   1.00 0.00 ? 4  PRO A HB2  4  
ATOM 583  H HB3  . PRO A 1 4  ? -5.747 4.035   3.829   1.00 0.00 ? 4  PRO A HB3  4  
ATOM 584  H HG2  . PRO A 1 4  ? -5.025 1.471   2.510   1.00 0.00 ? 4  PRO A HG2  4  
ATOM 585  H HG3  . PRO A 1 4  ? -6.613 2.235   2.692   1.00 0.00 ? 4  PRO A HG3  4  
ATOM 586  H HD2  . PRO A 1 4  ? -5.329 2.247   0.346   1.00 0.00 ? 4  PRO A HD2  4  
ATOM 587  H HD3  . PRO A 1 4  ? -6.277 3.652   0.882   1.00 0.00 ? 4  PRO A HD3  4  
ATOM 588  N N    . TRP A 1 5  ? -1.916 2.939   2.477   1.00 0.00 ? 5  TRP A N    4  
ATOM 589  C CA   . TRP A 1 5  ? -0.549 2.572   2.830   1.00 0.00 ? 5  TRP A CA   4  
ATOM 590  C C    . TRP A 1 5  ? 0.304  2.391   1.578   1.00 0.00 ? 5  TRP A C    4  
ATOM 591  O O    . TRP A 1 5  ? -0.220 2.178   0.484   1.00 0.00 ? 5  TRP A O    4  
ATOM 592  C CB   . TRP A 1 5  ? -0.544 1.283   3.655   1.00 0.00 ? 5  TRP A CB   4  
ATOM 593  C CG   . TRP A 1 5  ? -1.212 0.137   2.959   1.00 0.00 ? 5  TRP A CG   4  
ATOM 594  C CD1  . TRP A 1 5  ? -0.667 -0.675  2.014   1.00 0.00 ? 5  TRP A CD1  4  
ATOM 595  C CD2  . TRP A 1 5  ? -2.550 -0.321  3.159   1.00 0.00 ? 5  TRP A CD2  4  
ATOM 596  N NE1  . TRP A 1 5  ? -1.587 -1.612  1.606   1.00 0.00 ? 5  TRP A NE1  4  
ATOM 597  C CE2  . TRP A 1 5  ? -2.754 -1.414  2.296   1.00 0.00 ? 5  TRP A CE2  4  
ATOM 598  C CE3  . TRP A 1 5  ? -3.594 0.091   3.980   1.00 0.00 ? 5  TRP A CE3  4  
ATOM 599  C CZ2  . TRP A 1 5  ? -3.963 -2.101  2.238   1.00 0.00 ? 5  TRP A CZ2  4  
ATOM 600  C CZ3  . TRP A 1 5  ? -4.797 -0.586  3.924   1.00 0.00 ? 5  TRP A CZ3  4  
ATOM 601  C CH2  . TRP A 1 5  ? -4.973 -1.674  3.058   1.00 0.00 ? 5  TRP A CH2  4  
ATOM 602  H H    . TRP A 1 5  ? -2.380 2.436   1.774   1.00 0.00 ? 5  TRP A H    4  
ATOM 603  H HA   . TRP A 1 5  ? -0.134 3.371   3.424   1.00 0.00 ? 5  TRP A HA   4  
ATOM 604  H HB2  . TRP A 1 5  ? 0.477  0.999   3.861   1.00 0.00 ? 5  TRP A HB2  4  
ATOM 605  H HB3  . TRP A 1 5  ? -1.061 1.457   4.587   1.00 0.00 ? 5  TRP A HB3  4  
ATOM 606  H HD1  . TRP A 1 5  ? 0.338  -0.582  1.647   1.00 0.00 ? 5  TRP A HD1  4  
ATOM 607  H HE1  . TRP A 1 5  ? -1.433 -2.306  0.934   1.00 0.00 ? 5  TRP A HE1  4  
ATOM 608  H HE3  . TRP A 1 5  ? -3.470 0.925   4.650   1.00 0.00 ? 5  TRP A HE3  4  
ATOM 609  H HZ2  . TRP A 1 5  ? -4.113 -2.940  1.577   1.00 0.00 ? 5  TRP A HZ2  4  
ATOM 610  H HZ3  . TRP A 1 5  ? -5.617 -0.280  4.555   1.00 0.00 ? 5  TRP A HZ3  4  
ATOM 611  H HH2  . TRP A 1 5  ? -5.928 -2.175  3.047   1.00 0.00 ? 5  TRP A HH2  4  
ATOM 612  N N    . ASP A 1 6  ? 1.620  2.478   1.746   1.00 0.00 ? 6  ASP A N    4  
ATOM 613  C CA   . ASP A 1 6  ? 2.544  2.324   0.627   1.00 0.00 ? 6  ASP A CA   4  
ATOM 614  C C    . ASP A 1 6  ? 2.633  0.863   0.194   1.00 0.00 ? 6  ASP A C    4  
ATOM 615  O O    . ASP A 1 6  ? 2.215  0.505   -0.908  1.00 0.00 ? 6  ASP A O    4  
ATOM 616  C CB   . ASP A 1 6  ? 3.934  2.841   1.007   1.00 0.00 ? 6  ASP A CB   4  
ATOM 617  C CG   . ASP A 1 6  ? 4.587  3.621   -0.118  1.00 0.00 ? 6  ASP A CG   4  
ATOM 618  O OD1  . ASP A 1 6  ? 3.853  4.184   -0.955  1.00 0.00 ? 6  ASP A OD1  4  
ATOM 619  O OD2  . ASP A 1 6  ? 5.835  3.669   -0.157  1.00 0.00 ? 6  ASP A OD2  4  
ATOM 620  H H    . ASP A 1 6  ? 1.979  2.650   2.642   1.00 0.00 ? 6  ASP A H    4  
ATOM 621  H HA   . ASP A 1 6  ? 2.166  2.908   -0.199  1.00 0.00 ? 6  ASP A HA   4  
ATOM 622  H HB2  . ASP A 1 6  ? 3.846  3.490   1.866   1.00 0.00 ? 6  ASP A HB2  4  
ATOM 623  H HB3  . ASP A 1 6  ? 4.568  2.003   1.257   1.00 0.00 ? 6  ASP A HB3  4  
ATOM 624  N N    . GLU A 1 7  ? 3.176  0.025   1.071   1.00 0.00 ? 7  GLU A N    4  
ATOM 625  C CA   . GLU A 1 7  ? 3.317  -1.398  0.783   1.00 0.00 ? 7  GLU A CA   4  
ATOM 626  C C    . GLU A 1 7  ? 2.211  -2.199  1.464   1.00 0.00 ? 7  GLU A C    4  
ATOM 627  O O    . GLU A 1 7  ? 1.892  -1.963  2.629   1.00 0.00 ? 7  GLU A O    4  
ATOM 628  C CB   . GLU A 1 7  ? 4.687  -1.901  1.246   1.00 0.00 ? 7  GLU A CB   4  
ATOM 629  C CG   . GLU A 1 7  ? 4.910  -1.766  2.743   1.00 0.00 ? 7  GLU A CG   4  
ATOM 630  C CD   . GLU A 1 7  ? 4.744  -3.080  3.480   1.00 0.00 ? 7  GLU A CD   4  
ATOM 631  O OE1  . GLU A 1 7  ? 5.062  -4.135  2.890   1.00 0.00 ? 7  GLU A OE1  4  
ATOM 632  O OE2  . GLU A 1 7  ? 4.295  -3.054  4.645   1.00 0.00 ? 7  GLU A OE2  4  
ATOM 633  H H    . GLU A 1 7  ? 3.487  0.370   1.933   1.00 0.00 ? 7  GLU A H    4  
ATOM 634  H HA   . GLU A 1 7  ? 3.236  -1.531  -0.285  1.00 0.00 ? 7  GLU A HA   4  
ATOM 635  H HB2  . GLU A 1 7  ? 4.781  -2.945  0.983   1.00 0.00 ? 7  GLU A HB2  4  
ATOM 636  H HB3  . GLU A 1 7  ? 5.454  -1.339  0.736   1.00 0.00 ? 7  GLU A HB3  4  
ATOM 637  H HG2  . GLU A 1 7  ? 5.912  -1.402  2.913   1.00 0.00 ? 7  GLU A HG2  4  
ATOM 638  H HG3  . GLU A 1 7  ? 4.198  -1.054  3.139   1.00 0.00 ? 7  GLU A HG3  4  
ATOM 639  N N    . LEU A 1 8  ? 1.630  -3.142  0.731   1.00 0.00 ? 8  LEU A N    4  
ATOM 640  C CA   . LEU A 1 8  ? 0.561  -3.973  1.271   1.00 0.00 ? 8  LEU A CA   4  
ATOM 641  C C    . LEU A 1 8  ? 1.129  -5.195  1.988   1.00 0.00 ? 8  LEU A C    4  
ATOM 642  O O    . LEU A 1 8  ? 0.741  -6.331  1.707   1.00 0.00 ? 8  LEU A O    4  
ATOM 643  C CB   . LEU A 1 8  ? -0.388 -4.414  0.153   1.00 0.00 ? 8  LEU A CB   4  
ATOM 644  C CG   . LEU A 1 8  ? -1.813 -4.741  0.606   1.00 0.00 ? 8  LEU A CG   4  
ATOM 645  C CD1  . LEU A 1 8  ? -2.828 -4.179  -0.377  1.00 0.00 ? 8  LEU A CD1  4  
ATOM 646  C CD2  . LEU A 1 8  ? -1.994 -6.247  0.762   1.00 0.00 ? 8  LEU A CD2  4  
ATOM 647  H H    . LEU A 1 8  ? 1.926  -3.283  -0.191  1.00 0.00 ? 8  LEU A H    4  
ATOM 648  H HA   . LEU A 1 8  ? 0.008  -3.380  1.985   1.00 0.00 ? 8  LEU A HA   4  
ATOM 649  H HB2  . LEU A 1 8  ? -0.437 -3.620  -0.579  1.00 0.00 ? 8  LEU A HB2  4  
ATOM 650  H HB3  . LEU A 1 8  ? 0.028  -5.290  -0.319  1.00 0.00 ? 8  LEU A HB3  4  
ATOM 651  H HG   . LEU A 1 8  ? -1.994 -4.282  1.567   1.00 0.00 ? 8  LEU A HG   4  
ATOM 652  H HD11 . LEU A 1 8  ? -3.816 -4.220  0.060   1.00 0.00 ? 8  LEU A HD11 4  
ATOM 653  H HD12 . LEU A 1 8  ? -2.814 -4.763  -1.286  1.00 0.00 ? 8  LEU A HD12 4  
ATOM 654  H HD13 . LEU A 1 8  ? -2.580 -3.152  -0.606  1.00 0.00 ? 8  LEU A HD13 4  
ATOM 655  H HD21 . LEU A 1 8  ? -2.116 -6.487  1.807   1.00 0.00 ? 8  LEU A HD21 4  
ATOM 656  H HD22 . LEU A 1 8  ? -1.124 -6.756  0.374   1.00 0.00 ? 8  LEU A HD22 4  
ATOM 657  H HD23 . LEU A 1 8  ? -2.869 -6.565  0.215   1.00 0.00 ? 8  LEU A HD23 4  
ATOM 658  N N    . ASP A 1 9  ? 2.052  -4.955  2.914   1.00 0.00 ? 9  ASP A N    4  
ATOM 659  C CA   . ASP A 1 9  ? 2.675  -6.035  3.673   1.00 0.00 ? 9  ASP A CA   4  
ATOM 660  C C    . ASP A 1 9  ? 3.315  -7.058  2.739   1.00 0.00 ? 9  ASP A C    4  
ATOM 661  O O    . ASP A 1 9  ? 3.056  -8.259  2.843   1.00 0.00 ? 9  ASP A O    4  
ATOM 662  C CB   . ASP A 1 9  ? 1.640  -6.715  4.570   1.00 0.00 ? 9  ASP A CB   4  
ATOM 663  C CG   . ASP A 1 9  ? 2.252  -7.792  5.445   1.00 0.00 ? 9  ASP A CG   4  
ATOM 664  O OD1  . ASP A 1 9  ? 3.481  -7.756  5.659   1.00 0.00 ? 9  ASP A OD1  4  
ATOM 665  O OD2  . ASP A 1 9  ? 1.502  -8.673  5.915   1.00 0.00 ? 9  ASP A OD2  4  
ATOM 666  H H    . ASP A 1 9  ? 2.319  -4.031  3.094   1.00 0.00 ? 9  ASP A H    4  
ATOM 667  H HA   . ASP A 1 9  ? 3.445  -5.602  4.293   1.00 0.00 ? 9  ASP A HA   4  
ATOM 668  H HB2  . ASP A 1 9  ? 1.184  -5.975  5.209   1.00 0.00 ? 9  ASP A HB2  4  
ATOM 669  H HB3  . ASP A 1 9  ? 0.879  -7.169  3.952   1.00 0.00 ? 9  ASP A HB3  4  
ATOM 670  N N    . LEU A 1 10 ? 4.152  -6.577  1.827   1.00 0.00 ? 10 LEU A N    4  
ATOM 671  C CA   . LEU A 1 10 ? 4.828  -7.450  0.874   1.00 0.00 ? 10 LEU A CA   4  
ATOM 672  C C    . LEU A 1 10 ? 3.817  -8.168  -0.013  1.00 0.00 ? 10 LEU A C    4  
ATOM 673  O O    . LEU A 1 10 ? 3.948  -9.364  -0.280  1.00 0.00 ? 10 LEU A O    4  
ATOM 674  C CB   . LEU A 1 10 ? 5.696  -8.472  1.612   1.00 0.00 ? 10 LEU A CB   4  
ATOM 675  C CG   . LEU A 1 10 ? 6.920  -8.963  0.837   1.00 0.00 ? 10 LEU A CG   4  
ATOM 676  C CD1  . LEU A 1 10 ? 8.139  -8.119  1.174   1.00 0.00 ? 10 LEU A CD1  4  
ATOM 677  C CD2  . LEU A 1 10 ? 7.187  -10.431 1.136   1.00 0.00 ? 10 LEU A CD2  4  
ATOM 678  H H    . LEU A 1 10 ? 4.320  -5.611  1.793   1.00 0.00 ? 10 LEU A H    4  
ATOM 679  H HA   . LEU A 1 10 ? 5.462  -6.835  0.252   1.00 0.00 ? 10 LEU A HA   4  
ATOM 680  H HB2  . LEU A 1 10 ? 6.035  -8.025  2.536   1.00 0.00 ? 10 LEU A HB2  4  
ATOM 681  H HB3  . LEU A 1 10 ? 5.083  -9.327  1.850   1.00 0.00 ? 10 LEU A HB3  4  
ATOM 682  H HG   . LEU A 1 10 ? 6.731  -8.867  -0.222  1.00 0.00 ? 10 LEU A HG   4  
ATOM 683  H HD11 . LEU A 1 10 ? 8.766  -8.026  0.299   1.00 0.00 ? 10 LEU A HD11 4  
ATOM 684  H HD12 . LEU A 1 10 ? 8.697  -8.592  1.968   1.00 0.00 ? 10 LEU A HD12 4  
ATOM 685  H HD13 . LEU A 1 10 ? 7.821  -7.137  1.493   1.00 0.00 ? 10 LEU A HD13 4  
ATOM 686  H HD21 . LEU A 1 10 ? 8.252  -10.615 1.118   1.00 0.00 ? 10 LEU A HD21 4  
ATOM 687  H HD22 . LEU A 1 10 ? 6.701  -11.046 0.393   1.00 0.00 ? 10 LEU A HD22 4  
ATOM 688  H HD23 . LEU A 1 10 ? 6.798  -10.675 2.115   1.00 0.00 ? 10 LEU A HD23 4  
ATOM 689  N N    . GLY A 1 11 ? 2.807  -7.433  -0.466  1.00 0.00 ? 11 GLY A N    4  
ATOM 690  C CA   . GLY A 1 11 ? 1.788  -8.018  -1.318  1.00 0.00 ? 11 GLY A CA   4  
ATOM 691  C C    . GLY A 1 11 ? 0.893  -6.973  -1.953  1.00 0.00 ? 11 GLY A C    4  
ATOM 692  O O    . GLY A 1 11 ? 1.425  -6.058  -2.614  1.00 0.00 ? 11 GLY A O    4  
ATOM 693  O OXT  . GLY A 1 11 ? -0.342 -7.071  -1.792  1.00 0.00 ? 11 GLY A OXT  4  
ATOM 694  H H    . GLY A 1 11 ? 2.753  -6.486  -0.219  1.00 0.00 ? 11 GLY A H    4  
ATOM 695  H HA2  . GLY A 1 11 ? 2.268  -8.588  -2.098  1.00 0.00 ? 11 GLY A HA2  4  
ATOM 696  H HA3  . GLY A 1 11 ? 1.179  -8.685  -0.725  1.00 0.00 ? 11 GLY A HA3  4  
ATOM 697  N N    . GLU A 1 1  ? -4.768 5.875   -7.936  1.00 0.00 ? 1  GLU A N    5  
ATOM 698  C CA   . GLU A 1 1  ? -4.534 4.702   -7.053  1.00 0.00 ? 1  GLU A CA   5  
ATOM 699  C C    . GLU A 1 1  ? -4.082 5.138   -5.663  1.00 0.00 ? 1  GLU A C    5  
ATOM 700  O O    . GLU A 1 1  ? -2.954 4.866   -5.252  1.00 0.00 ? 1  GLU A O    5  
ATOM 701  C CB   . GLU A 1 1  ? -3.473 3.811   -7.701  1.00 0.00 ? 1  GLU A CB   5  
ATOM 702  C CG   . GLU A 1 1  ? -3.455 2.392   -7.156  1.00 0.00 ? 1  GLU A CG   5  
ATOM 703  C CD   . GLU A 1 1  ? -2.825 1.405   -8.121  1.00 0.00 ? 1  GLU A CD   5  
ATOM 704  O OE1  . GLU A 1 1  ? -1.580 1.372   -8.206  1.00 0.00 ? 1  GLU A OE1  5  
ATOM 705  O OE2  . GLU A 1 1  ? -3.577 0.667   -8.791  1.00 0.00 ? 1  GLU A OE2  5  
ATOM 706  H H1   . GLU A 1 1  ? -3.842 6.221   -8.258  1.00 0.00 ? 1  GLU A H1   5  
ATOM 707  H H2   . GLU A 1 1  ? -5.265 6.598   -7.376  1.00 0.00 ? 1  GLU A H2   5  
ATOM 708  H H3   . GLU A 1 1  ? -5.348 5.557   -8.739  1.00 0.00 ? 1  GLU A H3   5  
ATOM 709  H HA   . GLU A 1 1  ? -5.458 4.149   -6.966  1.00 0.00 ? 1  GLU A HA   5  
ATOM 710  H HB2  . GLU A 1 1  ? -3.658 3.763   -8.764  1.00 0.00 ? 1  GLU A HB2  5  
ATOM 711  H HB3  . GLU A 1 1  ? -2.500 4.249   -7.534  1.00 0.00 ? 1  GLU A HB3  5  
ATOM 712  H HG2  . GLU A 1 1  ? -2.891 2.378   -6.235  1.00 0.00 ? 1  GLU A HG2  5  
ATOM 713  H HG3  . GLU A 1 1  ? -4.470 2.082   -6.960  1.00 0.00 ? 1  GLU A HG3  5  
ATOM 714  N N    . GLU A 1 2  ? -4.970 5.815   -4.942  1.00 0.00 ? 2  GLU A N    5  
ATOM 715  C CA   . GLU A 1 2  ? -4.661 6.287   -3.598  1.00 0.00 ? 2  GLU A CA   5  
ATOM 716  C C    . GLU A 1 2  ? -4.971 5.212   -2.562  1.00 0.00 ? 2  GLU A C    5  
ATOM 717  O O    . GLU A 1 2  ? -6.133 4.961   -2.243  1.00 0.00 ? 2  GLU A O    5  
ATOM 718  C CB   . GLU A 1 2  ? -5.452 7.560   -3.287  1.00 0.00 ? 2  GLU A CB   5  
ATOM 719  C CG   . GLU A 1 2  ? -4.649 8.837   -3.477  1.00 0.00 ? 2  GLU A CG   5  
ATOM 720  C CD   . GLU A 1 2  ? -4.179 9.430   -2.163  1.00 0.00 ? 2  GLU A CD   5  
ATOM 721  O OE1  . GLU A 1 2  ? -4.144 8.690   -1.155  1.00 0.00 ? 2  GLU A OE1  5  
ATOM 722  O OE2  . GLU A 1 2  ? -3.847 10.635  -2.140  1.00 0.00 ? 2  GLU A OE2  5  
ATOM 723  H H    . GLU A 1 2  ? -5.853 6.001   -5.323  1.00 0.00 ? 2  GLU A H    5  
ATOM 724  H HA   . GLU A 1 2  ? -3.606 6.513   -3.561  1.00 0.00 ? 2  GLU A HA   5  
ATOM 725  H HB2  . GLU A 1 2  ? -6.313 7.602   -3.937  1.00 0.00 ? 2  GLU A HB2  5  
ATOM 726  H HB3  . GLU A 1 2  ? -5.790 7.521   -2.261  1.00 0.00 ? 2  GLU A HB3  5  
ATOM 727  H HG2  . GLU A 1 2  ? -3.783 8.615   -4.082  1.00 0.00 ? 2  GLU A HG2  5  
ATOM 728  H HG3  . GLU A 1 2  ? -5.267 9.564   -3.984  1.00 0.00 ? 2  GLU A HG3  5  
ATOM 729  N N    . LEU A 1 3  ? -3.925 4.577   -2.045  1.00 0.00 ? 3  LEU A N    5  
ATOM 730  C CA   . LEU A 1 3  ? -4.085 3.526   -1.047  1.00 0.00 ? 3  LEU A CA   5  
ATOM 731  C C    . LEU A 1 3  ? -3.543 3.973   0.311   1.00 0.00 ? 3  LEU A C    5  
ATOM 732  O O    . LEU A 1 3  ? -2.496 4.615   0.387   1.00 0.00 ? 3  LEU A O    5  
ATOM 733  C CB   . LEU A 1 3  ? -3.367 2.253   -1.500  1.00 0.00 ? 3  LEU A CB   5  
ATOM 734  C CG   . LEU A 1 3  ? -3.730 0.988   -0.722  1.00 0.00 ? 3  LEU A CG   5  
ATOM 735  C CD1  . LEU A 1 3  ? -5.086 0.461   -1.163  1.00 0.00 ? 3  LEU A CD1  5  
ATOM 736  C CD2  . LEU A 1 3  ? -2.657 -0.075  -0.903  1.00 0.00 ? 3  LEU A CD2  5  
ATOM 737  H H    . LEU A 1 3  ? -3.023 4.822   -2.340  1.00 0.00 ? 3  LEU A H    5  
ATOM 738  H HA   . LEU A 1 3  ? -5.140 3.318   -0.951  1.00 0.00 ? 3  LEU A HA   5  
ATOM 739  H HB2  . LEU A 1 3  ? -3.598 2.088   -2.543  1.00 0.00 ? 3  LEU A HB2  5  
ATOM 740  H HB3  . LEU A 1 3  ? -2.303 2.413   -1.407  1.00 0.00 ? 3  LEU A HB3  5  
ATOM 741  H HG   . LEU A 1 3  ? -3.791 1.226   0.331   1.00 0.00 ? 3  LEU A HG   5  
ATOM 742  H HD11 . LEU A 1 3  ? -4.950 -0.275  -1.942  1.00 0.00 ? 3  LEU A HD11 5  
ATOM 743  H HD12 . LEU A 1 3  ? -5.685 1.277   -1.538  1.00 0.00 ? 3  LEU A HD12 5  
ATOM 744  H HD13 . LEU A 1 3  ? -5.586 0.004   -0.321  1.00 0.00 ? 3  LEU A HD13 5  
ATOM 745  H HD21 . LEU A 1 3  ? -1.766 0.217   -0.369  1.00 0.00 ? 3  LEU A HD21 5  
ATOM 746  H HD22 . LEU A 1 3  ? -2.428 -0.178  -1.953  1.00 0.00 ? 3  LEU A HD22 5  
ATOM 747  H HD23 . LEU A 1 3  ? -3.014 -1.018  -0.518  1.00 0.00 ? 3  LEU A HD23 5  
ATOM 748  N N    . PRO A 1 4  ? -4.250 3.636   1.405   1.00 0.00 ? 4  PRO A N    5  
ATOM 749  C CA   . PRO A 1 4  ? -3.835 4.004   2.763   1.00 0.00 ? 4  PRO A CA   5  
ATOM 750  C C    . PRO A 1 4  ? -2.374 3.655   3.037   1.00 0.00 ? 4  PRO A C    5  
ATOM 751  O O    . PRO A 1 4  ? -1.726 4.280   3.875   1.00 0.00 ? 4  PRO A O    5  
ATOM 752  C CB   . PRO A 1 4  ? -4.764 3.179   3.671   1.00 0.00 ? 4  PRO A CB   5  
ATOM 753  C CG   . PRO A 1 4  ? -5.477 2.227   2.767   1.00 0.00 ? 4  PRO A CG   5  
ATOM 754  C CD   . PRO A 1 4  ? -5.503 2.873   1.415   1.00 0.00 ? 4  PRO A CD   5  
ATOM 755  H HA   . PRO A 1 4  ? -3.989 5.055   2.949   1.00 0.00 ? 4  PRO A HA   5  
ATOM 756  H HB2  . PRO A 1 4  ? -4.175 2.655   4.409   1.00 0.00 ? 4  PRO A HB2  5  
ATOM 757  H HB3  . PRO A 1 4  ? -5.458 3.842   4.169   1.00 0.00 ? 4  PRO A HB3  5  
ATOM 758  H HG2  . PRO A 1 4  ? -4.943 1.290   2.724   1.00 0.00 ? 4  PRO A HG2  5  
ATOM 759  H HG3  . PRO A 1 4  ? -6.485 2.066   3.125   1.00 0.00 ? 4  PRO A HG3  5  
ATOM 760  H HD2  . PRO A 1 4  ? -5.511 2.126   0.636   1.00 0.00 ? 4  PRO A HD2  5  
ATOM 761  H HD3  . PRO A 1 4  ? -6.356 3.530   1.323   1.00 0.00 ? 4  PRO A HD3  5  
ATOM 762  N N    . TRP A 1 5  ? -1.861 2.657   2.323   1.00 0.00 ? 5  TRP A N    5  
ATOM 763  C CA   . TRP A 1 5  ? -0.477 2.232   2.492   1.00 0.00 ? 5  TRP A CA   5  
ATOM 764  C C    . TRP A 1 5  ? 0.207  2.060   1.140   1.00 0.00 ? 5  TRP A C    5  
ATOM 765  O O    . TRP A 1 5  ? -0.450 2.036   0.099   1.00 0.00 ? 5  TRP A O    5  
ATOM 766  C CB   . TRP A 1 5  ? -0.413 0.923   3.279   1.00 0.00 ? 5  TRP A CB   5  
ATOM 767  C CG   . TRP A 1 5  ? -1.235 -0.176  2.674   1.00 0.00 ? 5  TRP A CG   5  
ATOM 768  C CD1  . TRP A 1 5  ? -0.881 -0.986  1.640   1.00 0.00 ? 5  TRP A CD1  5  
ATOM 769  C CD2  . TRP A 1 5  ? -2.545 -0.582  3.071   1.00 0.00 ? 5  TRP A CD2  5  
ATOM 770  N NE1  . TRP A 1 5  ? -1.895 -1.874  1.366   1.00 0.00 ? 5  TRP A NE1  5  
ATOM 771  C CE2  . TRP A 1 5  ? -2.928 -1.643  2.233   1.00 0.00 ? 5  TRP A CE2  5  
ATOM 772  C CE3  . TRP A 1 5  ? -3.427 -0.146  4.054   1.00 0.00 ? 5  TRP A CE3  5  
ATOM 773  C CZ2  . TRP A 1 5  ? -4.163 -2.278  2.354   1.00 0.00 ? 5  TRP A CZ2  5  
ATOM 774  C CZ3  . TRP A 1 5  ? -4.654 -0.772  4.176   1.00 0.00 ? 5  TRP A CZ3  5  
ATOM 775  C CH2  . TRP A 1 5  ? -5.012 -1.830  3.330   1.00 0.00 ? 5  TRP A CH2  5  
ATOM 776  H H    . TRP A 1 5  ? -2.427 2.198   1.668   1.00 0.00 ? 5  TRP A H    5  
ATOM 777  H HA   . TRP A 1 5  ? 0.039  3.000   3.046   1.00 0.00 ? 5  TRP A HA   5  
ATOM 778  H HB2  . TRP A 1 5  ? 0.611  0.586   3.324   1.00 0.00 ? 5  TRP A HB2  5  
ATOM 779  H HB3  . TRP A 1 5  ? -0.775 1.096   4.282   1.00 0.00 ? 5  TRP A HB3  5  
ATOM 780  H HD1  . TRP A 1 5  ? 0.059  -0.926  1.121   1.00 0.00 ? 5  TRP A HD1  5  
ATOM 781  H HE1  . TRP A 1 5  ? -1.878 -2.558  0.665   1.00 0.00 ? 5  TRP A HE1  5  
ATOM 782  H HE3  . TRP A 1 5  ? -3.165 0.665   4.711   1.00 0.00 ? 5  TRP A HE3  5  
ATOM 783  H HZ2  . TRP A 1 5  ? -4.452 -3.095  1.709   1.00 0.00 ? 5  TRP A HZ2  5  
ATOM 784  H HZ3  . TRP A 1 5  ? -5.351 -0.447  4.934   1.00 0.00 ? 5  TRP A HZ3  5  
ATOM 785  H HH2  . TRP A 1 5  ? -5.980 -2.290  3.458   1.00 0.00 ? 5  TRP A HH2  5  
ATOM 786  N N    . ASP A 1 6  ? 1.531  1.939   1.161   1.00 0.00 ? 6  ASP A N    5  
ATOM 787  C CA   . ASP A 1 6  ? 2.304  1.770   -0.062  1.00 0.00 ? 6  ASP A CA   5  
ATOM 788  C C    . ASP A 1 6  ? 2.952  0.389   -0.111  1.00 0.00 ? 6  ASP A C    5  
ATOM 789  O O    . ASP A 1 6  ? 3.010  -0.242  -1.167  1.00 0.00 ? 6  ASP A O    5  
ATOM 790  C CB   . ASP A 1 6  ? 3.379  2.852   -0.164  1.00 0.00 ? 6  ASP A CB   5  
ATOM 791  C CG   . ASP A 1 6  ? 3.585  3.331   -1.589  1.00 0.00 ? 6  ASP A CG   5  
ATOM 792  O OD1  . ASP A 1 6  ? 4.076  2.536   -2.416  1.00 0.00 ? 6  ASP A OD1  5  
ATOM 793  O OD2  . ASP A 1 6  ? 3.253  4.500   -1.876  1.00 0.00 ? 6  ASP A OD2  5  
ATOM 794  H H    . ASP A 1 6  ? 1.998  1.967   2.024   1.00 0.00 ? 6  ASP A H    5  
ATOM 795  H HA   . ASP A 1 6  ? 1.628  1.867   -0.898  1.00 0.00 ? 6  ASP A HA   5  
ATOM 796  H HB2  . ASP A 1 6  ? 3.089  3.697   0.441   1.00 0.00 ? 6  ASP A HB2  5  
ATOM 797  H HB3  . ASP A 1 6  ? 4.317  2.458   0.203   1.00 0.00 ? 6  ASP A HB3  5  
ATOM 798  N N    . GLU A 1 7  ? 3.436  -0.075  1.036   1.00 0.00 ? 7  GLU A N    5  
ATOM 799  C CA   . GLU A 1 7  ? 4.079  -1.380  1.121   1.00 0.00 ? 7  GLU A CA   5  
ATOM 800  C C    . GLU A 1 7  ? 3.643  -2.121  2.383   1.00 0.00 ? 7  GLU A C    5  
ATOM 801  O O    . GLU A 1 7  ? 4.477  -2.563  3.176   1.00 0.00 ? 7  GLU A O    5  
ATOM 802  C CB   . GLU A 1 7  ? 5.601  -1.223  1.103   1.00 0.00 ? 7  GLU A CB   5  
ATOM 803  C CG   . GLU A 1 7  ? 6.135  -0.358  2.233   1.00 0.00 ? 7  GLU A CG   5  
ATOM 804  C CD   . GLU A 1 7  ? 7.629  -0.523  2.439   1.00 0.00 ? 7  GLU A CD   5  
ATOM 805  O OE1  . GLU A 1 7  ? 8.363  -0.587  1.429   1.00 0.00 ? 7  GLU A OE1  5  
ATOM 806  O OE2  . GLU A 1 7  ? 8.064  -0.588  3.608   1.00 0.00 ? 7  GLU A OE2  5  
ATOM 807  H H    . GLU A 1 7  ? 3.359  0.475   1.844   1.00 0.00 ? 7  GLU A H    5  
ATOM 808  H HA   . GLU A 1 7  ? 3.776  -1.955  0.260   1.00 0.00 ? 7  GLU A HA   5  
ATOM 809  H HB2  . GLU A 1 7  ? 6.054  -2.200  1.184   1.00 0.00 ? 7  GLU A HB2  5  
ATOM 810  H HB3  . GLU A 1 7  ? 5.895  -0.776  0.166   1.00 0.00 ? 7  GLU A HB3  5  
ATOM 811  H HG2  . GLU A 1 7  ? 5.934  0.678   2.003   1.00 0.00 ? 7  GLU A HG2  5  
ATOM 812  H HG3  . GLU A 1 7  ? 5.628  -0.628  3.148   1.00 0.00 ? 7  GLU A HG3  5  
ATOM 813  N N    . LEU A 1 8  ? 2.332  -2.258  2.561   1.00 0.00 ? 8  LEU A N    5  
ATOM 814  C CA   . LEU A 1 8  ? 1.788  -2.948  3.724   1.00 0.00 ? 8  LEU A CA   5  
ATOM 815  C C    . LEU A 1 8  ? 1.610  -4.436  3.440   1.00 0.00 ? 8  LEU A C    5  
ATOM 816  O O    . LEU A 1 8  ? 1.710  -5.266  4.345   1.00 0.00 ? 8  LEU A O    5  
ATOM 817  C CB   . LEU A 1 8  ? 0.450  -2.329  4.130   1.00 0.00 ? 8  LEU A CB   5  
ATOM 818  C CG   . LEU A 1 8  ? -0.042 -2.709  5.530   1.00 0.00 ? 8  LEU A CG   5  
ATOM 819  C CD1  . LEU A 1 8  ? -0.587 -1.491  6.258   1.00 0.00 ? 8  LEU A CD1  5  
ATOM 820  C CD2  . LEU A 1 8  ? -1.103 -3.799  5.444   1.00 0.00 ? 8  LEU A CD2  5  
ATOM 821  H H    . LEU A 1 8  ? 1.719  -1.887  1.893   1.00 0.00 ? 8  LEU A H    5  
ATOM 822  H HA   . LEU A 1 8  ? 2.489  -2.829  4.536   1.00 0.00 ? 8  LEU A HA   5  
ATOM 823  H HB2  . LEU A 1 8  ? 0.546  -1.254  4.084   1.00 0.00 ? 8  LEU A HB2  5  
ATOM 824  H HB3  . LEU A 1 8  ? -0.298 -2.636  3.415   1.00 0.00 ? 8  LEU A HB3  5  
ATOM 825  H HG   . LEU A 1 8  ? 0.789  -3.096  6.102   1.00 0.00 ? 8  LEU A HG   5  
ATOM 826  H HD11 . LEU A 1 8  ? -0.015 -0.618  5.977   1.00 0.00 ? 8  LEU A HD11 5  
ATOM 827  H HD12 . LEU A 1 8  ? -0.509 -1.643  7.324   1.00 0.00 ? 8  LEU A HD12 5  
ATOM 828  H HD13 . LEU A 1 8  ? -1.622 -1.343  5.989   1.00 0.00 ? 8  LEU A HD13 5  
ATOM 829  H HD21 . LEU A 1 8  ? -0.975 -4.490  6.263   1.00 0.00 ? 8  LEU A HD21 5  
ATOM 830  H HD22 . LEU A 1 8  ? -1.001 -4.327  4.508   1.00 0.00 ? 8  LEU A HD22 5  
ATOM 831  H HD23 . LEU A 1 8  ? -2.083 -3.352  5.501   1.00 0.00 ? 8  LEU A HD23 5  
ATOM 832  N N    . ASP A 1 9  ? 1.342  -4.767  2.182   1.00 0.00 ? 9  ASP A N    5  
ATOM 833  C CA   . ASP A 1 9  ? 1.149  -6.158  1.783   1.00 0.00 ? 9  ASP A CA   5  
ATOM 834  C C    . ASP A 1 9  ? 1.463  -6.346  0.301   1.00 0.00 ? 9  ASP A C    5  
ATOM 835  O O    . ASP A 1 9  ? 0.571  -6.281  -0.546  1.00 0.00 ? 9  ASP A O    5  
ATOM 836  C CB   . ASP A 1 9  ? -0.287 -6.598  2.075   1.00 0.00 ? 9  ASP A CB   5  
ATOM 837  C CG   . ASP A 1 9  ? -0.351 -7.973  2.712   1.00 0.00 ? 9  ASP A CG   5  
ATOM 838  O OD1  . ASP A 1 9  ? 0.486  -8.257  3.595   1.00 0.00 ? 9  ASP A OD1  5  
ATOM 839  O OD2  . ASP A 1 9  ? -1.237 -8.764  2.327   1.00 0.00 ? 9  ASP A OD2  5  
ATOM 840  H H    . ASP A 1 9  ? 1.272  -4.061  1.505   1.00 0.00 ? 9  ASP A H    5  
ATOM 841  H HA   . ASP A 1 9  ? 1.827  -6.765  2.362   1.00 0.00 ? 9  ASP A HA   5  
ATOM 842  H HB2  . ASP A 1 9  ? -0.745 -5.890  2.748   1.00 0.00 ? 9  ASP A HB2  5  
ATOM 843  H HB3  . ASP A 1 9  ? -0.847 -6.623  1.151   1.00 0.00 ? 9  ASP A HB3  5  
ATOM 844  N N    . LEU A 1 10 ? 2.734  -6.582  -0.004  1.00 0.00 ? 10 LEU A N    5  
ATOM 845  C CA   . LEU A 1 10 ? 3.164  -6.782  -1.384  1.00 0.00 ? 10 LEU A CA   5  
ATOM 846  C C    . LEU A 1 10 ? 3.318  -8.267  -1.695  1.00 0.00 ? 10 LEU A C    5  
ATOM 847  O O    . LEU A 1 10 ? 4.234  -8.671  -2.411  1.00 0.00 ? 10 LEU A O    5  
ATOM 848  C CB   . LEU A 1 10 ? 4.486  -6.056  -1.639  1.00 0.00 ? 10 LEU A CB   5  
ATOM 849  C CG   . LEU A 1 10 ? 4.608  -4.679  -0.980  1.00 0.00 ? 10 LEU A CG   5  
ATOM 850  C CD1  . LEU A 1 10 ? 5.462  -4.762  0.275   1.00 0.00 ? 10 LEU A CD1  5  
ATOM 851  C CD2  . LEU A 1 10 ? 5.190  -3.667  -1.956  1.00 0.00 ? 10 LEU A CD2  5  
ATOM 852  H H    . LEU A 1 10 ? 3.399  -6.624  0.715   1.00 0.00 ? 10 LEU A H    5  
ATOM 853  H HA   . LEU A 1 10 ? 2.404  -6.369  -2.030  1.00 0.00 ? 10 LEU A HA   5  
ATOM 854  H HB2  . LEU A 1 10 ? 5.291  -6.679  -1.279  1.00 0.00 ? 10 LEU A HB2  5  
ATOM 855  H HB3  . LEU A 1 10 ? 4.602  -5.930  -2.706  1.00 0.00 ? 10 LEU A HB3  5  
ATOM 856  H HG   . LEU A 1 10 ? 3.624  -4.339  -0.691  1.00 0.00 ? 10 LEU A HG   5  
ATOM 857  H HD11 . LEU A 1 10 ? 5.049  -4.116  1.036   1.00 0.00 ? 10 LEU A HD11 5  
ATOM 858  H HD12 . LEU A 1 10 ? 6.471  -4.448  0.046   1.00 0.00 ? 10 LEU A HD12 5  
ATOM 859  H HD13 . LEU A 1 10 ? 5.476  -5.779  0.637   1.00 0.00 ? 10 LEU A HD13 5  
ATOM 860  H HD21 . LEU A 1 10 ? 5.798  -4.180  -2.686  1.00 0.00 ? 10 LEU A HD21 5  
ATOM 861  H HD22 . LEU A 1 10 ? 5.796  -2.955  -1.417  1.00 0.00 ? 10 LEU A HD22 5  
ATOM 862  H HD23 . LEU A 1 10 ? 4.386  -3.150  -2.457  1.00 0.00 ? 10 LEU A HD23 5  
ATOM 863  N N    . GLY A 1 11 ? 2.413  -9.077  -1.152  1.00 0.00 ? 11 GLY A N    5  
ATOM 864  C CA   . GLY A 1 11 ? 2.466  -10.509 -1.384  1.00 0.00 ? 11 GLY A CA   5  
ATOM 865  C C    . GLY A 1 11 ? 1.231  -11.223 -0.875  1.00 0.00 ? 11 GLY A C    5  
ATOM 866  O O    . GLY A 1 11 ? 0.849  -10.993 0.293   1.00 0.00 ? 11 GLY A O    5  
ATOM 867  O OXT  . GLY A 1 11 ? 0.642  -12.011 -1.644  1.00 0.00 ? 11 GLY A OXT  5  
ATOM 868  H H    . GLY A 1 11 ? 1.705  -8.698  -0.591  1.00 0.00 ? 11 GLY A H    5  
ATOM 869  H HA2  . GLY A 1 11 ? 2.561  -10.687 -2.444  1.00 0.00 ? 11 GLY A HA2  5  
ATOM 870  H HA3  . GLY A 1 11 ? 3.333  -10.911 -0.882  1.00 0.00 ? 11 GLY A HA3  5  
ATOM 871  N N    . GLU A 1 1  ? -3.375 5.283   -7.372  1.00 0.00 ? 1  GLU A N    6  
ATOM 872  C CA   . GLU A 1 1  ? -2.119 5.862   -6.825  1.00 0.00 ? 1  GLU A CA   6  
ATOM 873  C C    . GLU A 1 1  ? -2.401 6.745   -5.614  1.00 0.00 ? 1  GLU A C    6  
ATOM 874  O O    . GLU A 1 1  ? -1.915 7.874   -5.527  1.00 0.00 ? 1  GLU A O    6  
ATOM 875  C CB   . GLU A 1 1  ? -1.435 6.674   -7.928  1.00 0.00 ? 1  GLU A CB   6  
ATOM 876  C CG   . GLU A 1 1  ? 0.075  6.516   -7.953  1.00 0.00 ? 1  GLU A CG   6  
ATOM 877  C CD   . GLU A 1 1  ? 0.716  6.822   -6.614  1.00 0.00 ? 1  GLU A CD   6  
ATOM 878  O OE1  . GLU A 1 1  ? 0.697  5.939   -5.730  1.00 0.00 ? 1  GLU A OE1  6  
ATOM 879  O OE2  . GLU A 1 1  ? 1.237  7.945   -6.447  1.00 0.00 ? 1  GLU A OE2  6  
ATOM 880  H H1   . GLU A 1 1  ? -3.137 4.783   -8.251  1.00 0.00 ? 1  GLU A H1   6  
ATOM 881  H H2   . GLU A 1 1  ? -4.032 6.071   -7.553  1.00 0.00 ? 1  GLU A H2   6  
ATOM 882  H H3   . GLU A 1 1  ? -3.759 4.629   -6.662  1.00 0.00 ? 1  GLU A H3   6  
ATOM 883  H HA   . GLU A 1 1  ? -1.470 5.052   -6.527  1.00 0.00 ? 1  GLU A HA   6  
ATOM 884  H HB2  . GLU A 1 1  ? -1.826 6.359   -8.884  1.00 0.00 ? 1  GLU A HB2  6  
ATOM 885  H HB3  . GLU A 1 1  ? -1.664 7.721   -7.783  1.00 0.00 ? 1  GLU A HB3  6  
ATOM 886  H HG2  . GLU A 1 1  ? 0.314  5.498   -8.225  1.00 0.00 ? 1  GLU A HG2  6  
ATOM 887  H HG3  . GLU A 1 1  ? 0.484  7.189   -8.692  1.00 0.00 ? 1  GLU A HG3  6  
ATOM 888  N N    . GLU A 1 2  ? -3.188 6.225   -4.679  1.00 0.00 ? 2  GLU A N    6  
ATOM 889  C CA   . GLU A 1 2  ? -3.535 6.967   -3.472  1.00 0.00 ? 2  GLU A CA   6  
ATOM 890  C C    . GLU A 1 2  ? -4.067 6.030   -2.391  1.00 0.00 ? 2  GLU A C    6  
ATOM 891  O O    . GLU A 1 2  ? -5.057 6.334   -1.724  1.00 0.00 ? 2  GLU A O    6  
ATOM 892  C CB   . GLU A 1 2  ? -4.575 8.042   -3.792  1.00 0.00 ? 2  GLU A CB   6  
ATOM 893  C CG   . GLU A 1 2  ? -4.747 9.070   -2.685  1.00 0.00 ? 2  GLU A CG   6  
ATOM 894  C CD   . GLU A 1 2  ? -6.100 9.751   -2.728  1.00 0.00 ? 2  GLU A CD   6  
ATOM 895  O OE1  . GLU A 1 2  ? -7.096 9.126   -2.306  1.00 0.00 ? 2  GLU A OE1  6  
ATOM 896  O OE2  . GLU A 1 2  ? -6.165 10.912  -3.185  1.00 0.00 ? 2  GLU A OE2  6  
ATOM 897  H H    . GLU A 1 2  ? -3.544 5.320   -4.803  1.00 0.00 ? 2  GLU A H    6  
ATOM 898  H HA   . GLU A 1 2  ? -2.639 7.443   -3.107  1.00 0.00 ? 2  GLU A HA   6  
ATOM 899  H HB2  . GLU A 1 2  ? -4.275 8.562   -4.690  1.00 0.00 ? 2  GLU A HB2  6  
ATOM 900  H HB3  . GLU A 1 2  ? -5.529 7.566   -3.963  1.00 0.00 ? 2  GLU A HB3  6  
ATOM 901  H HG2  . GLU A 1 2  ? -4.643 8.573   -1.731  1.00 0.00 ? 2  GLU A HG2  6  
ATOM 902  H HG3  . GLU A 1 2  ? -3.978 9.821   -2.784  1.00 0.00 ? 2  GLU A HG3  6  
ATOM 903  N N    . LEU A 1 3  ? -3.406 4.890   -2.224  1.00 0.00 ? 3  LEU A N    6  
ATOM 904  C CA   . LEU A 1 3  ? -3.812 3.909   -1.225  1.00 0.00 ? 3  LEU A CA   6  
ATOM 905  C C    . LEU A 1 3  ? -3.385 4.350   0.174   1.00 0.00 ? 3  LEU A C    6  
ATOM 906  O O    . LEU A 1 3  ? -2.280 4.860   0.363   1.00 0.00 ? 3  LEU A O    6  
ATOM 907  C CB   . LEU A 1 3  ? -3.207 2.542   -1.548  1.00 0.00 ? 3  LEU A CB   6  
ATOM 908  C CG   . LEU A 1 3  ? -3.839 1.362   -0.811  1.00 0.00 ? 3  LEU A CG   6  
ATOM 909  C CD1  . LEU A 1 3  ? -5.201 1.028   -1.403  1.00 0.00 ? 3  LEU A CD1  6  
ATOM 910  C CD2  . LEU A 1 3  ? -2.924 0.147   -0.865  1.00 0.00 ? 3  LEU A CD2  6  
ATOM 911  H H    . LEU A 1 3  ? -2.624 4.705   -2.785  1.00 0.00 ? 3  LEU A H    6  
ATOM 912  H HA   . LEU A 1 3  ? -4.888 3.833   -1.255  1.00 0.00 ? 3  LEU A HA   6  
ATOM 913  H HB2  . LEU A 1 3  ? -3.306 2.372   -2.611  1.00 0.00 ? 3  LEU A HB2  6  
ATOM 914  H HB3  . LEU A 1 3  ? -2.156 2.570   -1.302  1.00 0.00 ? 3  LEU A HB3  6  
ATOM 915  H HG   . LEU A 1 3  ? -3.982 1.627   0.226   1.00 0.00 ? 3  LEU A HG   6  
ATOM 916  H HD11 . LEU A 1 3  ? -5.870 0.717   -0.614  1.00 0.00 ? 3  LEU A HD11 6  
ATOM 917  H HD12 . LEU A 1 3  ? -5.097 0.230   -2.122  1.00 0.00 ? 3  LEU A HD12 6  
ATOM 918  H HD13 . LEU A 1 3  ? -5.603 1.904   -1.892  1.00 0.00 ? 3  LEU A HD13 6  
ATOM 919  H HD21 . LEU A 1 3  ? -3.452 -0.719  -0.496  1.00 0.00 ? 3  LEU A HD21 6  
ATOM 920  H HD22 . LEU A 1 3  ? -2.054 0.326   -0.251  1.00 0.00 ? 3  LEU A HD22 6  
ATOM 921  H HD23 . LEU A 1 3  ? -2.616 -0.026  -1.886  1.00 0.00 ? 3  LEU A HD23 6  
ATOM 922  N N    . PRO A 1 4  ? -4.257 4.159   1.181   1.00 0.00 ? 4  PRO A N    6  
ATOM 923  C CA   . PRO A 1 4  ? -3.965 4.537   2.568   1.00 0.00 ? 4  PRO A CA   6  
ATOM 924  C C    . PRO A 1 4  ? -2.600 4.037   3.033   1.00 0.00 ? 4  PRO A C    6  
ATOM 925  O O    . PRO A 1 4  ? -1.985 4.624   3.923   1.00 0.00 ? 4  PRO A O    6  
ATOM 926  C CB   . PRO A 1 4  ? -5.090 3.872   3.381   1.00 0.00 ? 4  PRO A CB   6  
ATOM 927  C CG   . PRO A 1 4  ? -5.816 2.983   2.424   1.00 0.00 ? 4  PRO A CG   6  
ATOM 928  C CD   . PRO A 1 4  ? -5.590 3.560   1.059   1.00 0.00 ? 4  PRO A CD   6  
ATOM 929  H HA   . PRO A 1 4  ? -4.013 5.608   2.698   1.00 0.00 ? 4  PRO A HA   6  
ATOM 930  H HB2  . PRO A 1 4  ? -4.659 3.305   4.194   1.00 0.00 ? 4  PRO A HB2  6  
ATOM 931  H HB3  . PRO A 1 4  ? -5.743 4.634   3.779   1.00 0.00 ? 4  PRO A HB3  6  
ATOM 932  H HG2  . PRO A 1 4  ? -5.415 1.983   2.476   1.00 0.00 ? 4  PRO A HG2  6  
ATOM 933  H HG3  . PRO A 1 4  ? -6.871 2.976   2.659   1.00 0.00 ? 4  PRO A HG3  6  
ATOM 934  H HD2  . PRO A 1 4  ? -5.598 2.781   0.310   1.00 0.00 ? 4  PRO A HD2  6  
ATOM 935  H HD3  . PRO A 1 4  ? -6.333 4.312   0.836   1.00 0.00 ? 4  PRO A HD3  6  
ATOM 936  N N    . TRP A 1 5  ? -2.130 2.953   2.425   1.00 0.00 ? 5  TRP A N    6  
ATOM 937  C CA   . TRP A 1 5  ? -0.836 2.380   2.778   1.00 0.00 ? 5  TRP A CA   6  
ATOM 938  C C    . TRP A 1 5  ? -0.003 2.105   1.530   1.00 0.00 ? 5  TRP A C    6  
ATOM 939  O O    . TRP A 1 5  ? -0.545 1.821   0.461   1.00 0.00 ? 5  TRP A O    6  
ATOM 940  C CB   . TRP A 1 5  ? -1.024 1.087   3.574   1.00 0.00 ? 5  TRP A CB   6  
ATOM 941  C CG   . TRP A 1 5  ? -1.889 0.080   2.881   1.00 0.00 ? 5  TRP A CG   6  
ATOM 942  C CD1  . TRP A 1 5  ? -1.509 -0.795  1.910   1.00 0.00 ? 5  TRP A CD1  6  
ATOM 943  C CD2  . TRP A 1 5  ? -3.280 -0.153  3.107   1.00 0.00 ? 5  TRP A CD2  6  
ATOM 944  N NE1  . TRP A 1 5  ? -2.579 -1.561  1.515   1.00 0.00 ? 5  TRP A NE1  6  
ATOM 945  C CE2  . TRP A 1 5  ? -3.680 -1.184  2.238   1.00 0.00 ? 5  TRP A CE2  6  
ATOM 946  C CE3  . TRP A 1 5  ? -4.221 0.413   3.960   1.00 0.00 ? 5  TRP A CE3  6  
ATOM 947  C CZ2  . TRP A 1 5  ? -4.988 -1.660  2.201   1.00 0.00 ? 5  TRP A CZ2  6  
ATOM 948  C CZ3  . TRP A 1 5  ? -5.520 -0.058  3.926   1.00 0.00 ? 5  TRP A CZ3  6  
ATOM 949  C CH2  . TRP A 1 5  ? -5.894 -1.087  3.052   1.00 0.00 ? 5  TRP A CH2  6  
ATOM 950  H H    . TRP A 1 5  ? -2.665 2.529   1.721   1.00 0.00 ? 5  TRP A H    6  
ATOM 951  H HA   . TRP A 1 5  ? -0.314 3.097   3.393   1.00 0.00 ? 5  TRP A HA   6  
ATOM 952  H HB2  . TRP A 1 5  ? -0.059 0.634   3.747   1.00 0.00 ? 5  TRP A HB2  6  
ATOM 953  H HB3  . TRP A 1 5  ? -1.481 1.321   4.526   1.00 0.00 ? 5  TRP A HB3  6  
ATOM 954  H HD1  . TRP A 1 5  ? -0.510 -0.863  1.519   1.00 0.00 ? 5  TRP A HD1  6  
ATOM 955  H HE1  . TRP A 1 5  ? -2.557 -2.262  0.830   1.00 0.00 ? 5  TRP A HE1  6  
ATOM 956  H HE3  . TRP A 1 5  ? -3.946 1.204   4.636   1.00 0.00 ? 5  TRP A HE3  6  
ATOM 957  H HZ2  . TRP A 1 5  ? -5.290 -2.453  1.533   1.00 0.00 ? 5  TRP A HZ2  6  
ATOM 958  H HZ3  . TRP A 1 5  ? -6.264 0.371   4.582   1.00 0.00 ? 5  TRP A HZ3  6  
ATOM 959  H HH2  . TRP A 1 5  ? -6.920 -1.423  3.057   1.00 0.00 ? 5  TRP A HH2  6  
ATOM 960  N N    . ASP A 1 6  ? 1.313  2.192   1.672   1.00 0.00 ? 6  ASP A N    6  
ATOM 961  C CA   . ASP A 1 6  ? 2.221  1.955   0.556   1.00 0.00 ? 6  ASP A CA   6  
ATOM 962  C C    . ASP A 1 6  ? 2.943  0.620   0.714   1.00 0.00 ? 6  ASP A C    6  
ATOM 963  O O    . ASP A 1 6  ? 3.957  0.528   1.404   1.00 0.00 ? 6  ASP A O    6  
ATOM 964  C CB   . ASP A 1 6  ? 3.243  3.089   0.451   1.00 0.00 ? 6  ASP A CB   6  
ATOM 965  C CG   . ASP A 1 6  ? 3.525  3.480   -0.988  1.00 0.00 ? 6  ASP A CG   6  
ATOM 966  O OD1  . ASP A 1 6  ? 2.590  3.421   -1.814  1.00 0.00 ? 6  ASP A OD1  6  
ATOM 967  O OD2  . ASP A 1 6  ? 4.681  3.847   -1.286  1.00 0.00 ? 6  ASP A OD2  6  
ATOM 968  H H    . ASP A 1 6  ? 1.687  2.424   2.549   1.00 0.00 ? 6  ASP A H    6  
ATOM 969  H HA   . ASP A 1 6  ? 1.633  1.927   -0.349  1.00 0.00 ? 6  ASP A HA   6  
ATOM 970  H HB2  . ASP A 1 6  ? 2.863  3.956   0.970   1.00 0.00 ? 6  ASP A HB2  6  
ATOM 971  H HB3  . ASP A 1 6  ? 4.168  2.775   0.909   1.00 0.00 ? 6  ASP A HB3  6  
ATOM 972  N N    . GLU A 1 7  ? 2.409  -0.416  0.072   1.00 0.00 ? 7  GLU A N    6  
ATOM 973  C CA   . GLU A 1 7  ? 3.001  -1.747  0.141   1.00 0.00 ? 7  GLU A CA   6  
ATOM 974  C C    . GLU A 1 7  ? 3.035  -2.250  1.580   1.00 0.00 ? 7  GLU A C    6  
ATOM 975  O O    . GLU A 1 7  ? 4.087  -2.266  2.221   1.00 0.00 ? 7  GLU A O    6  
ATOM 976  C CB   . GLU A 1 7  ? 4.416  -1.729  -0.439  1.00 0.00 ? 7  GLU A CB   6  
ATOM 977  C CG   . GLU A 1 7  ? 4.450  -1.778  -1.958  1.00 0.00 ? 7  GLU A CG   6  
ATOM 978  C CD   . GLU A 1 7  ? 5.804  -1.397  -2.525  1.00 0.00 ? 7  GLU A CD   6  
ATOM 979  O OE1  . GLU A 1 7  ? 6.800  -2.073  -2.188  1.00 0.00 ? 7  GLU A OE1  6  
ATOM 980  O OE2  . GLU A 1 7  ? 5.870  -0.424  -3.304  1.00 0.00 ? 7  GLU A OE2  6  
ATOM 981  H H    . GLU A 1 7  ? 1.598  -0.280  -0.462  1.00 0.00 ? 7  GLU A H    6  
ATOM 982  H HA   . GLU A 1 7  ? 2.388  -2.412  -0.447  1.00 0.00 ? 7  GLU A HA   6  
ATOM 983  H HB2  . GLU A 1 7  ? 4.914  -0.826  -0.118  1.00 0.00 ? 7  GLU A HB2  6  
ATOM 984  H HB3  . GLU A 1 7  ? 4.958  -2.583  -0.062  1.00 0.00 ? 7  GLU A HB3  6  
ATOM 985  H HG2  . GLU A 1 7  ? 4.212  -2.780  -2.279  1.00 0.00 ? 7  GLU A HG2  6  
ATOM 986  H HG3  . GLU A 1 7  ? 3.710  -1.092  -2.345  1.00 0.00 ? 7  GLU A HG3  6  
ATOM 987  N N    . LEU A 1 8  ? 1.877  -2.665  2.085   1.00 0.00 ? 8  LEU A N    6  
ATOM 988  C CA   . LEU A 1 8  ? 1.773  -3.172  3.447   1.00 0.00 ? 8  LEU A CA   6  
ATOM 989  C C    . LEU A 1 8  ? 2.171  -4.642  3.513   1.00 0.00 ? 8  LEU A C    6  
ATOM 990  O O    . LEU A 1 8  ? 2.703  -5.107  4.520   1.00 0.00 ? 8  LEU A O    6  
ATOM 991  C CB   . LEU A 1 8  ? 0.348  -2.993  3.974   1.00 0.00 ? 8  LEU A CB   6  
ATOM 992  C CG   . LEU A 1 8  ? 0.239  -2.754  5.481   1.00 0.00 ? 8  LEU A CG   6  
ATOM 993  C CD1  . LEU A 1 8  ? 0.259  -1.266  5.788   1.00 0.00 ? 8  LEU A CD1  6  
ATOM 994  C CD2  . LEU A 1 8  ? -1.023 -3.397  6.032   1.00 0.00 ? 8  LEU A CD2  6  
ATOM 995  H H    . LEU A 1 8  ? 1.073  -2.628  1.525   1.00 0.00 ? 8  LEU A H    6  
ATOM 996  H HA   . LEU A 1 8  ? 2.449  -2.601  4.066   1.00 0.00 ? 8  LEU A HA   6  
ATOM 997  H HB2  . LEU A 1 8  ? -0.098 -2.152  3.464   1.00 0.00 ? 8  LEU A HB2  6  
ATOM 998  H HB3  . LEU A 1 8  ? -0.217 -3.880  3.730   1.00 0.00 ? 8  LEU A HB3  6  
ATOM 999  H HG   . LEU A 1 8  ? 1.088  -3.208  5.973   1.00 0.00 ? 8  LEU A HG   6  
ATOM 1000 H HD11 . LEU A 1 8  ? 1.181  -0.835  5.426   1.00 0.00 ? 8  LEU A HD11 6  
ATOM 1001 H HD12 . LEU A 1 8  ? 0.188  -1.118  6.856   1.00 0.00 ? 8  LEU A HD12 6  
ATOM 1002 H HD13 . LEU A 1 8  ? -0.578 -0.786  5.303   1.00 0.00 ? 8  LEU A HD13 6  
ATOM 1003 H HD21 . LEU A 1 8  ? -1.182 -4.351  5.551   1.00 0.00 ? 8  LEU A HD21 6  
ATOM 1004 H HD22 . LEU A 1 8  ? -1.868 -2.753  5.841   1.00 0.00 ? 8  LEU A HD22 6  
ATOM 1005 H HD23 . LEU A 1 8  ? -0.918 -3.545  7.097   1.00 0.00 ? 8  LEU A HD23 6  
ATOM 1006 N N    . ASP A 1 9  ? 1.907  -5.369  2.432   1.00 0.00 ? 9  ASP A N    6  
ATOM 1007 C CA   . ASP A 1 9  ? 2.236  -6.788  2.365   1.00 0.00 ? 9  ASP A CA   6  
ATOM 1008 C C    . ASP A 1 9  ? 2.992  -7.111  1.081   1.00 0.00 ? 9  ASP A C    6  
ATOM 1009 O O    . ASP A 1 9  ? 2.873  -8.210  0.538   1.00 0.00 ? 9  ASP A O    6  
ATOM 1010 C CB   . ASP A 1 9  ? 0.964  -7.634  2.449   1.00 0.00 ? 9  ASP A CB   6  
ATOM 1011 C CG   . ASP A 1 9  ? 1.184  -8.939  3.188   1.00 0.00 ? 9  ASP A CG   6  
ATOM 1012 O OD1  . ASP A 1 9  ? 2.105  -8.997  4.029   1.00 0.00 ? 9  ASP A OD1  6  
ATOM 1013 O OD2  . ASP A 1 9  ? 0.437  -9.904  2.920   1.00 0.00 ? 9  ASP A OD2  6  
ATOM 1014 H H    . ASP A 1 9  ? 1.481  -4.941  1.660   1.00 0.00 ? 9  ASP A H    6  
ATOM 1015 H HA   . ASP A 1 9  ? 2.869  -7.021  3.208   1.00 0.00 ? 9  ASP A HA   6  
ATOM 1016 H HB2  . ASP A 1 9  ? 0.202  -7.073  2.968   1.00 0.00 ? 9  ASP A HB2  6  
ATOM 1017 H HB3  . ASP A 1 9  ? 0.623  -7.858  1.449   1.00 0.00 ? 9  ASP A HB3  6  
ATOM 1018 N N    . LEU A 1 10 ? 3.769  -6.147  0.599   1.00 0.00 ? 10 LEU A N    6  
ATOM 1019 C CA   . LEU A 1 10 ? 4.544  -6.326  -0.624  1.00 0.00 ? 10 LEU A CA   6  
ATOM 1020 C C    . LEU A 1 10 ? 3.628  -6.593  -1.814  1.00 0.00 ? 10 LEU A C    6  
ATOM 1021 O O    . LEU A 1 10 ? 3.996  -7.310  -2.745  1.00 0.00 ? 10 LEU A O    6  
ATOM 1022 C CB   . LEU A 1 10 ? 5.539  -7.479  -0.457  1.00 0.00 ? 10 LEU A CB   6  
ATOM 1023 C CG   . LEU A 1 10 ? 6.966  -7.173  -0.914  1.00 0.00 ? 10 LEU A CG   6  
ATOM 1024 C CD1  . LEU A 1 10 ? 7.862  -8.384  -0.707  1.00 0.00 ? 10 LEU A CD1  6  
ATOM 1025 C CD2  . LEU A 1 10 ? 6.976  -6.741  -2.371  1.00 0.00 ? 10 LEU A CD2  6  
ATOM 1026 H H    . LEU A 1 10 ? 3.822  -5.292  1.077   1.00 0.00 ? 10 LEU A H    6  
ATOM 1027 H HA   . LEU A 1 10 ? 5.092  -5.414  -0.805  1.00 0.00 ? 10 LEU A HA   6  
ATOM 1028 H HB2  . LEU A 1 10 ? 5.568  -7.751  0.590   1.00 0.00 ? 10 LEU A HB2  6  
ATOM 1029 H HB3  . LEU A 1 10 ? 5.177  -8.325  -1.021  1.00 0.00 ? 10 LEU A HB3  6  
ATOM 1030 H HG   . LEU A 1 10 ? 7.360  -6.361  -0.320  1.00 0.00 ? 10 LEU A HG   6  
ATOM 1031 H HD11 . LEU A 1 10 ? 7.848  -8.997  -1.597  1.00 0.00 ? 10 LEU A HD11 6  
ATOM 1032 H HD12 . LEU A 1 10 ? 7.504  -8.959  0.133   1.00 0.00 ? 10 LEU A HD12 6  
ATOM 1033 H HD13 . LEU A 1 10 ? 8.873  -8.055  -0.514  1.00 0.00 ? 10 LEU A HD13 6  
ATOM 1034 H HD21 . LEU A 1 10 ? 7.007  -7.614  -3.006  1.00 0.00 ? 10 LEU A HD21 6  
ATOM 1035 H HD22 . LEU A 1 10 ? 7.845  -6.128  -2.560  1.00 0.00 ? 10 LEU A HD22 6  
ATOM 1036 H HD23 . LEU A 1 10 ? 6.082  -6.173  -2.586  1.00 0.00 ? 10 LEU A HD23 6  
ATOM 1037 N N    . GLY A 1 11 ? 2.434  -6.012  -1.777  1.00 0.00 ? 11 GLY A N    6  
ATOM 1038 C CA   . GLY A 1 11 ? 1.484  -6.199  -2.857  1.00 0.00 ? 11 GLY A CA   6  
ATOM 1039 C C    . GLY A 1 11 ? 0.365  -7.151  -2.488  1.00 0.00 ? 11 GLY A C    6  
ATOM 1040 O O    . GLY A 1 11 ? -0.407 -6.827  -1.560  1.00 0.00 ? 11 GLY A O    6  
ATOM 1041 O OXT  . GLY A 1 11 ? 0.256  -8.218  -3.127  1.00 0.00 ? 11 GLY A OXT  6  
ATOM 1042 H H    . GLY A 1 11 ? 2.197  -5.451  -1.010  1.00 0.00 ? 11 GLY A H    6  
ATOM 1043 H HA2  . GLY A 1 11 ? 1.058  -5.241  -3.118  1.00 0.00 ? 11 GLY A HA2  6  
ATOM 1044 H HA3  . GLY A 1 11 ? 2.006  -6.592  -3.717  1.00 0.00 ? 11 GLY A HA3  6  
ATOM 1045 N N    . GLU A 1 1  ? -5.087 7.831   -8.379  1.00 0.00 ? 1  GLU A N    7  
ATOM 1046 C CA   . GLU A 1 1  ? -5.259 6.674   -7.462  1.00 0.00 ? 1  GLU A CA   7  
ATOM 1047 C C    . GLU A 1 1  ? -4.370 6.810   -6.229  1.00 0.00 ? 1  GLU A C    7  
ATOM 1048 O O    . GLU A 1 1  ? -3.245 7.296   -6.315  1.00 0.00 ? 1  GLU A O    7  
ATOM 1049 C CB   . GLU A 1 1  ? -4.915 5.392   -8.225  1.00 0.00 ? 1  GLU A CB   7  
ATOM 1050 C CG   . GLU A 1 1  ? -6.129 4.683   -8.801  1.00 0.00 ? 1  GLU A CG   7  
ATOM 1051 C CD   . GLU A 1 1  ? -6.993 4.045   -7.732  1.00 0.00 ? 1  GLU A CD   7  
ATOM 1052 O OE1  . GLU A 1 1  ? -7.788 4.774   -7.100  1.00 0.00 ? 1  GLU A OE1  7  
ATOM 1053 O OE2  . GLU A 1 1  ? -6.877 2.819   -7.526  1.00 0.00 ? 1  GLU A OE2  7  
ATOM 1054 H H1   . GLU A 1 1  ? -5.894 7.839   -9.033  1.00 0.00 ? 1  GLU A H1   7  
ATOM 1055 H H2   . GLU A 1 1  ? -4.190 7.698   -8.889  1.00 0.00 ? 1  GLU A H2   7  
ATOM 1056 H H3   . GLU A 1 1  ? -5.066 8.694   -7.799  1.00 0.00 ? 1  GLU A H3   7  
ATOM 1057 H HA   . GLU A 1 1  ? -6.292 6.634   -7.150  1.00 0.00 ? 1  GLU A HA   7  
ATOM 1058 H HB2  . GLU A 1 1  ? -4.249 5.641   -9.039  1.00 0.00 ? 1  GLU A HB2  7  
ATOM 1059 H HB3  . GLU A 1 1  ? -4.410 4.712   -7.554  1.00 0.00 ? 1  GLU A HB3  7  
ATOM 1060 H HG2  . GLU A 1 1  ? -6.725 5.400   -9.344  1.00 0.00 ? 1  GLU A HG2  7  
ATOM 1061 H HG3  . GLU A 1 1  ? -5.790 3.911   -9.477  1.00 0.00 ? 1  GLU A HG3  7  
ATOM 1062 N N    . GLU A 1 2  ? -4.887 6.376   -5.084  1.00 0.00 ? 2  GLU A N    7  
ATOM 1063 C CA   . GLU A 1 2  ? -4.140 6.449   -3.832  1.00 0.00 ? 2  GLU A CA   7  
ATOM 1064 C C    . GLU A 1 2  ? -4.542 5.316   -2.893  1.00 0.00 ? 2  GLU A C    7  
ATOM 1065 O O    . GLU A 1 2  ? -5.687 4.868   -2.900  1.00 0.00 ? 2  GLU A O    7  
ATOM 1066 C CB   . GLU A 1 2  ? -4.376 7.799   -3.153  1.00 0.00 ? 2  GLU A CB   7  
ATOM 1067 C CG   . GLU A 1 2  ? -5.836 8.224   -3.135  1.00 0.00 ? 2  GLU A CG   7  
ATOM 1068 C CD   . GLU A 1 2  ? -6.094 9.464   -3.973  1.00 0.00 ? 2  GLU A CD   7  
ATOM 1069 O OE1  . GLU A 1 2  ? -5.169 10.294  -4.104  1.00 0.00 ? 2  GLU A OE1  7  
ATOM 1070 O OE2  . GLU A 1 2  ? -7.219 9.602   -4.498  1.00 0.00 ? 2  GLU A OE2  7  
ATOM 1071 H H    . GLU A 1 2  ? -5.792 5.998   -5.080  1.00 0.00 ? 2  GLU A H    7  
ATOM 1072 H HA   . GLU A 1 2  ? -3.091 6.353   -4.067  1.00 0.00 ? 2  GLU A HA   7  
ATOM 1073 H HB2  . GLU A 1 2  ? -4.029 7.740   -2.131  1.00 0.00 ? 2  GLU A HB2  7  
ATOM 1074 H HB3  . GLU A 1 2  ? -3.808 8.556   -3.674  1.00 0.00 ? 2  GLU A HB3  7  
ATOM 1075 H HG2  . GLU A 1 2  ? -6.438 7.417   -3.523  1.00 0.00 ? 2  GLU A HG2  7  
ATOM 1076 H HG3  . GLU A 1 2  ? -6.125 8.431   -2.116  1.00 0.00 ? 2  GLU A HG3  7  
ATOM 1077 N N    . LEU A 1 3  ? -3.590 4.858   -2.086  1.00 0.00 ? 3  LEU A N    7  
ATOM 1078 C CA   . LEU A 1 3  ? -3.844 3.778   -1.141  1.00 0.00 ? 3  LEU A CA   7  
ATOM 1079 C C    . LEU A 1 3  ? -3.394 4.168   0.266   1.00 0.00 ? 3  LEU A C    7  
ATOM 1080 O O    . LEU A 1 3  ? -2.340 4.780   0.440   1.00 0.00 ? 3  LEU A O    7  
ATOM 1081 C CB   . LEU A 1 3  ? -3.120 2.504   -1.586  1.00 0.00 ? 3  LEU A CB   7  
ATOM 1082 C CG   . LEU A 1 3  ? -3.591 1.218   -0.903  1.00 0.00 ? 3  LEU A CG   7  
ATOM 1083 C CD1  . LEU A 1 3  ? -4.937 0.778   -1.464  1.00 0.00 ? 3  LEU A CD1  7  
ATOM 1084 C CD2  . LEU A 1 3  ? -2.555 0.116   -1.072  1.00 0.00 ? 3  LEU A CD2  7  
ATOM 1085 H H    . LEU A 1 3  ? -2.695 5.257   -2.128  1.00 0.00 ? 3  LEU A H    7  
ATOM 1086 H HA   . LEU A 1 3  ? -4.908 3.592   -1.130  1.00 0.00 ? 3  LEU A HA   7  
ATOM 1087 H HB2  . LEU A 1 3  ? -3.256 2.393   -2.651  1.00 0.00 ? 3  LEU A HB2  7  
ATOM 1088 H HB3  . LEU A 1 3  ? -2.067 2.626   -1.384  1.00 0.00 ? 3  LEU A HB3  7  
ATOM 1089 H HG   . LEU A 1 3  ? -3.715 1.404   0.154   1.00 0.00 ? 3  LEU A HG   7  
ATOM 1090 H HD11 . LEU A 1 3  ? -5.344 -0.007  -0.845  1.00 0.00 ? 3  LEU A HD11 7  
ATOM 1091 H HD12 . LEU A 1 3  ? -4.802 0.411   -2.470  1.00 0.00 ? 3  LEU A HD12 7  
ATOM 1092 H HD13 . LEU A 1 3  ? -5.614 1.620   -1.472  1.00 0.00 ? 3  LEU A HD13 7  
ATOM 1093 H HD21 . LEU A 1 3  ? -1.913 0.350   -1.907  1.00 0.00 ? 3  LEU A HD21 7  
ATOM 1094 H HD22 . LEU A 1 3  ? -3.054 -0.824  -1.251  1.00 0.00 ? 3  LEU A HD22 7  
ATOM 1095 H HD23 . LEU A 1 3  ? -1.961 0.043   -0.171  1.00 0.00 ? 3  LEU A HD23 7  
ATOM 1096 N N    . PRO A 1 4  ? -4.188 3.816   1.294   1.00 0.00 ? 4  PRO A N    7  
ATOM 1097 C CA   . PRO A 1 4  ? -3.865 4.130   2.690   1.00 0.00 ? 4  PRO A CA   7  
ATOM 1098 C C    . PRO A 1 4  ? -2.439 3.733   3.060   1.00 0.00 ? 4  PRO A C    7  
ATOM 1099 O O    . PRO A 1 4  ? -1.840 4.312   3.965   1.00 0.00 ? 4  PRO A O    7  
ATOM 1100 C CB   . PRO A 1 4  ? -4.881 3.307   3.500   1.00 0.00 ? 4  PRO A CB   7  
ATOM 1101 C CG   . PRO A 1 4  ? -5.547 2.399   2.517   1.00 0.00 ? 4  PRO A CG   7  
ATOM 1102 C CD   . PRO A 1 4  ? -5.457 3.086   1.188   1.00 0.00 ? 4  PRO A CD   7  
ATOM 1103 H HA   . PRO A 1 4  ? -4.004 5.180   2.896   1.00 0.00 ? 4  PRO A HA   7  
ATOM 1104 H HB2  . PRO A 1 4  ? -4.363 2.745   4.264   1.00 0.00 ? 4  PRO A HB2  7  
ATOM 1105 H HB3  . PRO A 1 4  ? -5.594 3.975   3.964   1.00 0.00 ? 4  PRO A HB3  7  
ATOM 1106 H HG2  . PRO A 1 4  ? -5.032 1.452   2.485   1.00 0.00 ? 4  PRO A HG2  7  
ATOM 1107 H HG3  . PRO A 1 4  ? -6.582 2.255   2.794   1.00 0.00 ? 4  PRO A HG3  7  
ATOM 1108 H HD2  . PRO A 1 4  ? -5.422 2.361   0.387   1.00 0.00 ? 4  PRO A HD2  7  
ATOM 1109 H HD3  . PRO A 1 4  ? -6.284 3.767   1.053   1.00 0.00 ? 4  PRO A HD3  7  
ATOM 1110 N N    . TRP A 1 5  ? -1.900 2.744   2.354   1.00 0.00 ? 5  TRP A N    7  
ATOM 1111 C CA   . TRP A 1 5  ? -0.543 2.275   2.609   1.00 0.00 ? 5  TRP A CA   7  
ATOM 1112 C C    . TRP A 1 5  ? 0.207  2.037   1.304   1.00 0.00 ? 5  TRP A C    7  
ATOM 1113 O O    . TRP A 1 5  ? -0.351 1.512   0.342   1.00 0.00 ? 5  TRP A O    7  
ATOM 1114 C CB   . TRP A 1 5  ? -0.571 0.987   3.437   1.00 0.00 ? 5  TRP A CB   7  
ATOM 1115 C CG   . TRP A 1 5  ? -1.308 -0.132  2.768   1.00 0.00 ? 5  TRP A CG   7  
ATOM 1116 C CD1  . TRP A 1 5  ? -0.829 -0.970  1.808   1.00 0.00 ? 5  TRP A CD1  7  
ATOM 1117 C CD2  . TRP A 1 5  ? -2.658 -0.532  3.010   1.00 0.00 ? 5  TRP A CD2  7  
ATOM 1118 N NE1  . TRP A 1 5  ? -1.798 -1.871  1.437   1.00 0.00 ? 5  TRP A NE1  7  
ATOM 1119 C CE2  . TRP A 1 5  ? -2.934 -1.621  2.163   1.00 0.00 ? 5  TRP A CE2  7  
ATOM 1120 C CE3  . TRP A 1 5  ? -3.657 -0.073  3.863   1.00 0.00 ? 5  TRP A CE3  7  
ATOM 1121 C CZ2  . TRP A 1 5  ? -4.172 -2.257  2.148   1.00 0.00 ? 5  TRP A CZ2  7  
ATOM 1122 C CZ3  . TRP A 1 5  ? -4.887 -0.702  3.849   1.00 0.00 ? 5  TRP A CZ3  7  
ATOM 1123 C CH2  . TRP A 1 5  ? -5.136 -1.786  2.997   1.00 0.00 ? 5  TRP A CH2  7  
ATOM 1124 H H    . TRP A 1 5  ? -2.426 2.321   1.644   1.00 0.00 ? 5  TRP A H    7  
ATOM 1125 H HA   . TRP A 1 5  ? -0.028 3.041   3.172   1.00 0.00 ? 5  TRP A HA   7  
ATOM 1126 H HB2  . TRP A 1 5  ? 0.441  0.659   3.615   1.00 0.00 ? 5  TRP A HB2  7  
ATOM 1127 H HB3  . TRP A 1 5  ? -1.052 1.187   4.382   1.00 0.00 ? 5  TRP A HB3  7  
ATOM 1128 H HD1  . TRP A 1 5  ? 0.168  -0.921  1.411   1.00 0.00 ? 5  TRP A HD1  7  
ATOM 1129 H HE1  . TRP A 1 5  ? -1.694 -2.576  0.765   1.00 0.00 ? 5  TRP A HE1  7  
ATOM 1130 H HE3  . TRP A 1 5  ? -3.477 0.758   4.523   1.00 0.00 ? 5  TRP A HE3  7  
ATOM 1131 H HZ2  . TRP A 1 5  ? -4.377 -3.094  1.496   1.00 0.00 ? 5  TRP A HZ2  7  
ATOM 1132 H HZ3  . TRP A 1 5  ? -5.674 -0.359  4.504   1.00 0.00 ? 5  TRP A HZ3  7  
ATOM 1133 H HH2  . TRP A 1 5  ? -6.112 -2.247  3.018   1.00 0.00 ? 5  TRP A HH2  7  
ATOM 1134 N N    . ASP A 1 6  ? 1.477  2.429   1.276   1.00 0.00 ? 6  ASP A N    7  
ATOM 1135 C CA   . ASP A 1 6  ? 2.305  2.258   0.088   1.00 0.00 ? 6  ASP A CA   7  
ATOM 1136 C C    . ASP A 1 6  ? 2.584  0.783   -0.174  1.00 0.00 ? 6  ASP A C    7  
ATOM 1137 O O    . ASP A 1 6  ? 2.348  0.281   -1.274  1.00 0.00 ? 6  ASP A O    7  
ATOM 1138 C CB   . ASP A 1 6  ? 3.624  3.020   0.246   1.00 0.00 ? 6  ASP A CB   7  
ATOM 1139 C CG   . ASP A 1 6  ? 3.440  4.521   0.148   1.00 0.00 ? 6  ASP A CG   7  
ATOM 1140 O OD1  . ASP A 1 6  ? 2.834  5.107   1.069   1.00 0.00 ? 6  ASP A OD1  7  
ATOM 1141 O OD2  . ASP A 1 6  ? 3.903  5.109   -0.852  1.00 0.00 ? 6  ASP A OD2  7  
ATOM 1142 H H    . ASP A 1 6  ? 1.866  2.842   2.076   1.00 0.00 ? 6  ASP A H    7  
ATOM 1143 H HA   . ASP A 1 6  ? 1.765  2.666   -0.752  1.00 0.00 ? 6  ASP A HA   7  
ATOM 1144 H HB2  . ASP A 1 6  ? 4.049  2.789   1.213   1.00 0.00 ? 6  ASP A HB2  7  
ATOM 1145 H HB3  . ASP A 1 6  ? 4.307  2.705   -0.527  1.00 0.00 ? 6  ASP A HB3  7  
ATOM 1146 N N    . GLU A 1 7  ? 3.089  0.091   0.843   1.00 0.00 ? 7  GLU A N    7  
ATOM 1147 C CA   . GLU A 1 7  ? 3.402  -1.329  0.722   1.00 0.00 ? 7  GLU A CA   7  
ATOM 1148 C C    . GLU A 1 7  ? 3.235  -2.039  2.063   1.00 0.00 ? 7  GLU A C    7  
ATOM 1149 O O    . GLU A 1 7  ? 4.164  -2.082  2.870   1.00 0.00 ? 7  GLU A O    7  
ATOM 1150 C CB   . GLU A 1 7  ? 4.829  -1.517  0.204   1.00 0.00 ? 7  GLU A CB   7  
ATOM 1151 C CG   . GLU A 1 7  ? 4.922  -1.583  -1.312  1.00 0.00 ? 7  GLU A CG   7  
ATOM 1152 C CD   . GLU A 1 7  ? 6.303  -1.228  -1.825  1.00 0.00 ? 7  GLU A CD   7  
ATOM 1153 O OE1  . GLU A 1 7  ? 7.049  -0.537  -1.099  1.00 0.00 ? 7  GLU A OE1  7  
ATOM 1154 O OE2  . GLU A 1 7  ? 6.640  -1.640  -2.957  1.00 0.00 ? 7  GLU A OE2  7  
ATOM 1155 H H    . GLU A 1 7  ? 3.256  0.546   1.695   1.00 0.00 ? 7  GLU A H    7  
ATOM 1156 H HA   . GLU A 1 7  ? 2.711  -1.760  0.013   1.00 0.00 ? 7  GLU A HA   7  
ATOM 1157 H HB2  . GLU A 1 7  ? 5.434  -0.690  0.545   1.00 0.00 ? 7  GLU A HB2  7  
ATOM 1158 H HB3  . GLU A 1 7  ? 5.228  -2.435  0.609   1.00 0.00 ? 7  GLU A HB3  7  
ATOM 1159 H HG2  . GLU A 1 7  ? 4.683  -2.586  -1.630  1.00 0.00 ? 7  GLU A HG2  7  
ATOM 1160 H HG3  . GLU A 1 7  ? 4.208  -0.891  -1.734  1.00 0.00 ? 7  GLU A HG3  7  
ATOM 1161 N N    . LEU A 1 8  ? 2.050  -2.592  2.290   1.00 0.00 ? 8  LEU A N    7  
ATOM 1162 C CA   . LEU A 1 8  ? 1.763  -3.299  3.533   1.00 0.00 ? 8  LEU A CA   7  
ATOM 1163 C C    . LEU A 1 8  ? 1.776  -4.808  3.315   1.00 0.00 ? 8  LEU A C    7  
ATOM 1164 O O    . LEU A 1 8  ? 2.169  -5.571  4.197   1.00 0.00 ? 8  LEU A O    7  
ATOM 1165 C CB   . LEU A 1 8  ? 0.406  -2.866  4.091   1.00 0.00 ? 8  LEU A CB   7  
ATOM 1166 C CG   . LEU A 1 8  ? 0.203  -3.133  5.583   1.00 0.00 ? 8  LEU A CG   7  
ATOM 1167 C CD1  . LEU A 1 8  ? 0.577  -1.907  6.401   1.00 0.00 ? 8  LEU A CD1  7  
ATOM 1168 C CD2  . LEU A 1 8  ? -1.235 -3.542  5.861   1.00 0.00 ? 8  LEU A CD2  7  
ATOM 1169 H H    . LEU A 1 8  ? 1.350  -2.522  1.609   1.00 0.00 ? 8  LEU A H    7  
ATOM 1170 H HA   . LEU A 1 8  ? 2.532  -3.043  4.245   1.00 0.00 ? 8  LEU A HA   7  
ATOM 1171 H HB2  . LEU A 1 8  ? 0.293  -1.805  3.917   1.00 0.00 ? 8  LEU A HB2  7  
ATOM 1172 H HB3  . LEU A 1 8  ? -0.367 -3.386  3.546   1.00 0.00 ? 8  LEU A HB3  7  
ATOM 1173 H HG   . LEU A 1 8  ? 0.849  -3.945  5.888   1.00 0.00 ? 8  LEU A HG   7  
ATOM 1174 H HD11 . LEU A 1 8  ? -0.114 -1.106  6.184   1.00 0.00 ? 8  LEU A HD11 7  
ATOM 1175 H HD12 . LEU A 1 8  ? 1.580  -1.595  6.146   1.00 0.00 ? 8  LEU A HD12 7  
ATOM 1176 H HD13 . LEU A 1 8  ? 0.532  -2.148  7.453   1.00 0.00 ? 8  LEU A HD13 7  
ATOM 1177 H HD21 . LEU A 1 8  ? -1.907 -2.870  5.348   1.00 0.00 ? 8  LEU A HD21 7  
ATOM 1178 H HD22 . LEU A 1 8  ? -1.424 -3.497  6.923   1.00 0.00 ? 8  LEU A HD22 7  
ATOM 1179 H HD23 . LEU A 1 8  ? -1.398 -4.551  5.510   1.00 0.00 ? 8  LEU A HD23 7  
ATOM 1180 N N    . ASP A 1 9  ? 1.342  -5.234  2.132   1.00 0.00 ? 9  ASP A N    7  
ATOM 1181 C CA   . ASP A 1 9  ? 1.303  -6.653  1.798   1.00 0.00 ? 9  ASP A CA   7  
ATOM 1182 C C    . ASP A 1 9  ? 2.713  -7.217  1.662   1.00 0.00 ? 9  ASP A C    7  
ATOM 1183 O O    . ASP A 1 9  ? 2.957  -8.385  1.968   1.00 0.00 ? 9  ASP A O    7  
ATOM 1184 C CB   . ASP A 1 9  ? 0.527  -6.871  0.498   1.00 0.00 ? 9  ASP A CB   7  
ATOM 1185 C CG   . ASP A 1 9  ? 1.114  -6.091  -0.663  1.00 0.00 ? 9  ASP A CG   7  
ATOM 1186 O OD1  . ASP A 1 9  ? 1.226  -4.852  -0.552  1.00 0.00 ? 9  ASP A OD1  7  
ATOM 1187 O OD2  . ASP A 1 9  ? 1.460  -6.721  -1.685  1.00 0.00 ? 9  ASP A OD2  7  
ATOM 1188 H H    . ASP A 1 9  ? 1.041  -4.578  1.470   1.00 0.00 ? 9  ASP A H    7  
ATOM 1189 H HA   . ASP A 1 9  ? 0.796  -7.169  2.600   1.00 0.00 ? 9  ASP A HA   7  
ATOM 1190 H HB2  . ASP A 1 9  ? 0.543  -7.920  0.247   1.00 0.00 ? 9  ASP A HB2  7  
ATOM 1191 H HB3  . ASP A 1 9  ? -0.496 -6.554  0.638   1.00 0.00 ? 9  ASP A HB3  7  
ATOM 1192 N N    . LEU A 1 10 ? 3.639  -6.382  1.203   1.00 0.00 ? 10 LEU A N    7  
ATOM 1193 C CA   . LEU A 1 10 ? 5.025  -6.798  1.028   1.00 0.00 ? 10 LEU A CA   7  
ATOM 1194 C C    . LEU A 1 10 ? 5.942  -6.060  2.000   1.00 0.00 ? 10 LEU A C    7  
ATOM 1195 O O    . LEU A 1 10 ? 6.762  -5.236  1.593   1.00 0.00 ? 10 LEU A O    7  
ATOM 1196 C CB   . LEU A 1 10 ? 5.478  -6.545  -0.413  1.00 0.00 ? 10 LEU A CB   7  
ATOM 1197 C CG   . LEU A 1 10 ? 6.764  -7.263  -0.824  1.00 0.00 ? 10 LEU A CG   7  
ATOM 1198 C CD1  . LEU A 1 10 ? 6.629  -8.763  -0.612  1.00 0.00 ? 10 LEU A CD1  7  
ATOM 1199 C CD2  . LEU A 1 10 ? 7.105  -6.955  -2.273  1.00 0.00 ? 10 LEU A CD2  7  
ATOM 1200 H H    . LEU A 1 10 ? 3.383  -5.463  0.977   1.00 0.00 ? 10 LEU A H    7  
ATOM 1201 H HA   . LEU A 1 10 ? 5.082  -7.856  1.231   1.00 0.00 ? 10 LEU A HA   7  
ATOM 1202 H HB2  . LEU A 1 10 ? 4.684  -6.862  -1.076  1.00 0.00 ? 10 LEU A HB2  7  
ATOM 1203 H HB3  . LEU A 1 10 ? 5.627  -5.483  -0.540  1.00 0.00 ? 10 LEU A HB3  7  
ATOM 1204 H HG   . LEU A 1 10 ? 7.577  -6.912  -0.206  1.00 0.00 ? 10 LEU A HG   7  
ATOM 1205 H HD11 . LEU A 1 10 ? 7.191  -9.285  -1.371  1.00 0.00 ? 10 LEU A HD11 7  
ATOM 1206 H HD12 . LEU A 1 10 ? 5.589  -9.043  -0.680  1.00 0.00 ? 10 LEU A HD12 7  
ATOM 1207 H HD13 . LEU A 1 10 ? 7.011  -9.025  0.363   1.00 0.00 ? 10 LEU A HD13 7  
ATOM 1208 H HD21 . LEU A 1 10 ? 7.066  -5.888  -2.434  1.00 0.00 ? 10 LEU A HD21 7  
ATOM 1209 H HD22 . LEU A 1 10 ? 6.391  -7.442  -2.922  1.00 0.00 ? 10 LEU A HD22 7  
ATOM 1210 H HD23 . LEU A 1 10 ? 8.097  -7.318  -2.496  1.00 0.00 ? 10 LEU A HD23 7  
ATOM 1211 N N    . GLY A 1 11 ? 5.796  -6.360  3.286   1.00 0.00 ? 11 GLY A N    7  
ATOM 1212 C CA   . GLY A 1 11 ? 6.616  -5.716  4.295   1.00 0.00 ? 11 GLY A CA   7  
ATOM 1213 C C    . GLY A 1 11 ? 7.102  -6.689  5.353   1.00 0.00 ? 11 GLY A C    7  
ATOM 1214 O O    . GLY A 1 11 ? 6.427  -6.813  6.398   1.00 0.00 ? 11 GLY A O    7  
ATOM 1215 O OXT  . GLY A 1 11 ? 8.153  -7.324  5.138   1.00 0.00 ? 11 GLY A OXT  7  
ATOM 1216 H H    . GLY A 1 11 ? 5.127  -7.025  3.551   1.00 0.00 ? 11 GLY A H    7  
ATOM 1217 H HA2  . GLY A 1 11 ? 7.472  -5.269  3.814   1.00 0.00 ? 11 GLY A HA2  7  
ATOM 1218 H HA3  . GLY A 1 11 ? 6.036  -4.942  4.773   1.00 0.00 ? 11 GLY A HA3  7  
ATOM 1219 N N    . GLU A 1 1  ? -8.462 6.463   -5.818  1.00 0.00 ? 1  GLU A N    8  
ATOM 1220 C CA   . GLU A 1 1  ? -7.474 7.513   -6.180  1.00 0.00 ? 1  GLU A CA   8  
ATOM 1221 C C    . GLU A 1 1  ? -6.114 7.230   -5.551  1.00 0.00 ? 1  GLU A C    8  
ATOM 1222 O O    . GLU A 1 1  ? -5.083 7.291   -6.221  1.00 0.00 ? 1  GLU A O    8  
ATOM 1223 C CB   . GLU A 1 1  ? -8.004 8.866   -5.705  1.00 0.00 ? 1  GLU A CB   8  
ATOM 1224 C CG   . GLU A 1 1  ? -7.444 10.046  -6.481  1.00 0.00 ? 1  GLU A CG   8  
ATOM 1225 C CD   . GLU A 1 1  ? -7.131 11.234  -5.592  1.00 0.00 ? 1  GLU A CD   8  
ATOM 1226 O OE1  . GLU A 1 1  ? -6.544 11.025  -4.507  1.00 0.00 ? 1  GLU A OE1  8  
ATOM 1227 O OE2  . GLU A 1 1  ? -7.470 12.370  -5.979  1.00 0.00 ? 1  GLU A OE2  8  
ATOM 1228 H H1   . GLU A 1 1  ? -9.252 6.526   -6.490  1.00 0.00 ? 1  GLU A H1   8  
ATOM 1229 H H2   . GLU A 1 1  ? -8.781 6.650   -4.845  1.00 0.00 ? 1  GLU A H2   8  
ATOM 1230 H H3   . GLU A 1 1  ? -7.986 5.541   -5.887  1.00 0.00 ? 1  GLU A H3   8  
ATOM 1231 H HA   . GLU A 1 1  ? -7.369 7.529   -7.255  1.00 0.00 ? 1  GLU A HA   8  
ATOM 1232 H HB2  . GLU A 1 1  ? -9.079 8.873   -5.806  1.00 0.00 ? 1  GLU A HB2  8  
ATOM 1233 H HB3  . GLU A 1 1  ? -7.749 8.993   -4.663  1.00 0.00 ? 1  GLU A HB3  8  
ATOM 1234 H HG2  . GLU A 1 1  ? -6.536 9.736   -6.976  1.00 0.00 ? 1  GLU A HG2  8  
ATOM 1235 H HG3  . GLU A 1 1  ? -8.170 10.351  -7.221  1.00 0.00 ? 1  GLU A HG3  8  
ATOM 1236 N N    . GLU A 1 2  ? -6.119 6.918   -4.259  1.00 0.00 ? 2  GLU A N    8  
ATOM 1237 C CA   . GLU A 1 2  ? -4.885 6.626   -3.538  1.00 0.00 ? 2  GLU A CA   8  
ATOM 1238 C C    . GLU A 1 2  ? -5.053 5.393   -2.654  1.00 0.00 ? 2  GLU A C    8  
ATOM 1239 O O    . GLU A 1 2  ? -6.145 4.832   -2.555  1.00 0.00 ? 2  GLU A O    8  
ATOM 1240 C CB   . GLU A 1 2  ? -4.469 7.828   -2.688  1.00 0.00 ? 2  GLU A CB   8  
ATOM 1241 C CG   . GLU A 1 2  ? -2.994 8.173   -2.804  1.00 0.00 ? 2  GLU A CG   8  
ATOM 1242 C CD   . GLU A 1 2  ? -2.379 8.563   -1.474  1.00 0.00 ? 2  GLU A CD   8  
ATOM 1243 O OE1  . GLU A 1 2  ? -1.993 7.655   -0.709  1.00 0.00 ? 2  GLU A OE1  8  
ATOM 1244 O OE2  . GLU A 1 2  ? -2.283 9.779   -1.200  1.00 0.00 ? 2  GLU A OE2  8  
ATOM 1245 H H    . GLU A 1 2  ? -6.973 6.886   -3.778  1.00 0.00 ? 2  GLU A H    8  
ATOM 1246 H HA   . GLU A 1 2  ? -4.115 6.428   -4.268  1.00 0.00 ? 2  GLU A HA   8  
ATOM 1247 H HB2  . GLU A 1 2  ? -5.043 8.689   -2.996  1.00 0.00 ? 2  GLU A HB2  8  
ATOM 1248 H HB3  . GLU A 1 2  ? -4.686 7.615   -1.651  1.00 0.00 ? 2  GLU A HB3  8  
ATOM 1249 H HG2  . GLU A 1 2  ? -2.465 7.314   -3.188  1.00 0.00 ? 2  GLU A HG2  8  
ATOM 1250 H HG3  . GLU A 1 2  ? -2.885 8.999   -3.493  1.00 0.00 ? 2  GLU A HG3  8  
ATOM 1251 N N    . LEU A 1 3  ? -3.965 4.978   -2.016  1.00 0.00 ? 3  LEU A N    8  
ATOM 1252 C CA   . LEU A 1 3  ? -3.993 3.811   -1.141  1.00 0.00 ? 3  LEU A CA   8  
ATOM 1253 C C    . LEU A 1 3  ? -3.590 4.189   0.285   1.00 0.00 ? 3  LEU A C    8  
ATOM 1254 O O    . LEU A 1 3  ? -2.640 4.945   0.487   1.00 0.00 ? 3  LEU A O    8  
ATOM 1255 C CB   . LEU A 1 3  ? -3.055 2.727   -1.676  1.00 0.00 ? 3  LEU A CB   8  
ATOM 1256 C CG   . LEU A 1 3  ? -3.210 1.353   -1.020  1.00 0.00 ? 3  LEU A CG   8  
ATOM 1257 C CD1  . LEU A 1 3  ? -4.344 0.576   -1.671  1.00 0.00 ? 3  LEU A CD1  8  
ATOM 1258 C CD2  . LEU A 1 3  ? -1.907 0.572   -1.106  1.00 0.00 ? 3  LEU A CD2  8  
ATOM 1259 H H    . LEU A 1 3  ? -3.124 5.466   -2.135  1.00 0.00 ? 3  LEU A H    8  
ATOM 1260 H HA   . LEU A 1 3  ? -5.001 3.428   -1.131  1.00 0.00 ? 3  LEU A HA   8  
ATOM 1261 H HB2  . LEU A 1 3  ? -3.233 2.618   -2.736  1.00 0.00 ? 3  LEU A HB2  8  
ATOM 1262 H HB3  . LEU A 1 3  ? -2.036 3.055   -1.529  1.00 0.00 ? 3  LEU A HB3  8  
ATOM 1263 H HG   . LEU A 1 3  ? -3.453 1.484   0.025   1.00 0.00 ? 3  LEU A HG   8  
ATOM 1264 H HD11 . LEU A 1 3  ? -4.090 -0.474  -1.704  1.00 0.00 ? 3  LEU A HD11 8  
ATOM 1265 H HD12 . LEU A 1 3  ? -4.501 0.940   -2.675  1.00 0.00 ? 3  LEU A HD12 8  
ATOM 1266 H HD13 . LEU A 1 3  ? -5.248 0.707   -1.096  1.00 0.00 ? 3  LEU A HD13 8  
ATOM 1267 H HD21 . LEU A 1 3  ? -2.124 -0.484  -1.171  1.00 0.00 ? 3  LEU A HD21 8  
ATOM 1268 H HD22 . LEU A 1 3  ? -1.313 0.765   -0.226  1.00 0.00 ? 3  LEU A HD22 8  
ATOM 1269 H HD23 . LEU A 1 3  ? -1.361 0.880   -1.986  1.00 0.00 ? 3  LEU A HD23 8  
ATOM 1270 N N    . PRO A 1 4  ? -4.309 3.667   1.295   1.00 0.00 ? 4  PRO A N    8  
ATOM 1271 C CA   . PRO A 1 4  ? -4.021 3.953   2.703   1.00 0.00 ? 4  PRO A CA   8  
ATOM 1272 C C    . PRO A 1 4  ? -2.553 3.730   3.052   1.00 0.00 ? 4  PRO A C    8  
ATOM 1273 O O    . PRO A 1 4  ? -2.033 4.325   3.995   1.00 0.00 ? 4  PRO A O    8  
ATOM 1274 C CB   . PRO A 1 4  ? -4.916 2.968   3.475   1.00 0.00 ? 4  PRO A CB   8  
ATOM 1275 C CG   . PRO A 1 4  ? -5.442 2.013   2.453   1.00 0.00 ? 4  PRO A CG   8  
ATOM 1276 C CD   . PRO A 1 4  ? -5.454 2.759   1.152   1.00 0.00 ? 4  PRO A CD   8  
ATOM 1277 H HA   . PRO A 1 4  ? -4.297 4.966   2.960   1.00 0.00 ? 4  PRO A HA   8  
ATOM 1278 H HB2  . PRO A 1 4  ? -4.326 2.457   4.223   1.00 0.00 ? 4  PRO A HB2  8  
ATOM 1279 H HB3  . PRO A 1 4  ? -5.718 3.510   3.954   1.00 0.00 ? 4  PRO A HB3  8  
ATOM 1280 H HG2  . PRO A 1 4  ? -4.793 1.152   2.384   1.00 0.00 ? 4  PRO A HG2  8  
ATOM 1281 H HG3  . PRO A 1 4  ? -6.443 1.708   2.719   1.00 0.00 ? 4  PRO A HG3  8  
ATOM 1282 H HD2  . PRO A 1 4  ? -5.311 2.081   0.324   1.00 0.00 ? 4  PRO A HD2  8  
ATOM 1283 H HD3  . PRO A 1 4  ? -6.374 3.312   1.038   1.00 0.00 ? 4  PRO A HD3  8  
ATOM 1284 N N    . TRP A 1 5  ? -1.888 2.872   2.284   1.00 0.00 ? 5  TRP A N    8  
ATOM 1285 C CA   . TRP A 1 5  ? -0.479 2.575   2.514   1.00 0.00 ? 5  TRP A CA   8  
ATOM 1286 C C    . TRP A 1 5  ? 0.280  2.485   1.195   1.00 0.00 ? 5  TRP A C    8  
ATOM 1287 O O    . TRP A 1 5  ? -0.282 2.720   0.126   1.00 0.00 ? 5  TRP A O    8  
ATOM 1288 C CB   . TRP A 1 5  ? -0.329 1.267   3.293   1.00 0.00 ? 5  TRP A CB   8  
ATOM 1289 C CG   . TRP A 1 5  ? -0.927 0.084   2.593   1.00 0.00 ? 5  TRP A CG   8  
ATOM 1290 C CD1  . TRP A 1 5  ? -0.362 -0.643  1.590   1.00 0.00 ? 5  TRP A CD1  8  
ATOM 1291 C CD2  . TRP A 1 5  ? -2.203 -0.504  2.843   1.00 0.00 ? 5  TRP A CD2  8  
ATOM 1292 N NE1  . TRP A 1 5  ? -1.211 -1.650  1.200   1.00 0.00 ? 5  TRP A NE1  8  
ATOM 1293 C CE2  . TRP A 1 5  ? -2.350 -1.584  1.957   1.00 0.00 ? 5  TRP A CE2  8  
ATOM 1294 C CE3  . TRP A 1 5  ? -3.234 -0.217  3.734   1.00 0.00 ? 5  TRP A CE3  8  
ATOM 1295 C CZ2  . TRP A 1 5  ? -3.493 -2.382  1.939   1.00 0.00 ? 5  TRP A CZ2  8  
ATOM 1296 C CZ3  . TRP A 1 5  ? -4.368 -1.005  3.718   1.00 0.00 ? 5  TRP A CZ3  8  
ATOM 1297 C CH2  . TRP A 1 5  ? -4.490 -2.078  2.825   1.00 0.00 ? 5  TRP A CH2  8  
ATOM 1298 H H    . TRP A 1 5  ? -2.355 2.429   1.546   1.00 0.00 ? 5  TRP A H    8  
ATOM 1299 H HA   . TRP A 1 5  ? -0.063 3.380   3.101   1.00 0.00 ? 5  TRP A HA   8  
ATOM 1300 H HB2  . TRP A 1 5  ? 0.720  1.066   3.449   1.00 0.00 ? 5  TRP A HB2  8  
ATOM 1301 H HB3  . TRP A 1 5  ? -0.818 1.369   4.252   1.00 0.00 ? 5  TRP A HB3  8  
ATOM 1302 H HD1  . TRP A 1 5  ? 0.610  -0.444  1.175   1.00 0.00 ? 5  TRP A HD1  8  
ATOM 1303 H HE1  . TRP A 1 5  ? -1.029 -2.308  0.495   1.00 0.00 ? 5  TRP A HE1  8  
ATOM 1304 H HE3  . TRP A 1 5  ? -3.151 0.605   4.424   1.00 0.00 ? 5  TRP A HE3  8  
ATOM 1305 H HZ2  . TRP A 1 5  ? -3.600 -3.212  1.256   1.00 0.00 ? 5  TRP A HZ2  8  
ATOM 1306 H HZ3  . TRP A 1 5  ? -5.177 -0.796  4.402   1.00 0.00 ? 5  TRP A HZ3  8  
ATOM 1307 H HH2  . TRP A 1 5  ? -5.396 -2.667  2.846   1.00 0.00 ? 5  TRP A HH2  8  
ATOM 1308 N N    . ASP A 1 6  ? 1.563  2.144   1.279   1.00 0.00 ? 6  ASP A N    8  
ATOM 1309 C CA   . ASP A 1 6  ? 2.401  2.024   0.091   1.00 0.00 ? 6  ASP A CA   8  
ATOM 1310 C C    . ASP A 1 6  ? 2.834  0.578   -0.123  1.00 0.00 ? 6  ASP A C    8  
ATOM 1311 O O    . ASP A 1 6  ? 2.722  0.042   -1.227  1.00 0.00 ? 6  ASP A O    8  
ATOM 1312 C CB   . ASP A 1 6  ? 3.631  2.925   0.215   1.00 0.00 ? 6  ASP A CB   8  
ATOM 1313 C CG   . ASP A 1 6  ? 3.307  4.385   -0.037  1.00 0.00 ? 6  ASP A CG   8  
ATOM 1314 O OD1  . ASP A 1 6  ? 2.534  4.966   0.753   1.00 0.00 ? 6  ASP A OD1  8  
ATOM 1315 O OD2  . ASP A 1 6  ? 3.825  4.945   -1.025  1.00 0.00 ? 6  ASP A OD2  8  
ATOM 1316 H H    . ASP A 1 6  ? 1.956  1.971   2.160   1.00 0.00 ? 6  ASP A H    8  
ATOM 1317 H HA   . ASP A 1 6  ? 1.816  2.342   -0.760  1.00 0.00 ? 6  ASP A HA   8  
ATOM 1318 H HB2  . ASP A 1 6  ? 4.038  2.832   1.212   1.00 0.00 ? 6  ASP A HB2  8  
ATOM 1319 H HB3  . ASP A 1 6  ? 4.373  2.610   -0.503  1.00 0.00 ? 6  ASP A HB3  8  
ATOM 1320 N N    . GLU A 1 7  ? 3.330  -0.050  0.937   1.00 0.00 ? 7  GLU A N    8  
ATOM 1321 C CA   . GLU A 1 7  ? 3.781  -1.434  0.865   1.00 0.00 ? 7  GLU A CA   8  
ATOM 1322 C C    . GLU A 1 7  ? 3.486  -2.172  2.168   1.00 0.00 ? 7  GLU A C    8  
ATOM 1323 O O    . GLU A 1 7  ? 4.380  -2.388  2.987   1.00 0.00 ? 7  GLU A O    8  
ATOM 1324 C CB   . GLU A 1 7  ? 5.280  -1.490  0.562   1.00 0.00 ? 7  GLU A CB   8  
ATOM 1325 C CG   . GLU A 1 7  ? 6.138  -0.782  1.597   1.00 0.00 ? 7  GLU A CG   8  
ATOM 1326 C CD   . GLU A 1 7  ? 7.307  -0.042  0.978   1.00 0.00 ? 7  GLU A CD   8  
ATOM 1327 O OE1  . GLU A 1 7  ? 7.697  -0.391  -0.156  1.00 0.00 ? 7  GLU A OE1  8  
ATOM 1328 O OE2  . GLU A 1 7  ? 7.834  0.886   1.627   1.00 0.00 ? 7  GLU A OE2  8  
ATOM 1329 H H    . GLU A 1 7  ? 3.395  0.430   1.791   1.00 0.00 ? 7  GLU A H    8  
ATOM 1330 H HA   . GLU A 1 7  ? 3.242  -1.916  0.063   1.00 0.00 ? 7  GLU A HA   8  
ATOM 1331 H HB2  . GLU A 1 7  ? 5.588  -2.524  0.515   1.00 0.00 ? 7  GLU A HB2  8  
ATOM 1332 H HB3  . GLU A 1 7  ? 5.457  -1.027  -0.399  1.00 0.00 ? 7  GLU A HB3  8  
ATOM 1333 H HG2  . GLU A 1 7  ? 5.524  -0.071  2.128   1.00 0.00 ? 7  GLU A HG2  8  
ATOM 1334 H HG3  . GLU A 1 7  ? 6.520  -1.515  2.290   1.00 0.00 ? 7  GLU A HG3  8  
ATOM 1335 N N    . LEU A 1 8  ? 2.229  -2.558  2.352   1.00 0.00 ? 8  LEU A N    8  
ATOM 1336 C CA   . LEU A 1 8  ? 1.815  -3.273  3.553   1.00 0.00 ? 8  LEU A CA   8  
ATOM 1337 C C    . LEU A 1 8  ? 1.676  -4.767  3.275   1.00 0.00 ? 8  LEU A C    8  
ATOM 1338 O O    . LEU A 1 8  ? 1.911  -5.598  4.153   1.00 0.00 ? 8  LEU A O    8  
ATOM 1339 C CB   . LEU A 1 8  ? 0.490  -2.715  4.076   1.00 0.00 ? 8  LEU A CB   8  
ATOM 1340 C CG   . LEU A 1 8  ? 0.295  -2.823  5.590   1.00 0.00 ? 8  LEU A CG   8  
ATOM 1341 C CD1  . LEU A 1 8  ? -0.617 -1.714  6.091   1.00 0.00 ? 8  LEU A CD1  8  
ATOM 1342 C CD2  . LEU A 1 8  ? -0.270 -4.187  5.956   1.00 0.00 ? 8  LEU A CD2  8  
ATOM 1343 H H    . LEU A 1 8  ? 1.561  -2.359  1.662   1.00 0.00 ? 8  LEU A H    8  
ATOM 1344 H HA   . LEU A 1 8  ? 2.579  -3.129  4.303   1.00 0.00 ? 8  LEU A HA   8  
ATOM 1345 H HB2  . LEU A 1 8  ? 0.430  -1.671  3.801   1.00 0.00 ? 8  LEU A HB2  8  
ATOM 1346 H HB3  . LEU A 1 8  ? -0.316 -3.245  3.592   1.00 0.00 ? 8  LEU A HB3  8  
ATOM 1347 H HG   . LEU A 1 8  ? 1.252  -2.715  6.080   1.00 0.00 ? 8  LEU A HG   8  
ATOM 1348 H HD11 . LEU A 1 8  ? -0.102 -0.767  6.024   1.00 0.00 ? 8  LEU A HD11 8  
ATOM 1349 H HD12 . LEU A 1 8  ? -0.886 -1.907  7.119   1.00 0.00 ? 8  LEU A HD12 8  
ATOM 1350 H HD13 . LEU A 1 8  ? -1.510 -1.682  5.485   1.00 0.00 ? 8  LEU A HD13 8  
ATOM 1351 H HD21 . LEU A 1 8  ? -1.344 -4.119  6.050   1.00 0.00 ? 8  LEU A HD21 8  
ATOM 1352 H HD22 . LEU A 1 8  ? 0.154  -4.513  6.893   1.00 0.00 ? 8  LEU A HD22 8  
ATOM 1353 H HD23 . LEU A 1 8  ? -0.023 -4.899  5.182   1.00 0.00 ? 8  LEU A HD23 8  
ATOM 1354 N N    . ASP A 1 9  ? 1.295  -5.100  2.046   1.00 0.00 ? 9  ASP A N    8  
ATOM 1355 C CA   . ASP A 1 9  ? 1.126  -6.493  1.649   1.00 0.00 ? 9  ASP A CA   8  
ATOM 1356 C C    . ASP A 1 9  ? 2.465  -7.229  1.633   1.00 0.00 ? 9  ASP A C    8  
ATOM 1357 O O    . ASP A 1 9  ? 2.505  -8.460  1.630   1.00 0.00 ? 9  ASP A O    8  
ATOM 1358 C CB   . ASP A 1 9  ? 0.468  -6.574  0.270   1.00 0.00 ? 9  ASP A CB   8  
ATOM 1359 C CG   . ASP A 1 9  ? -0.947 -7.117  0.334   1.00 0.00 ? 9  ASP A CG   8  
ATOM 1360 O OD1  . ASP A 1 9  ? -1.201 -8.016  1.163   1.00 0.00 ? 9  ASP A OD1  8  
ATOM 1361 O OD2  . ASP A 1 9  ? -1.801 -6.643  -0.444  1.00 0.00 ? 9  ASP A OD2  8  
ATOM 1362 H H    . ASP A 1 9  ? 1.125  -4.393  1.391   1.00 0.00 ? 9  ASP A H    8  
ATOM 1363 H HA   . ASP A 1 9  ? 0.480  -6.967  2.373   1.00 0.00 ? 9  ASP A HA   8  
ATOM 1364 H HB2  . ASP A 1 9  ? 0.434  -5.587  -0.165  1.00 0.00 ? 9  ASP A HB2  8  
ATOM 1365 H HB3  . ASP A 1 9  ? 1.053  -7.222  -0.367  1.00 0.00 ? 9  ASP A HB3  8  
ATOM 1366 N N    . LEU A 1 10 ? 3.560  -6.470  1.623   1.00 0.00 ? 10 LEU A N    8  
ATOM 1367 C CA   . LEU A 1 10 ? 4.898  -7.057  1.606   1.00 0.00 ? 10 LEU A CA   8  
ATOM 1368 C C    . LEU A 1 10 ? 5.164  -7.763  0.282   1.00 0.00 ? 10 LEU A C    8  
ATOM 1369 O O    . LEU A 1 10 ? 5.769  -8.836  0.248   1.00 0.00 ? 10 LEU A O    8  
ATOM 1370 C CB   . LEU A 1 10 ? 5.066  -8.040  2.768   1.00 0.00 ? 10 LEU A CB   8  
ATOM 1371 C CG   . LEU A 1 10 ? 4.606  -7.516  4.132   1.00 0.00 ? 10 LEU A CG   8  
ATOM 1372 C CD1  . LEU A 1 10 ? 3.718  -8.538  4.827   1.00 0.00 ? 10 LEU A CD1  8  
ATOM 1373 C CD2  . LEU A 1 10 ? 5.804  -7.170  5.003   1.00 0.00 ? 10 LEU A CD2  8  
ATOM 1374 H H    . LEU A 1 10 ? 3.468  -5.497  1.626   1.00 0.00 ? 10 LEU A H    8  
ATOM 1375 H HA   . LEU A 1 10 ? 5.610  -6.253  1.720   1.00 0.00 ? 10 LEU A HA   8  
ATOM 1376 H HB2  . LEU A 1 10 ? 4.504  -8.934  2.538   1.00 0.00 ? 10 LEU A HB2  8  
ATOM 1377 H HB3  . LEU A 1 10 ? 6.110  -8.302  2.840   1.00 0.00 ? 10 LEU A HB3  8  
ATOM 1378 H HG   . LEU A 1 10 ? 4.025  -6.616  3.987   1.00 0.00 ? 10 LEU A HG   8  
ATOM 1379 H HD11 . LEU A 1 10 ? 3.448  -8.172  5.806   1.00 0.00 ? 10 LEU A HD11 8  
ATOM 1380 H HD12 . LEU A 1 10 ? 4.251  -9.471  4.925   1.00 0.00 ? 10 LEU A HD12 8  
ATOM 1381 H HD13 . LEU A 1 10 ? 2.824  -8.694  4.241   1.00 0.00 ? 10 LEU A HD13 8  
ATOM 1382 H HD21 . LEU A 1 10 ? 6.173  -8.065  5.480   1.00 0.00 ? 10 LEU A HD21 8  
ATOM 1383 H HD22 . LEU A 1 10 ? 5.507  -6.457  5.757   1.00 0.00 ? 10 LEU A HD22 8  
ATOM 1384 H HD23 . LEU A 1 10 ? 6.584  -6.742  4.391   1.00 0.00 ? 10 LEU A HD23 8  
ATOM 1385 N N    . GLY A 1 11 ? 4.708  -7.156  -0.810  1.00 0.00 ? 11 GLY A N    8  
ATOM 1386 C CA   . GLY A 1 11 ? 4.907  -7.740  -2.122  1.00 0.00 ? 11 GLY A CA   8  
ATOM 1387 C C    . GLY A 1 11 ? 4.901  -6.702  -3.227  1.00 0.00 ? 11 GLY A C    8  
ATOM 1388 O O    . GLY A 1 11 ? 4.682  -7.081  -4.396  1.00 0.00 ? 11 GLY A O    8  
ATOM 1389 O OXT  . GLY A 1 11 ? 5.116  -5.511  -2.922  1.00 0.00 ? 11 GLY A OXT  8  
ATOM 1390 H H    . GLY A 1 11 ? 4.233  -6.303  -0.722  1.00 0.00 ? 11 GLY A H    8  
ATOM 1391 H HA2  . GLY A 1 11 ? 5.855  -8.257  -2.133  1.00 0.00 ? 11 GLY A HA2  8  
ATOM 1392 H HA3  . GLY A 1 11 ? 4.118  -8.455  -2.310  1.00 0.00 ? 11 GLY A HA3  8  
ATOM 1393 N N    . GLU A 1 1  ? -6.241 7.451   -7.059  1.00 0.00 ? 1  GLU A N    9  
ATOM 1394 C CA   . GLU A 1 1  ? -4.800 7.352   -6.704  1.00 0.00 ? 1  GLU A CA   9  
ATOM 1395 C C    . GLU A 1 1  ? -4.555 7.806   -5.269  1.00 0.00 ? 1  GLU A C    9  
ATOM 1396 O O    . GLU A 1 1  ? -4.162 8.947   -5.026  1.00 0.00 ? 1  GLU A O    9  
ATOM 1397 C CB   . GLU A 1 1  ? -3.997 8.213   -7.682  1.00 0.00 ? 1  GLU A CB   9  
ATOM 1398 C CG   . GLU A 1 1  ? -3.029 7.418   -8.540  1.00 0.00 ? 1  GLU A CG   9  
ATOM 1399 C CD   . GLU A 1 1  ? -3.731 6.579   -9.590  1.00 0.00 ? 1  GLU A CD   9  
ATOM 1400 O OE1  . GLU A 1 1  ? -4.565 7.136   -10.334 1.00 0.00 ? 1  GLU A OE1  9  
ATOM 1401 O OE2  . GLU A 1 1  ? -3.446 5.366   -9.668  1.00 0.00 ? 1  GLU A OE2  9  
ATOM 1402 H H1   . GLU A 1 1  ? -6.383 6.936   -7.951  1.00 0.00 ? 1  GLU A H1   9  
ATOM 1403 H H2   . GLU A 1 1  ? -6.471 8.458   -7.165  1.00 0.00 ? 1  GLU A H2   9  
ATOM 1404 H H3   . GLU A 1 1  ? -6.788 7.019   -6.287  1.00 0.00 ? 1  GLU A H3   9  
ATOM 1405 H HA   . GLU A 1 1  ? -4.492 6.321   -6.803  1.00 0.00 ? 1  GLU A HA   9  
ATOM 1406 H HB2  . GLU A 1 1  ? -4.685 8.727   -8.337  1.00 0.00 ? 1  GLU A HB2  9  
ATOM 1407 H HB3  . GLU A 1 1  ? -3.433 8.945   -7.122  1.00 0.00 ? 1  GLU A HB3  9  
ATOM 1408 H HG2  . GLU A 1 1  ? -2.361 8.103   -9.039  1.00 0.00 ? 1  GLU A HG2  9  
ATOM 1409 H HG3  . GLU A 1 1  ? -2.455 6.761   -7.900  1.00 0.00 ? 1  GLU A HG3  9  
ATOM 1410 N N    . GLU A 1 2  ? -4.791 6.906   -4.319  1.00 0.00 ? 2  GLU A N    9  
ATOM 1411 C CA   . GLU A 1 2  ? -4.595 7.215   -2.906  1.00 0.00 ? 2  GLU A CA   9  
ATOM 1412 C C    . GLU A 1 2  ? -4.893 5.998   -2.037  1.00 0.00 ? 2  GLU A C    9  
ATOM 1413 O O    . GLU A 1 2  ? -6.000 5.847   -1.522  1.00 0.00 ? 2  GLU A O    9  
ATOM 1414 C CB   . GLU A 1 2  ? -5.490 8.384   -2.491  1.00 0.00 ? 2  GLU A CB   9  
ATOM 1415 C CG   . GLU A 1 2  ? -4.844 9.313   -1.476  1.00 0.00 ? 2  GLU A CG   9  
ATOM 1416 C CD   . GLU A 1 2  ? -5.680 10.549  -1.204  1.00 0.00 ? 2  GLU A CD   9  
ATOM 1417 O OE1  . GLU A 1 2  ? -6.696 10.431  -0.484  1.00 0.00 ? 2  GLU A OE1  9  
ATOM 1418 O OE2  . GLU A 1 2  ? -5.321 11.633  -1.707  1.00 0.00 ? 2  GLU A OE2  9  
ATOM 1419 H H    . GLU A 1 2  ? -5.102 6.013   -4.573  1.00 0.00 ? 2  GLU A H    9  
ATOM 1420 H HA   . GLU A 1 2  ? -3.563 7.498   -2.769  1.00 0.00 ? 2  GLU A HA   9  
ATOM 1421 H HB2  . GLU A 1 2  ? -5.741 8.962   -3.368  1.00 0.00 ? 2  GLU A HB2  9  
ATOM 1422 H HB3  . GLU A 1 2  ? -6.399 7.990   -2.058  1.00 0.00 ? 2  GLU A HB3  9  
ATOM 1423 H HG2  . GLU A 1 2  ? -4.711 8.777   -0.549  1.00 0.00 ? 2  GLU A HG2  9  
ATOM 1424 H HG3  . GLU A 1 2  ? -3.881 9.623   -1.853  1.00 0.00 ? 2  GLU A HG3  9  
ATOM 1425 N N    . LEU A 1 3  ? -3.895 5.133   -1.875  1.00 0.00 ? 3  LEU A N    9  
ATOM 1426 C CA   . LEU A 1 3  ? -4.052 3.932   -1.065  1.00 0.00 ? 3  LEU A CA   9  
ATOM 1427 C C    . LEU A 1 3  ? -3.563 4.171   0.364   1.00 0.00 ? 3  LEU A C    9  
ATOM 1428 O O    . LEU A 1 3  ? -2.533 4.812   0.574   1.00 0.00 ? 3  LEU A O    9  
ATOM 1429 C CB   . LEU A 1 3  ? -3.282 2.765   -1.689  1.00 0.00 ? 3  LEU A CB   9  
ATOM 1430 C CG   . LEU A 1 3  ? -3.636 1.385   -1.135  1.00 0.00 ? 3  LEU A CG   9  
ATOM 1431 C CD1  . LEU A 1 3  ? -4.971 0.913   -1.689  1.00 0.00 ? 3  LEU A CD1  9  
ATOM 1432 C CD2  . LEU A 1 3  ? -2.538 0.384   -1.462  1.00 0.00 ? 3  LEU A CD2  9  
ATOM 1433 H H    . LEU A 1 3  ? -3.035 5.308   -2.309  1.00 0.00 ? 3  LEU A H    9  
ATOM 1434 H HA   . LEU A 1 3  ? -5.102 3.686   -1.038  1.00 0.00 ? 3  LEU A HA   9  
ATOM 1435 H HB2  . LEU A 1 3  ? -3.475 2.764   -2.752  1.00 0.00 ? 3  LEU A HB2  9  
ATOM 1436 H HB3  . LEU A 1 3  ? -2.228 2.932   -1.531  1.00 0.00 ? 3  LEU A HB3  9  
ATOM 1437 H HG   . LEU A 1 3  ? -3.724 1.446   -0.060  1.00 0.00 ? 3  LEU A HG   9  
ATOM 1438 H HD11 . LEU A 1 3  ? -5.699 1.706   -1.600  1.00 0.00 ? 3  LEU A HD11 9  
ATOM 1439 H HD12 . LEU A 1 3  ? -5.308 0.052   -1.131  1.00 0.00 ? 3  LEU A HD12 9  
ATOM 1440 H HD13 . LEU A 1 3  ? -4.856 0.647   -2.730  1.00 0.00 ? 3  LEU A HD13 9  
ATOM 1441 H HD21 . LEU A 1 3  ? -2.811 -0.172  -2.347  1.00 0.00 ? 3  LEU A HD21 9  
ATOM 1442 H HD22 . LEU A 1 3  ? -2.414 -0.297  -0.633  1.00 0.00 ? 3  LEU A HD22 9  
ATOM 1443 H HD23 . LEU A 1 3  ? -1.612 0.910   -1.636  1.00 0.00 ? 3  LEU A HD23 9  
ATOM 1444 N N    . PRO A 1 4  ? -4.296 3.657   1.369   1.00 0.00 ? 4  PRO A N    9  
ATOM 1445 C CA   . PRO A 1 4  ? -3.931 3.818   2.778   1.00 0.00 ? 4  PRO A CA   9  
ATOM 1446 C C    . PRO A 1 4  ? -2.479 3.430   3.049   1.00 0.00 ? 4  PRO A C    9  
ATOM 1447 O O    . PRO A 1 4  ? -1.868 3.904   4.007   1.00 0.00 ? 4  PRO A O    9  
ATOM 1448 C CB   . PRO A 1 4  ? -4.888 2.871   3.522   1.00 0.00 ? 4  PRO A CB   9  
ATOM 1449 C CG   . PRO A 1 4  ? -5.550 2.050   2.464   1.00 0.00 ? 4  PRO A CG   9  
ATOM 1450 C CD   . PRO A 1 4  ? -5.533 2.881   1.216   1.00 0.00 ? 4  PRO A CD   9  
ATOM 1451 H HA   . PRO A 1 4  ? -4.094 4.830   3.113   1.00 0.00 ? 4  PRO A HA   9  
ATOM 1452 H HB2  . PRO A 1 4  ? -4.325 2.251   4.204   1.00 0.00 ? 4  PRO A HB2  9  
ATOM 1453 H HB3  . PRO A 1 4  ? -5.611 3.454   4.075   1.00 0.00 ? 4  PRO A HB3  9  
ATOM 1454 H HG2  . PRO A 1 4  ? -5.000 1.135   2.311   1.00 0.00 ? 4  PRO A HG2  9  
ATOM 1455 H HG3  . PRO A 1 4  ? -6.568 1.830   2.754   1.00 0.00 ? 4  PRO A HG3  9  
ATOM 1456 H HD2  . PRO A 1 4  ? -5.493 2.253   0.340   1.00 0.00 ? 4  PRO A HD2  9  
ATOM 1457 H HD3  . PRO A 1 4  ? -6.394 3.531   1.181   1.00 0.00 ? 4  PRO A HD3  9  
ATOM 1458 N N    . TRP A 1 5  ? -1.932 2.566   2.200   1.00 0.00 ? 5  TRP A N    9  
ATOM 1459 C CA   . TRP A 1 5  ? -0.551 2.117   2.350   1.00 0.00 ? 5  TRP A CA   9  
ATOM 1460 C C    . TRP A 1 5  ? 0.137  2.012   0.992   1.00 0.00 ? 5  TRP A C    9  
ATOM 1461 O O    . TRP A 1 5  ? -0.511 2.081   -0.051  1.00 0.00 ? 5  TRP A O    9  
ATOM 1462 C CB   . TRP A 1 5  ? -0.508 0.765   3.061   1.00 0.00 ? 5  TRP A CB   9  
ATOM 1463 C CG   . TRP A 1 5  ? -1.218 -0.322  2.313   1.00 0.00 ? 5  TRP A CG   9  
ATOM 1464 C CD1  . TRP A 1 5  ? -0.736 -1.040  1.264   1.00 0.00 ? 5  TRP A CD1  9  
ATOM 1465 C CD2  . TRP A 1 5  ? -2.539 -0.805  2.557   1.00 0.00 ? 5  TRP A CD2  9  
ATOM 1466 N NE1  . TRP A 1 5  ? -1.677 -1.947  0.836   1.00 0.00 ? 5  TRP A NE1  9  
ATOM 1467 C CE2  . TRP A 1 5  ? -2.796 -1.821  1.619   1.00 0.00 ? 5  TRP A CE2  9  
ATOM 1468 C CE3  . TRP A 1 5  ? -3.526 -0.474  3.479   1.00 0.00 ? 5  TRP A CE3  9  
ATOM 1469 C CZ2  . TRP A 1 5  ? -4.005 -2.510  1.581   1.00 0.00 ? 5  TRP A CZ2  9  
ATOM 1470 C CZ3  . TRP A 1 5  ? -4.728 -1.157  3.445   1.00 0.00 ? 5  TRP A CZ3  9  
ATOM 1471 C CH2  . TRP A 1 5  ? -4.958 -2.165  2.498   1.00 0.00 ? 5  TRP A CH2  9  
ATOM 1472 H H    . TRP A 1 5  ? -2.467 2.222   1.455   1.00 0.00 ? 5  TRP A H    9  
ATOM 1473 H HA   . TRP A 1 5  ? -0.029 2.847   2.950   1.00 0.00 ? 5  TRP A HA   9  
ATOM 1474 H HB2  . TRP A 1 5  ? 0.521  0.465   3.188   1.00 0.00 ? 5  TRP A HB2  9  
ATOM 1475 H HB3  . TRP A 1 5  ? -0.972 0.860   4.032   1.00 0.00 ? 5  TRP A HB3  9  
ATOM 1476 H HD1  . TRP A 1 5  ? 0.243  -0.906  0.841   1.00 0.00 ? 5  TRP A HD1  9  
ATOM 1477 H HE1  . TRP A 1 5  ? -1.566 -2.579  0.097   1.00 0.00 ? 5  TRP A HE1  9  
ATOM 1478 H HE3  . TRP A 1 5  ? -3.361 0.298   4.210   1.00 0.00 ? 5  TRP A HE3  9  
ATOM 1479 H HZ2  . TRP A 1 5  ? -4.196 -3.289  0.857   1.00 0.00 ? 5  TRP A HZ2  9  
ATOM 1480 H HZ3  . TRP A 1 5  ? -5.506 -0.914  4.153   1.00 0.00 ? 5  TRP A HZ3  9  
ATOM 1481 H HH2  . TRP A 1 5  ? -5.913 -2.672  2.505   1.00 0.00 ? 5  TRP A HH2  9  
ATOM 1482 N N    . ASP A 1 6  ? 1.455  1.842   1.015   1.00 0.00 ? 6  ASP A N    9  
ATOM 1483 C CA   . ASP A 1 6  ? 2.232  1.725   -0.216  1.00 0.00 ? 6  ASP A CA   9  
ATOM 1484 C C    . ASP A 1 6  ? 3.271  0.610   -0.110  1.00 0.00 ? 6  ASP A C    9  
ATOM 1485 O O    . ASP A 1 6  ? 4.182  0.522   -0.933  1.00 0.00 ? 6  ASP A O    9  
ATOM 1486 C CB   . ASP A 1 6  ? 2.923  3.053   -0.533  1.00 0.00 ? 6  ASP A CB   9  
ATOM 1487 C CG   . ASP A 1 6  ? 3.818  3.523   0.596   1.00 0.00 ? 6  ASP A CG   9  
ATOM 1488 O OD1  . ASP A 1 6  ? 4.206  2.683   1.436   1.00 0.00 ? 6  ASP A OD1  9  
ATOM 1489 O OD2  . ASP A 1 6  ? 4.129  4.731   0.642   1.00 0.00 ? 6  ASP A OD2  9  
ATOM 1490 H H    . ASP A 1 6  ? 1.917  1.793   1.879   1.00 0.00 ? 6  ASP A H    9  
ATOM 1491 H HA   . ASP A 1 6  ? 1.548  1.487   -1.015  1.00 0.00 ? 6  ASP A HA   9  
ATOM 1492 H HB2  . ASP A 1 6  ? 3.527  2.933   -1.419  1.00 0.00 ? 6  ASP A HB2  9  
ATOM 1493 H HB3  . ASP A 1 6  ? 2.171  3.808   -0.713  1.00 0.00 ? 6  ASP A HB3  9  
ATOM 1494 N N    . GLU A 1 7  ? 3.134  -0.239  0.906   1.00 0.00 ? 7  GLU A N    9  
ATOM 1495 C CA   . GLU A 1 7  ? 4.063  -1.345  1.113   1.00 0.00 ? 7  GLU A CA   9  
ATOM 1496 C C    . GLU A 1 7  ? 3.704  -2.128  2.374   1.00 0.00 ? 7  GLU A C    9  
ATOM 1497 O O    . GLU A 1 7  ? 4.583  -2.549  3.126   1.00 0.00 ? 7  GLU A O    9  
ATOM 1498 C CB   . GLU A 1 7  ? 5.501  -0.825  1.211   1.00 0.00 ? 7  GLU A CB   9  
ATOM 1499 C CG   . GLU A 1 7  ? 6.486  -1.591  0.341   1.00 0.00 ? 7  GLU A CG   9  
ATOM 1500 C CD   . GLU A 1 7  ? 7.893  -1.576  0.904   1.00 0.00 ? 7  GLU A CD   9  
ATOM 1501 O OE1  . GLU A 1 7  ? 8.262  -0.579  1.560   1.00 0.00 ? 7  GLU A OE1  9  
ATOM 1502 O OE2  . GLU A 1 7  ? 8.629  -2.563  0.690   1.00 0.00 ? 7  GLU A OE2  9  
ATOM 1503 H H    . GLU A 1 7  ? 2.390  -0.121  1.531   1.00 0.00 ? 7  GLU A H    9  
ATOM 1504 H HA   . GLU A 1 7  ? 3.987  -2.004  0.261   1.00 0.00 ? 7  GLU A HA   9  
ATOM 1505 H HB2  . GLU A 1 7  ? 5.517  0.211   0.908   1.00 0.00 ? 7  GLU A HB2  9  
ATOM 1506 H HB3  . GLU A 1 7  ? 5.829  -0.895  2.237   1.00 0.00 ? 7  GLU A HB3  9  
ATOM 1507 H HG2  . GLU A 1 7  ? 6.156  -2.616  0.264   1.00 0.00 ? 7  GLU A HG2  9  
ATOM 1508 H HG3  . GLU A 1 7  ? 6.502  -1.143  -0.641  1.00 0.00 ? 7  GLU A HG3  9  
ATOM 1509 N N    . LEU A 1 8  ? 2.408  -2.314  2.599   1.00 0.00 ? 8  LEU A N    9  
ATOM 1510 C CA   . LEU A 1 8  ? 1.932  -3.044  3.769   1.00 0.00 ? 8  LEU A CA   9  
ATOM 1511 C C    . LEU A 1 8  ? 1.586  -4.487  3.414   1.00 0.00 ? 8  LEU A C    9  
ATOM 1512 O O    . LEU A 1 8  ? 1.618  -5.370  4.270   1.00 0.00 ? 8  LEU A O    9  
ATOM 1513 C CB   . LEU A 1 8  ? 0.708  -2.347  4.366   1.00 0.00 ? 8  LEU A CB   9  
ATOM 1514 C CG   . LEU A 1 8  ? 0.424  -2.683  5.831   1.00 0.00 ? 8  LEU A CG   9  
ATOM 1515 C CD1  . LEU A 1 8  ? 0.001  -1.437  6.595   1.00 0.00 ? 8  LEU A CD1  9  
ATOM 1516 C CD2  . LEU A 1 8  ? -0.647 -3.760  5.933   1.00 0.00 ? 8  LEU A CD2  9  
ATOM 1517 H H    . LEU A 1 8  ? 1.756  -1.953  1.963   1.00 0.00 ? 8  LEU A H    9  
ATOM 1518 H HA   . LEU A 1 8  ? 2.726  -3.046  4.500   1.00 0.00 ? 8  LEU A HA   9  
ATOM 1519 H HB2  . LEU A 1 8  ? 0.854  -1.279  4.284   1.00 0.00 ? 8  LEU A HB2  9  
ATOM 1520 H HB3  . LEU A 1 8  ? -0.157 -2.620  3.782   1.00 0.00 ? 8  LEU A HB3  9  
ATOM 1521 H HG   . LEU A 1 8  ? 1.325  -3.066  6.288   1.00 0.00 ? 8  LEU A HG   9  
ATOM 1522 H HD11 . LEU A 1 8  ? -0.721 -1.706  7.353   1.00 0.00 ? 8  LEU A HD11 9  
ATOM 1523 H HD12 . LEU A 1 8  ? -0.440 -0.727  5.912   1.00 0.00 ? 8  LEU A HD12 9  
ATOM 1524 H HD13 . LEU A 1 8  ? 0.867  -0.995  7.066   1.00 0.00 ? 8  LEU A HD13 9  
ATOM 1525 H HD21 . LEU A 1 8  ? -0.181 -4.734  5.917   1.00 0.00 ? 8  LEU A HD21 9  
ATOM 1526 H HD22 . LEU A 1 8  ? -1.326 -3.672  5.096   1.00 0.00 ? 8  LEU A HD22 9  
ATOM 1527 H HD23 . LEU A 1 8  ? -1.196 -3.638  6.855   1.00 0.00 ? 8  LEU A HD23 9  
ATOM 1528 N N    . ASP A 1 9  ? 1.255  -4.720  2.147   1.00 0.00 ? 9  ASP A N    9  
ATOM 1529 C CA   . ASP A 1 9  ? 0.904  -6.058  1.683   1.00 0.00 ? 9  ASP A CA   9  
ATOM 1530 C C    . ASP A 1 9  ? 2.103  -6.749  1.044   1.00 0.00 ? 9  ASP A C    9  
ATOM 1531 O O    . ASP A 1 9  ? 1.952  -7.548  0.120   1.00 0.00 ? 9  ASP A O    9  
ATOM 1532 C CB   . ASP A 1 9  ? -0.251 -5.987  0.684   1.00 0.00 ? 9  ASP A CB   9  
ATOM 1533 C CG   . ASP A 1 9  ? -1.606 -6.094  1.355   1.00 0.00 ? 9  ASP A CG   9  
ATOM 1534 O OD1  . ASP A 1 9  ? -1.719 -6.841  2.349   1.00 0.00 ? 9  ASP A OD1  9  
ATOM 1535 O OD2  . ASP A 1 9  ? -2.555 -5.429  0.886   1.00 0.00 ? 9  ASP A OD2  9  
ATOM 1536 H H    . ASP A 1 9  ? 1.244  -3.976  1.509   1.00 0.00 ? 9  ASP A H    9  
ATOM 1537 H HA   . ASP A 1 9  ? 0.587  -6.634  2.541   1.00 0.00 ? 9  ASP A HA   9  
ATOM 1538 H HB2  . ASP A 1 9  ? -0.205 -5.047  0.156   1.00 0.00 ? 9  ASP A HB2  9  
ATOM 1539 H HB3  . ASP A 1 9  ? -0.156 -6.798  -0.025  1.00 0.00 ? 9  ASP A HB3  9  
ATOM 1540 N N    . LEU A 1 10 ? 3.296  -6.438  1.542   1.00 0.00 ? 10 LEU A N    9  
ATOM 1541 C CA   . LEU A 1 10 ? 4.521  -7.030  1.020   1.00 0.00 ? 10 LEU A CA   9  
ATOM 1542 C C    . LEU A 1 10 ? 5.150  -7.971  2.043   1.00 0.00 ? 10 LEU A C    9  
ATOM 1543 O O    . LEU A 1 10 ? 5.763  -8.975  1.684   1.00 0.00 ? 10 LEU A O    9  
ATOM 1544 C CB   . LEU A 1 10 ? 5.519  -5.936  0.636   1.00 0.00 ? 10 LEU A CB   9  
ATOM 1545 C CG   . LEU A 1 10 ? 6.723  -6.415  -0.176  1.00 0.00 ? 10 LEU A CG   9  
ATOM 1546 C CD1  . LEU A 1 10 ? 6.410  -6.384  -1.664  1.00 0.00 ? 10 LEU A CD1  9  
ATOM 1547 C CD2  . LEU A 1 10 ? 7.945  -5.561  0.130   1.00 0.00 ? 10 LEU A CD2  9  
ATOM 1548 H H    . LEU A 1 10 ? 3.354  -5.794  2.279   1.00 0.00 ? 10 LEU A H    9  
ATOM 1549 H HA   . LEU A 1 10 ? 4.266  -7.597  0.138   1.00 0.00 ? 10 LEU A HA   9  
ATOM 1550 H HB2  . LEU A 1 10 ? 4.995  -5.188  0.059   1.00 0.00 ? 10 LEU A HB2  9  
ATOM 1551 H HB3  . LEU A 1 10 ? 5.885  -5.476  1.542   1.00 0.00 ? 10 LEU A HB3  9  
ATOM 1552 H HG   . LEU A 1 10 ? 6.950  -7.435  0.095   1.00 0.00 ? 10 LEU A HG   9  
ATOM 1553 H HD11 . LEU A 1 10 ? 5.357  -6.571  -1.814  1.00 0.00 ? 10 LEU A HD11 9  
ATOM 1554 H HD12 . LEU A 1 10 ? 6.986  -7.145  -2.169  1.00 0.00 ? 10 LEU A HD12 9  
ATOM 1555 H HD13 . LEU A 1 10 ? 6.666  -5.414  -2.066  1.00 0.00 ? 10 LEU A HD13 9  
ATOM 1556 H HD21 . LEU A 1 10 ? 8.829  -6.181  0.124   1.00 0.00 ? 10 LEU A HD21 9  
ATOM 1557 H HD22 . LEU A 1 10 ? 7.831  -5.107  1.103   1.00 0.00 ? 10 LEU A HD22 9  
ATOM 1558 H HD23 . LEU A 1 10 ? 8.042  -4.789  -0.620  1.00 0.00 ? 10 LEU A HD23 9  
ATOM 1559 N N    . GLY A 1 11 ? 4.992  -7.638  3.320   1.00 0.00 ? 11 GLY A N    9  
ATOM 1560 C CA   . GLY A 1 11 ? 5.551  -8.464  4.376   1.00 0.00 ? 11 GLY A CA   9  
ATOM 1561 C C    . GLY A 1 11 ? 4.578  -9.519  4.861   1.00 0.00 ? 11 GLY A C    9  
ATOM 1562 O O    . GLY A 1 11 ? 3.910  -9.284  5.890   1.00 0.00 ? 11 GLY A O    9  
ATOM 1563 O OXT  . GLY A 1 11 ? 4.482  -10.582 4.212   1.00 0.00 ? 11 GLY A OXT  9  
ATOM 1564 H H    . GLY A 1 11 ? 4.494  -6.825  3.547   1.00 0.00 ? 11 GLY A H    9  
ATOM 1565 H HA2  . GLY A 1 11 ? 6.439  -8.952  4.004   1.00 0.00 ? 11 GLY A HA2  9  
ATOM 1566 H HA3  . GLY A 1 11 ? 5.820  -7.830  5.207   1.00 0.00 ? 11 GLY A HA3  9  
ATOM 1567 N N    . GLU A 1 1  ? -2.632 6.874   -7.955  1.00 0.00 ? 1  GLU A N    10 
ATOM 1568 C CA   . GLU A 1 1  ? -3.573 6.028   -7.178  1.00 0.00 ? 1  GLU A CA   10 
ATOM 1569 C C    . GLU A 1 1  ? -3.542 6.388   -5.695  1.00 0.00 ? 1  GLU A C    10 
ATOM 1570 O O    . GLU A 1 1  ? -2.539 6.894   -5.192  1.00 0.00 ? 1  GLU A O    10 
ATOM 1571 C CB   . GLU A 1 1  ? -3.189 4.559   -7.377  1.00 0.00 ? 1  GLU A CB   10 
ATOM 1572 C CG   . GLU A 1 1  ? -4.121 3.808   -8.314  1.00 0.00 ? 1  GLU A CG   10 
ATOM 1573 C CD   . GLU A 1 1  ? -3.744 3.984   -9.773  1.00 0.00 ? 1  GLU A CD   10 
ATOM 1574 O OE1  . GLU A 1 1  ? -2.622 3.587   -10.148 1.00 0.00 ? 1  GLU A OE1  10 
ATOM 1575 O OE2  . GLU A 1 1  ? -4.574 4.518   -10.539 1.00 0.00 ? 1  GLU A OE2  10 
ATOM 1576 H H1   . GLU A 1 1  ? -2.869 6.767   -8.963  1.00 0.00 ? 1  GLU A H1   10 
ATOM 1577 H H2   . GLU A 1 1  ? -1.668 6.536   -7.759  1.00 0.00 ? 1  GLU A H2   10 
ATOM 1578 H H3   . GLU A 1 1  ? -2.758 7.857   -7.645  1.00 0.00 ? 1  GLU A H3   10 
ATOM 1579 H HA   . GLU A 1 1  ? -4.572 6.188   -7.556  1.00 0.00 ? 1  GLU A HA   10 
ATOM 1580 H HB2  . GLU A 1 1  ? -2.190 4.514   -7.784  1.00 0.00 ? 1  GLU A HB2  10 
ATOM 1581 H HB3  . GLU A 1 1  ? -3.201 4.061   -6.418  1.00 0.00 ? 1  GLU A HB3  10 
ATOM 1582 H HG2  . GLU A 1 1  ? -4.083 2.757   -8.072  1.00 0.00 ? 1  GLU A HG2  10 
ATOM 1583 H HG3  . GLU A 1 1  ? -5.127 4.174   -8.170  1.00 0.00 ? 1  GLU A HG3  10 
ATOM 1584 N N    . GLU A 1 2  ? -4.645 6.124   -5.003  1.00 0.00 ? 2  GLU A N    10 
ATOM 1585 C CA   . GLU A 1 2  ? -4.744 6.419   -3.579  1.00 0.00 ? 2  GLU A CA   10 
ATOM 1586 C C    . GLU A 1 2  ? -4.930 5.141   -2.770  1.00 0.00 ? 2  GLU A C    10 
ATOM 1587 O O    . GLU A 1 2  ? -5.958 4.472   -2.873  1.00 0.00 ? 2  GLU A O    10 
ATOM 1588 C CB   . GLU A 1 2  ? -5.911 7.374   -3.317  1.00 0.00 ? 2  GLU A CB   10 
ATOM 1589 C CG   . GLU A 1 2  ? -5.867 8.025   -1.943  1.00 0.00 ? 2  GLU A CG   10 
ATOM 1590 C CD   . GLU A 1 2  ? -4.630 8.877   -1.740  1.00 0.00 ? 2  GLU A CD   10 
ATOM 1591 O OE1  . GLU A 1 2  ? -4.009 9.274   -2.749  1.00 0.00 ? 2  GLU A OE1  10 
ATOM 1592 O OE2  . GLU A 1 2  ? -4.281 9.147   -0.572  1.00 0.00 ? 2  GLU A OE2  10 
ATOM 1593 H H    . GLU A 1 2  ? -5.412 5.719   -5.462  1.00 0.00 ? 2  GLU A H    10 
ATOM 1594 H HA   . GLU A 1 2  ? -3.825 6.895   -3.274  1.00 0.00 ? 2  GLU A HA   10 
ATOM 1595 H HB2  . GLU A 1 2  ? -5.893 8.156   -4.062  1.00 0.00 ? 2  GLU A HB2  10 
ATOM 1596 H HB3  . GLU A 1 2  ? -6.836 6.827   -3.404  1.00 0.00 ? 2  GLU A HB3  10 
ATOM 1597 H HG2  . GLU A 1 2  ? -6.740 8.651   -1.828  1.00 0.00 ? 2  GLU A HG2  10 
ATOM 1598 H HG3  . GLU A 1 2  ? -5.879 7.250   -1.192  1.00 0.00 ? 2  GLU A HG3  10 
ATOM 1599 N N    . LEU A 1 3  ? -3.929 4.804   -1.963  1.00 0.00 ? 3  LEU A N    10 
ATOM 1600 C CA   . LEU A 1 3  ? -3.981 3.606   -1.136  1.00 0.00 ? 3  LEU A CA   10 
ATOM 1601 C C    . LEU A 1 3  ? -3.580 3.920   0.305   1.00 0.00 ? 3  LEU A C    10 
ATOM 1602 O O    . LEU A 1 3  ? -2.629 4.664   0.543   1.00 0.00 ? 3  LEU A O    10 
ATOM 1603 C CB   . LEU A 1 3  ? -3.061 2.526   -1.711  1.00 0.00 ? 3  LEU A CB   10 
ATOM 1604 C CG   . LEU A 1 3  ? -3.241 1.133   -1.107  1.00 0.00 ? 3  LEU A CG   10 
ATOM 1605 C CD1  . LEU A 1 3  ? -4.484 0.463   -1.672  1.00 0.00 ? 3  LEU A CD1  10 
ATOM 1606 C CD2  . LEU A 1 3  ? -2.007 0.280   -1.366  1.00 0.00 ? 3  LEU A CD2  10 
ATOM 1607 H H    . LEU A 1 3  ? -3.135 5.377   -1.924  1.00 0.00 ? 3  LEU A H    10 
ATOM 1608 H HA   . LEU A 1 3  ? -4.997 3.241   -1.145  1.00 0.00 ? 3  LEU A HA   10 
ATOM 1609 H HB2  . LEU A 1 3  ? -3.238 2.461   -2.775  1.00 0.00 ? 3  LEU A HB2  10 
ATOM 1610 H HB3  . LEU A 1 3  ? -2.038 2.833   -1.552  1.00 0.00 ? 3  LEU A HB3  10 
ATOM 1611 H HG   . LEU A 1 3  ? -3.366 1.224   -0.038  1.00 0.00 ? 3  LEU A HG   10 
ATOM 1612 H HD11 . LEU A 1 3  ? -5.182 1.218   -2.003  1.00 0.00 ? 3  LEU A HD11 10 
ATOM 1613 H HD12 . LEU A 1 3  ? -4.946 -0.143  -0.904  1.00 0.00 ? 3  LEU A HD12 10 
ATOM 1614 H HD13 . LEU A 1 3  ? -4.208 -0.165  -2.507  1.00 0.00 ? 3  LEU A HD13 10 
ATOM 1615 H HD21 . LEU A 1 3  ? -1.158 0.921   -1.547  1.00 0.00 ? 3  LEU A HD21 10 
ATOM 1616 H HD22 . LEU A 1 3  ? -2.178 -0.344  -2.232  1.00 0.00 ? 3  LEU A HD22 10 
ATOM 1617 H HD23 . LEU A 1 3  ? -1.815 -0.342  -0.506  1.00 0.00 ? 3  LEU A HD23 10 
ATOM 1618 N N    . PRO A 1 4  ? -4.301 3.353   1.291   1.00 0.00 ? 4  PRO A N    10 
ATOM 1619 C CA   . PRO A 1 4  ? -4.014 3.577   2.711   1.00 0.00 ? 4  PRO A CA   10 
ATOM 1620 C C    . PRO A 1 4  ? -2.548 3.330   3.054   1.00 0.00 ? 4  PRO A C    10 
ATOM 1621 O O    . PRO A 1 4  ? -2.022 3.892   4.015   1.00 0.00 ? 4  PRO A O    10 
ATOM 1622 C CB   . PRO A 1 4  ? -4.916 2.564   3.437   1.00 0.00 ? 4  PRO A CB   10 
ATOM 1623 C CG   . PRO A 1 4  ? -5.441 1.654   2.374   1.00 0.00 ? 4  PRO A CG   10 
ATOM 1624 C CD   . PRO A 1 4  ? -5.447 2.455   1.105   1.00 0.00 ? 4  PRO A CD   10 
ATOM 1625 H HA   . PRO A 1 4  ? -4.283 4.579   3.012   1.00 0.00 ? 4  PRO A HA   10 
ATOM 1626 H HB2  . PRO A 1 4  ? -4.332 2.019   4.165   1.00 0.00 ? 4  PRO A HB2  10 
ATOM 1627 H HB3  . PRO A 1 4  ? -5.718 3.089   3.935   1.00 0.00 ? 4  PRO A HB3  10 
ATOM 1628 H HG2  . PRO A 1 4  ? -4.793 0.797   2.271   1.00 0.00 ? 4  PRO A HG2  10 
ATOM 1629 H HG3  . PRO A 1 4  ? -6.443 1.341   2.623   1.00 0.00 ? 4  PRO A HG3  10 
ATOM 1630 H HD2  . PRO A 1 4  ? -5.303 1.813   0.250   1.00 0.00 ? 4  PRO A HD2  10 
ATOM 1631 H HD3  . PRO A 1 4  ? -6.366 3.014   1.014   1.00 0.00 ? 4  PRO A HD3  10 
ATOM 1632 N N    . TRP A 1 5  ? -1.890 2.485   2.263   1.00 0.00 ? 5  TRP A N    10 
ATOM 1633 C CA   . TRP A 1 5  ? -0.484 2.168   2.488   1.00 0.00 ? 5  TRP A CA   10 
ATOM 1634 C C    . TRP A 1 5  ? 0.282  2.128   1.170   1.00 0.00 ? 5  TRP A C    10 
ATOM 1635 O O    . TRP A 1 5  ? -0.268 2.428   0.111   1.00 0.00 ? 5  TRP A O    10 
ATOM 1636 C CB   . TRP A 1 5  ? -0.349 0.827   3.212   1.00 0.00 ? 5  TRP A CB   10 
ATOM 1637 C CG   . TRP A 1 5  ? -0.948 -0.319  2.457   1.00 0.00 ? 5  TRP A CG   10 
ATOM 1638 C CD1  . TRP A 1 5  ? -0.381 -1.008  1.428   1.00 0.00 ? 5  TRP A CD1  10 
ATOM 1639 C CD2  . TRP A 1 5  ? -2.231 -0.906  2.671   1.00 0.00 ? 5  TRP A CD2  10 
ATOM 1640 N NE1  . TRP A 1 5  ? -1.232 -1.993  0.989   1.00 0.00 ? 5  TRP A NE1  10 
ATOM 1641 C CE2  . TRP A 1 5  ? -2.379 -1.949  1.738   1.00 0.00 ? 5  TRP A CE2  10 
ATOM 1642 C CE3  . TRP A 1 5  ? -3.266 -0.650  3.564   1.00 0.00 ? 5  TRP A CE3  10 
ATOM 1643 C CZ2  . TRP A 1 5  ? -3.528 -2.735  1.677   1.00 0.00 ? 5  TRP A CZ2  10 
ATOM 1644 C CZ3  . TRP A 1 5  ? -4.408 -1.425  3.504   1.00 0.00 ? 5  TRP A CZ3  10 
ATOM 1645 C CH2  . TRP A 1 5  ? -4.530 -2.458  2.565   1.00 0.00 ? 5  TRP A CH2  10 
ATOM 1646 H H    . TRP A 1 5  ? -2.360 2.067   1.513   1.00 0.00 ? 5  TRP A H    10 
ATOM 1647 H HA   . TRP A 1 5  ? -0.066 2.946   3.111   1.00 0.00 ? 5  TRP A HA   10 
ATOM 1648 H HB2  . TRP A 1 5  ? 0.698  0.613   3.367   1.00 0.00 ? 5  TRP A HB2  10 
ATOM 1649 H HB3  . TRP A 1 5  ? -0.844 0.892   4.170   1.00 0.00 ? 5  TRP A HB3  10 
ATOM 1650 H HD1  . TRP A 1 5  ? 0.595  -0.799  1.031   1.00 0.00 ? 5  TRP A HD1  10 
ATOM 1651 H HE1  . TRP A 1 5  ? -1.051 -2.621  0.261   1.00 0.00 ? 5  TRP A HE1  10 
ATOM 1652 H HE3  . TRP A 1 5  ? -3.184 0.142   4.288   1.00 0.00 ? 5  TRP A HE3  10 
ATOM 1653 H HZ2  . TRP A 1 5  ? -3.637 -3.533  0.959   1.00 0.00 ? 5  TRP A HZ2  10 
ATOM 1654 H HZ3  . TRP A 1 5  ? -5.220 -1.237  4.188   1.00 0.00 ? 5  TRP A HZ3  10 
ATOM 1655 H HH2  . TRP A 1 5  ? -5.441 -3.040  2.554   1.00 0.00 ? 5  TRP A HH2  10 
ATOM 1656 N N    . ASP A 1 6  ? 1.556  1.758   1.244   1.00 0.00 ? 6  ASP A N    10 
ATOM 1657 C CA   . ASP A 1 6  ? 2.402  1.679   0.058   1.00 0.00 ? 6  ASP A CA   10 
ATOM 1658 C C    . ASP A 1 6  ? 2.996  0.283   -0.097  1.00 0.00 ? 6  ASP A C    10 
ATOM 1659 O O    . ASP A 1 6  ? 2.899  -0.328  -1.164  1.00 0.00 ? 6  ASP A O    10 
ATOM 1660 C CB   . ASP A 1 6  ? 3.523  2.717   0.135   1.00 0.00 ? 6  ASP A CB   10 
ATOM 1661 C CG   . ASP A 1 6  ? 3.870  3.299   -1.222  1.00 0.00 ? 6  ASP A CG   10 
ATOM 1662 O OD1  . ASP A 1 6  ? 2.938  3.683   -1.960  1.00 0.00 ? 6  ASP A OD1  10 
ATOM 1663 O OD2  . ASP A 1 6  ? 5.074  3.368   -1.548  1.00 0.00 ? 6  ASP A OD2  10 
ATOM 1664 H H    . ASP A 1 6  ? 1.939  1.533   2.118   1.00 0.00 ? 6  ASP A H    10 
ATOM 1665 H HA   . ASP A 1 6  ? 1.785  1.894   -0.803  1.00 0.00 ? 6  ASP A HA   10 
ATOM 1666 H HB2  . ASP A 1 6  ? 3.213  3.526   0.781   1.00 0.00 ? 6  ASP A HB2  10 
ATOM 1667 H HB3  . ASP A 1 6  ? 4.408  2.252   0.545   1.00 0.00 ? 6  ASP A HB3  10 
ATOM 1668 N N    . GLU A 1 7  ? 3.607  -0.217  0.970   1.00 0.00 ? 7  GLU A N    10 
ATOM 1669 C CA   . GLU A 1 7  ? 4.216  -1.543  0.950   1.00 0.00 ? 7  GLU A CA   10 
ATOM 1670 C C    . GLU A 1 7  ? 3.810  -2.350  2.179   1.00 0.00 ? 7  GLU A C    10 
ATOM 1671 O O    . GLU A 1 7  ? 4.572  -3.186  2.661   1.00 0.00 ? 7  GLU A O    10 
ATOM 1672 C CB   . GLU A 1 7  ? 5.739  -1.427  0.883   1.00 0.00 ? 7  GLU A CB   10 
ATOM 1673 C CG   . GLU A 1 7  ? 6.282  -1.354  -0.535  1.00 0.00 ? 7  GLU A CG   10 
ATOM 1674 C CD   . GLU A 1 7  ? 6.602  0.065   -0.965  1.00 0.00 ? 7  GLU A CD   10 
ATOM 1675 O OE1  . GLU A 1 7  ? 6.066  1.008   -0.346  1.00 0.00 ? 7  GLU A OE1  10 
ATOM 1676 O OE2  . GLU A 1 7  ? 7.388  0.233   -1.920  1.00 0.00 ? 7  GLU A OE2  10 
ATOM 1677 H H    . GLU A 1 7  ? 3.651  0.317   1.790   1.00 0.00 ? 7  GLU A H    10 
ATOM 1678 H HA   . GLU A 1 7  ? 3.864  -2.055  0.066   1.00 0.00 ? 7  GLU A HA   10 
ATOM 1679 H HB2  . GLU A 1 7  ? 6.045  -0.534  1.409   1.00 0.00 ? 7  GLU A HB2  10 
ATOM 1680 H HB3  . GLU A 1 7  ? 6.177  -2.286  1.369   1.00 0.00 ? 7  GLU A HB3  10 
ATOM 1681 H HG2  . GLU A 1 7  ? 7.186  -1.942  -0.591  1.00 0.00 ? 7  GLU A HG2  10 
ATOM 1682 H HG3  . GLU A 1 7  ? 5.545  -1.762  -1.211  1.00 0.00 ? 7  GLU A HG3  10 
ATOM 1683 N N    . LEU A 1 8  ? 2.608  -2.091  2.682   1.00 0.00 ? 8  LEU A N    10 
ATOM 1684 C CA   . LEU A 1 8  ? 2.103  -2.795  3.855   1.00 0.00 ? 8  LEU A CA   10 
ATOM 1685 C C    . LEU A 1 8  ? 1.683  -4.218  3.497   1.00 0.00 ? 8  LEU A C    10 
ATOM 1686 O O    . LEU A 1 8  ? 1.795  -5.133  4.312   1.00 0.00 ? 8  LEU A O    10 
ATOM 1687 C CB   . LEU A 1 8  ? 0.918  -2.039  4.460   1.00 0.00 ? 8  LEU A CB   10 
ATOM 1688 C CG   . LEU A 1 8  ? 0.536  -2.465  5.879   1.00 0.00 ? 8  LEU A CG   10 
ATOM 1689 C CD1  . LEU A 1 8  ? -0.028 -1.285  6.655   1.00 0.00 ? 8  LEU A CD1  10 
ATOM 1690 C CD2  . LEU A 1 8  ? -0.468 -3.608  5.838   1.00 0.00 ? 8  LEU A CD2  10 
ATOM 1691 H H    . LEU A 1 8  ? 2.045  -1.412  2.253   1.00 0.00 ? 8  LEU A H    10 
ATOM 1692 H HA   . LEU A 1 8  ? 2.900  -2.840  4.581   1.00 0.00 ? 8  LEU A HA   10 
ATOM 1693 H HB2  . LEU A 1 8  ? 1.162  -0.985  4.476   1.00 0.00 ? 8  LEU A HB2  10 
ATOM 1694 H HB3  . LEU A 1 8  ? 0.061  -2.183  3.820   1.00 0.00 ? 8  LEU A HB3  10 
ATOM 1695 H HG   . LEU A 1 8  ? 1.419  -2.812  6.394   1.00 0.00 ? 8  LEU A HG   10 
ATOM 1696 H HD11 . LEU A 1 8  ? -0.723 -1.644  7.400   1.00 0.00 ? 8  LEU A HD11 10 
ATOM 1697 H HD12 . LEU A 1 8  ? -0.542 -0.620  5.977   1.00 0.00 ? 8  LEU A HD12 10 
ATOM 1698 H HD13 . LEU A 1 8  ? 0.778  -0.755  7.138   1.00 0.00 ? 8  LEU A HD13 10 
ATOM 1699 H HD21 . LEU A 1 8  ? -1.467 -3.216  5.964   1.00 0.00 ? 8  LEU A HD21 10 
ATOM 1700 H HD22 . LEU A 1 8  ? -0.252 -4.304  6.635   1.00 0.00 ? 8  LEU A HD22 10 
ATOM 1701 H HD23 . LEU A 1 8  ? -0.398 -4.117  4.887   1.00 0.00 ? 8  LEU A HD23 10 
ATOM 1702 N N    . ASP A 1 9  ? 1.200  -4.396  2.271   1.00 0.00 ? 9  ASP A N    10 
ATOM 1703 C CA   . ASP A 1 9  ? 0.765  -5.707  1.806   1.00 0.00 ? 9  ASP A CA   10 
ATOM 1704 C C    . ASP A 1 9  ? 0.982  -5.848  0.300   1.00 0.00 ? 9  ASP A C    10 
ATOM 1705 O O    . ASP A 1 9  ? 0.231  -6.543  -0.382  1.00 0.00 ? 9  ASP A O    10 
ATOM 1706 C CB   . ASP A 1 9  ? -0.712 -5.927  2.145   1.00 0.00 ? 9  ASP A CB   10 
ATOM 1707 C CG   . ASP A 1 9  ? -0.923 -7.109  3.070   1.00 0.00 ? 9  ASP A CG   10 
ATOM 1708 O OD1  . ASP A 1 9  ? -0.939 -8.255  2.576   1.00 0.00 ? 9  ASP A OD1  10 
ATOM 1709 O OD2  . ASP A 1 9  ? -1.074 -6.888  4.291   1.00 0.00 ? 9  ASP A OD2  10 
ATOM 1710 H H    . ASP A 1 9  ? 1.135  -3.628  1.666   1.00 0.00 ? 9  ASP A H    10 
ATOM 1711 H HA   . ASP A 1 9  ? 1.357  -6.453  2.314   1.00 0.00 ? 9  ASP A HA   10 
ATOM 1712 H HB2  . ASP A 1 9  ? -1.101 -5.042  2.628   1.00 0.00 ? 9  ASP A HB2  10 
ATOM 1713 H HB3  . ASP A 1 9  ? -1.265 -6.105  1.233   1.00 0.00 ? 9  ASP A HB3  10 
ATOM 1714 N N    . LEU A 1 10 ? 2.015  -5.184  -0.207  1.00 0.00 ? 10 LEU A N    10 
ATOM 1715 C CA   . LEU A 1 10 ? 2.332  -5.234  -1.630  1.00 0.00 ? 10 LEU A CA   10 
ATOM 1716 C C    . LEU A 1 10 ? 3.318  -6.359  -1.927  1.00 0.00 ? 10 LEU A C    10 
ATOM 1717 O O    . LEU A 1 10 ? 3.289  -6.955  -3.006  1.00 0.00 ? 10 LEU A O    10 
ATOM 1718 C CB   . LEU A 1 10 ? 2.910  -3.895  -2.092  1.00 0.00 ? 10 LEU A CB   10 
ATOM 1719 C CG   . LEU A 1 10 ? 2.350  -3.369  -3.416  1.00 0.00 ? 10 LEU A CG   10 
ATOM 1720 C CD1  . LEU A 1 10 ? 2.602  -4.365  -4.537  1.00 0.00 ? 10 LEU A CD1  10 
ATOM 1721 C CD2  . LEU A 1 10 ? 0.862  -3.078  -3.285  1.00 0.00 ? 10 LEU A CD2  10 
ATOM 1722 H H    . LEU A 1 10 ? 2.577  -4.646  0.388   1.00 0.00 ? 10 LEU A H    10 
ATOM 1723 H HA   . LEU A 1 10 ? 1.414  -5.424  -2.167  1.00 0.00 ? 10 LEU A HA   10 
ATOM 1724 H HB2  . LEU A 1 10 ? 2.715  -3.158  -1.326  1.00 0.00 ? 10 LEU A HB2  10 
ATOM 1725 H HB3  . LEU A 1 10 ? 3.980  -4.003  -2.199  1.00 0.00 ? 10 LEU A HB3  10 
ATOM 1726 H HG   . LEU A 1 10 ? 2.850  -2.447  -3.671  1.00 0.00 ? 10 LEU A HG   10 
ATOM 1727 H HD11 . LEU A 1 10 ? 2.299  -5.351  -4.217  1.00 0.00 ? 10 LEU A HD11 10 
ATOM 1728 H HD12 . LEU A 1 10 ? 3.654  -4.373  -4.780  1.00 0.00 ? 10 LEU A HD12 10 
ATOM 1729 H HD13 . LEU A 1 10 ? 2.032  -4.079  -5.409  1.00 0.00 ? 10 LEU A HD13 10 
ATOM 1730 H HD21 . LEU A 1 10 ? 0.569  -2.356  -4.032  1.00 0.00 ? 10 LEU A HD21 10 
ATOM 1731 H HD22 . LEU A 1 10 ? 0.658  -2.680  -2.302  1.00 0.00 ? 10 LEU A HD22 10 
ATOM 1732 H HD23 . LEU A 1 10 ? 0.303  -3.992  -3.427  1.00 0.00 ? 10 LEU A HD23 10 
ATOM 1733 N N    . GLY A 1 11 ? 4.191  -6.645  -0.968  1.00 0.00 ? 11 GLY A N    10 
ATOM 1734 C CA   . GLY A 1 11 ? 5.173  -7.697  -1.149  1.00 0.00 ? 11 GLY A CA   10 
ATOM 1735 C C    . GLY A 1 11 ? 5.602  -8.321  0.166   1.00 0.00 ? 11 GLY A C    10 
ATOM 1736 O O    . GLY A 1 11 ? 5.398  -7.684  1.220   1.00 0.00 ? 11 GLY A O    10 
ATOM 1737 O OXT  . GLY A 1 11 ? 6.145  -9.447  0.141   1.00 0.00 ? 11 GLY A OXT  10 
ATOM 1738 H H    . GLY A 1 11 ? 4.168  -6.136  -0.130  1.00 0.00 ? 11 GLY A H    10 
ATOM 1739 H HA2  . GLY A 1 11 ? 4.749  -8.467  -1.777  1.00 0.00 ? 11 GLY A HA2  10 
ATOM 1740 H HA3  . GLY A 1 11 ? 6.042  -7.284  -1.637  1.00 0.00 ? 11 GLY A HA3  10 
# 
